data_7BCS
#
_entry.id   7BCS
#
_cell.length_a   1.00
_cell.length_b   1.00
_cell.length_c   1.00
_cell.angle_alpha   90.00
_cell.angle_beta   90.00
_cell.angle_gamma   90.00
#
_symmetry.space_group_name_H-M   'P 1'
#
loop_
_entity.id
_entity.type
_entity.pdbx_description
1 polymer 'Neutral amino acid transporter B(0)'
2 non-polymer '(2~{S},4~{S})-4-(4-phenylphenyl)carbonyloxypyrrolidine-2-carboxylic acid'
#
_entity_poly.entity_id   1
_entity_poly.type   'polypeptide(L)'
_entity_poly.pdbx_seq_one_letter_code
;MVADPPRDSKGLAAAEPTANGGLALASIEDQGAAAGGYCGSRDQVRRCLRANLLVLLTVVAVVAGVALGLGVSGAGGALA
LGPERLSAFVFPGELLLRLLRMIILPLVVCSLIGGAASLDPGALGRLGAWALLFFLVTTLLASALGVGLALALQPGAASA
AINASVGAAGSAENAPSKEVLDSFLDLARNIFPSNLVSAAFRSYSTTYEERNITGTRVKVPVGQEVEGMNILGLVVFAIV
FGVALRKLGPEGELLIRFFNSFNEATMVLVSWIMWYAPVGIMFLVAGKIVEMEDVGLLFARLGKYILCCLLGHAIHGLLV
LPLIYFLFTRKNPYRFLWGIVTPLATAFGTSSSSATLPLMMKCVEENNGVAKHISRFILPIGATVNMDGAALFQCVAAVF
IAQLSQQSLDFVKIITILVTATASSVGAAGIPAGGVLTLAIILEAVNLPVDHISLILAVDWLVDRSCTVLNVEGDALGAG
LLQNYVDRTESRSTEPELIQVKSELPLDPLPVPTEEGNPLLKHYRGPAGDATVASEKESVM
;
_entity_poly.pdbx_strand_id   A,B,C
#
# COMPACT_ATOMS: atom_id res chain seq x y z
N ARG A 47 11.85 -42.19 -13.57
CA ARG A 47 10.41 -42.24 -13.81
C ARG A 47 10.02 -41.24 -14.91
N CYS A 48 10.22 -41.65 -16.17
CA CYS A 48 9.99 -40.75 -17.30
C CYS A 48 8.52 -40.37 -17.44
N LEU A 49 7.62 -41.35 -17.23
CA LEU A 49 6.20 -41.12 -17.43
C LEU A 49 5.66 -40.03 -16.50
N ARG A 50 6.09 -40.05 -15.24
CA ARG A 50 5.66 -39.03 -14.27
C ARG A 50 6.50 -37.76 -14.39
N ALA A 51 7.77 -37.87 -14.78
CA ALA A 51 8.63 -36.70 -14.84
C ALA A 51 8.23 -35.77 -15.99
N ASN A 52 8.03 -36.31 -17.17
CA ASN A 52 7.72 -35.52 -18.36
C ASN A 52 6.23 -35.20 -18.50
N LEU A 53 5.41 -35.54 -17.48
CA LEU A 53 3.97 -35.32 -17.57
C LEU A 53 3.64 -33.84 -17.70
N LEU A 54 4.29 -33.01 -16.88
CA LEU A 54 4.01 -31.58 -16.90
C LEU A 54 4.39 -30.94 -18.22
N VAL A 55 5.53 -31.33 -18.77
CA VAL A 55 5.98 -30.80 -20.05
C VAL A 55 5.02 -31.17 -21.15
N LEU A 56 4.58 -32.44 -21.15
CA LEU A 56 3.55 -32.87 -22.08
C LEU A 56 2.28 -32.05 -21.90
N LEU A 57 1.92 -31.79 -20.66
CA LEU A 57 0.64 -31.15 -20.38
C LEU A 57 0.64 -29.70 -20.82
N THR A 58 1.73 -28.98 -20.60
CA THR A 58 1.76 -27.58 -21.01
C THR A 58 1.93 -27.42 -22.51
N VAL A 59 2.68 -28.31 -23.16
CA VAL A 59 2.77 -28.24 -24.62
C VAL A 59 1.41 -28.55 -25.24
N VAL A 60 0.71 -29.57 -24.72
CA VAL A 60 -0.63 -29.87 -25.17
C VAL A 60 -1.56 -28.71 -24.88
N ALA A 61 -1.35 -28.01 -23.76
CA ALA A 61 -2.19 -26.86 -23.44
C ALA A 61 -2.02 -25.75 -24.46
N VAL A 62 -0.77 -25.45 -24.83
CA VAL A 62 -0.53 -24.40 -25.83
C VAL A 62 -1.14 -24.79 -27.17
N VAL A 63 -0.91 -26.03 -27.60
CA VAL A 63 -1.40 -26.48 -28.90
C VAL A 63 -2.92 -26.48 -28.92
N ALA A 64 -3.54 -27.02 -27.87
CA ALA A 64 -4.99 -27.09 -27.82
C ALA A 64 -5.60 -25.70 -27.67
N GLY A 65 -4.92 -24.78 -27.00
CA GLY A 65 -5.41 -23.42 -26.92
C GLY A 65 -5.39 -22.74 -28.27
N VAL A 66 -4.32 -22.96 -29.04
CA VAL A 66 -4.25 -22.44 -30.40
C VAL A 66 -5.38 -23.02 -31.24
N ALA A 67 -5.59 -24.33 -31.15
CA ALA A 67 -6.64 -24.97 -31.93
C ALA A 67 -8.01 -24.47 -31.54
N LEU A 68 -8.25 -24.33 -30.23
CA LEU A 68 -9.53 -23.85 -29.73
C LEU A 68 -9.81 -22.43 -30.21
N GLY A 69 -8.80 -21.56 -30.12
CA GLY A 69 -9.01 -20.18 -30.54
C GLY A 69 -9.22 -20.05 -32.03
N LEU A 70 -8.44 -20.79 -32.83
CA LEU A 70 -8.63 -20.74 -34.26
C LEU A 70 -9.99 -21.29 -34.67
N GLY A 71 -10.40 -22.39 -34.03
CA GLY A 71 -11.72 -22.94 -34.34
C GLY A 71 -12.84 -22.02 -33.94
N VAL A 72 -12.72 -21.34 -32.80
CA VAL A 72 -13.74 -20.41 -32.37
C VAL A 72 -13.80 -19.20 -33.30
N SER A 73 -12.64 -18.68 -33.69
CA SER A 73 -12.61 -17.51 -34.58
C SER A 73 -13.15 -17.86 -35.95
N GLY A 74 -12.83 -19.06 -36.46
CA GLY A 74 -13.37 -19.48 -37.74
C GLY A 74 -14.86 -19.75 -37.69
N ALA A 75 -15.33 -20.34 -36.59
CA ALA A 75 -16.74 -20.68 -36.44
C ALA A 75 -17.62 -19.49 -36.09
N GLY A 76 -17.05 -18.29 -35.93
CA GLY A 76 -17.81 -17.08 -35.66
C GLY A 76 -17.11 -16.17 -34.66
N GLY A 77 -16.42 -16.79 -33.71
CA GLY A 77 -15.65 -16.01 -32.74
C GLY A 77 -16.54 -15.11 -31.89
N ALA A 78 -16.19 -13.82 -31.89
CA ALA A 78 -16.89 -12.83 -31.06
C ALA A 78 -18.39 -12.79 -31.36
N LEU A 79 -18.76 -12.99 -32.63
CA LEU A 79 -20.16 -12.99 -33.02
C LEU A 79 -20.94 -14.07 -32.28
N ALA A 80 -20.34 -15.25 -32.10
CA ALA A 80 -20.96 -16.32 -31.33
C ALA A 80 -20.66 -16.23 -29.84
N LEU A 81 -19.73 -15.36 -29.42
CA LEU A 81 -19.22 -15.34 -28.06
C LEU A 81 -19.82 -14.20 -27.23
N GLY A 82 -19.62 -12.97 -27.67
CA GLY A 82 -20.00 -11.79 -26.92
C GLY A 82 -18.88 -11.39 -25.97
N PRO A 83 -18.85 -10.12 -25.55
CA PRO A 83 -17.77 -9.71 -24.63
C PRO A 83 -17.83 -10.37 -23.27
N GLU A 84 -19.03 -10.68 -22.78
CA GLU A 84 -19.14 -11.31 -21.47
C GLU A 84 -18.52 -12.71 -21.48
N ARG A 85 -18.82 -13.51 -22.52
CA ARG A 85 -18.22 -14.82 -22.61
C ARG A 85 -16.76 -14.72 -22.99
N LEU A 86 -16.35 -13.65 -23.69
CA LEU A 86 -14.91 -13.43 -23.91
C LEU A 86 -14.19 -13.23 -22.59
N SER A 87 -14.78 -12.44 -21.69
CA SER A 87 -14.18 -12.22 -20.39
C SER A 87 -14.11 -13.52 -19.60
N ALA A 88 -15.19 -14.31 -19.63
CA ALA A 88 -15.16 -15.59 -18.93
C ALA A 88 -14.19 -16.58 -19.57
N PHE A 89 -13.94 -16.45 -20.87
CA PHE A 89 -13.04 -17.35 -21.58
C PHE A 89 -11.59 -17.00 -21.33
N VAL A 90 -11.28 -15.71 -21.24
CA VAL A 90 -9.94 -15.25 -20.91
C VAL A 90 -9.66 -15.35 -19.41
N PHE A 91 -10.71 -15.39 -18.58
CA PHE A 91 -10.53 -15.25 -17.13
C PHE A 91 -9.60 -16.27 -16.48
N PRO A 92 -9.57 -17.54 -16.89
CA PRO A 92 -8.53 -18.43 -16.37
C PRO A 92 -7.11 -17.94 -16.63
N GLY A 93 -6.88 -17.30 -17.77
CA GLY A 93 -5.58 -16.70 -18.03
C GLY A 93 -5.27 -15.58 -17.05
N GLU A 94 -6.25 -14.68 -16.86
CA GLU A 94 -6.10 -13.62 -15.89
C GLU A 94 -5.92 -14.17 -14.49
N LEU A 95 -6.51 -15.33 -14.21
CA LEU A 95 -6.41 -15.92 -12.89
C LEU A 95 -5.03 -16.49 -12.66
N LEU A 96 -4.46 -17.10 -13.69
CA LEU A 96 -3.10 -17.61 -13.58
C LEU A 96 -2.12 -16.47 -13.40
N LEU A 97 -2.33 -15.38 -14.14
CA LEU A 97 -1.45 -14.23 -13.99
C LEU A 97 -1.66 -13.54 -12.65
N ARG A 98 -2.85 -13.62 -12.08
CA ARG A 98 -3.07 -13.08 -10.75
C ARG A 98 -2.39 -13.96 -9.70
N LEU A 99 -2.36 -15.26 -9.92
CA LEU A 99 -1.69 -16.16 -8.99
C LEU A 99 -0.18 -15.98 -9.04
N LEU A 100 0.38 -15.84 -10.23
CA LEU A 100 1.83 -15.79 -10.36
C LEU A 100 2.41 -14.42 -10.08
N ARG A 101 1.58 -13.37 -10.08
CA ARG A 101 1.97 -12.06 -9.61
C ARG A 101 1.76 -11.88 -8.11
N MET A 102 1.07 -12.81 -7.46
CA MET A 102 0.88 -12.74 -6.02
C MET A 102 2.13 -13.12 -5.26
N ILE A 103 2.93 -14.01 -5.83
CA ILE A 103 4.03 -14.67 -5.13
C ILE A 103 5.39 -14.19 -5.58
N ILE A 104 5.48 -13.39 -6.64
CA ILE A 104 6.80 -12.93 -7.05
C ILE A 104 7.39 -12.02 -5.99
N LEU A 105 6.55 -11.26 -5.29
CA LEU A 105 7.06 -10.41 -4.22
C LEU A 105 7.65 -11.24 -3.08
N PRO A 106 6.91 -12.18 -2.46
CA PRO A 106 7.53 -13.06 -1.46
C PRO A 106 8.73 -13.81 -1.95
N LEU A 107 8.64 -14.35 -3.15
CA LEU A 107 9.67 -15.25 -3.63
C LEU A 107 10.94 -14.48 -3.94
N VAL A 108 10.81 -13.35 -4.62
CA VAL A 108 11.96 -12.53 -4.97
C VAL A 108 12.63 -12.00 -3.71
N VAL A 109 11.84 -11.38 -2.83
CA VAL A 109 12.41 -10.71 -1.66
C VAL A 109 13.10 -11.74 -0.75
N CYS A 110 12.37 -12.81 -0.41
CA CYS A 110 12.92 -13.78 0.50
C CYS A 110 14.00 -14.63 -0.12
N SER A 111 13.94 -14.86 -1.43
CA SER A 111 15.01 -15.63 -2.08
C SER A 111 16.29 -14.84 -2.13
N LEU A 112 16.20 -13.55 -2.45
CA LEU A 112 17.41 -12.75 -2.49
C LEU A 112 18.00 -12.57 -1.09
N ILE A 113 17.14 -12.44 -0.09
CA ILE A 113 17.66 -12.33 1.28
C ILE A 113 18.29 -13.65 1.72
N GLY A 114 17.73 -14.78 1.30
CA GLY A 114 18.30 -16.07 1.64
C GLY A 114 19.48 -16.49 0.80
N GLY A 115 19.71 -15.83 -0.32
CA GLY A 115 20.79 -16.18 -1.22
C GLY A 115 21.98 -15.28 -1.07
N ALA A 116 21.73 -13.99 -0.85
CA ALA A 116 22.81 -13.05 -0.65
C ALA A 116 23.59 -13.35 0.62
N ALA A 117 22.89 -13.77 1.67
CA ALA A 117 23.50 -14.07 2.97
C ALA A 117 23.85 -15.54 3.11
N SER A 118 24.20 -16.19 2.01
CA SER A 118 24.73 -17.54 2.00
C SER A 118 26.19 -17.59 1.58
N LEU A 119 26.72 -16.51 1.02
CA LEU A 119 28.13 -16.42 0.64
C LEU A 119 28.63 -15.04 1.05
N ASP A 120 29.93 -14.96 1.31
CA ASP A 120 30.49 -13.74 1.87
C ASP A 120 30.41 -12.61 0.84
N PRO A 121 30.44 -11.34 1.30
CA PRO A 121 30.26 -10.23 0.36
C PRO A 121 31.31 -10.13 -0.73
N GLY A 122 32.53 -10.62 -0.51
CA GLY A 122 33.51 -10.59 -1.58
C GLY A 122 33.12 -11.48 -2.74
N ALA A 123 32.78 -12.74 -2.45
CA ALA A 123 32.31 -13.64 -3.49
C ALA A 123 30.99 -13.16 -4.07
N LEU A 124 30.15 -12.53 -3.25
CA LEU A 124 28.89 -12.00 -3.78
C LEU A 124 29.15 -10.87 -4.76
N GLY A 125 30.11 -10.00 -4.44
CA GLY A 125 30.41 -8.91 -5.35
C GLY A 125 30.97 -9.42 -6.65
N ARG A 126 31.85 -10.41 -6.58
CA ARG A 126 32.38 -10.99 -7.82
C ARG A 126 31.27 -11.66 -8.62
N LEU A 127 30.41 -12.43 -7.96
CA LEU A 127 29.33 -13.11 -8.66
C LEU A 127 28.36 -12.10 -9.29
N GLY A 128 28.01 -11.05 -8.57
CA GLY A 128 27.13 -10.04 -9.13
C GLY A 128 27.76 -9.32 -10.31
N ALA A 129 29.06 -9.03 -10.22
CA ALA A 129 29.72 -8.34 -11.31
C ALA A 129 29.80 -9.21 -12.55
N TRP A 130 30.22 -10.47 -12.38
CA TRP A 130 30.28 -11.36 -13.55
C TRP A 130 28.89 -11.64 -14.10
N ALA A 131 27.87 -11.64 -13.25
CA ALA A 131 26.51 -11.82 -13.74
C ALA A 131 26.04 -10.63 -14.55
N LEU A 132 26.29 -9.41 -14.07
CA LEU A 132 25.90 -8.23 -14.81
C LEU A 132 26.65 -8.14 -16.13
N LEU A 133 27.93 -8.51 -16.11
CA LEU A 133 28.70 -8.54 -17.34
C LEU A 133 28.12 -9.55 -18.33
N PHE A 134 27.72 -10.71 -17.83
CA PHE A 134 27.12 -11.73 -18.68
C PHE A 134 25.81 -11.23 -19.28
N PHE A 135 24.95 -10.63 -18.45
CA PHE A 135 23.67 -10.14 -18.95
C PHE A 135 23.86 -9.05 -19.98
N LEU A 136 24.80 -8.14 -19.71
CA LEU A 136 25.10 -7.06 -20.65
C LEU A 136 25.57 -7.61 -21.97
N VAL A 137 26.49 -8.58 -21.94
CA VAL A 137 27.04 -9.14 -23.16
C VAL A 137 25.99 -9.88 -23.94
N THR A 138 25.13 -10.64 -23.26
CA THR A 138 24.10 -11.39 -23.96
C THR A 138 23.07 -10.47 -24.59
N THR A 139 22.66 -9.42 -23.87
CA THR A 139 21.73 -8.47 -24.44
C THR A 139 22.34 -7.75 -25.63
N LEU A 140 23.61 -7.39 -25.54
CA LEU A 140 24.29 -6.73 -26.65
C LEU A 140 24.40 -7.63 -27.86
N LEU A 141 24.76 -8.90 -27.64
CA LEU A 141 24.81 -9.86 -28.74
C LEU A 141 23.44 -10.04 -29.38
N ALA A 142 22.40 -10.04 -28.56
CA ALA A 142 21.05 -10.15 -29.10
C ALA A 142 20.72 -8.96 -30.00
N SER A 143 21.05 -7.75 -29.54
CA SER A 143 20.76 -6.57 -30.35
C SER A 143 21.55 -6.57 -31.64
N ALA A 144 22.82 -6.98 -31.58
CA ALA A 144 23.63 -7.05 -32.80
C ALA A 144 23.08 -8.09 -33.76
N LEU A 145 22.58 -9.20 -33.22
CA LEU A 145 21.94 -10.21 -34.05
C LEU A 145 20.68 -9.65 -34.72
N GLY A 146 19.94 -8.83 -33.98
CA GLY A 146 18.78 -8.18 -34.55
C GLY A 146 19.13 -7.27 -35.71
N VAL A 147 20.20 -6.48 -35.54
CA VAL A 147 20.67 -5.62 -36.64
C VAL A 147 21.08 -6.48 -37.84
N GLY A 148 21.84 -7.55 -37.58
CA GLY A 148 22.35 -8.36 -38.66
C GLY A 148 21.25 -9.04 -39.44
N LEU A 149 20.16 -9.41 -38.76
CA LEU A 149 19.05 -10.06 -39.45
C LEU A 149 18.21 -9.05 -40.20
N ALA A 150 17.81 -7.96 -39.52
CA ALA A 150 16.92 -6.99 -40.15
C ALA A 150 17.60 -6.27 -41.31
N LEU A 151 18.91 -6.10 -41.23
CA LEU A 151 19.65 -5.49 -42.33
C LEU A 151 19.68 -6.42 -43.55
N ALA A 152 19.76 -7.73 -43.32
CA ALA A 152 19.89 -8.67 -44.42
C ALA A 152 18.54 -9.00 -45.04
N LEU A 153 17.61 -9.49 -44.22
CA LEU A 153 16.31 -9.90 -44.74
C LEU A 153 15.52 -8.71 -45.29
N GLN A 154 15.77 -7.51 -44.77
CA GLN A 154 15.14 -6.26 -45.20
C GLN A 154 13.63 -6.35 -45.07
N PRO A 155 13.09 -6.47 -43.84
CA PRO A 155 11.64 -6.52 -43.70
C PRO A 155 10.93 -5.22 -44.07
N GLY A 156 11.66 -4.10 -44.11
CA GLY A 156 11.07 -2.83 -44.51
C GLY A 156 11.10 -2.57 -46.00
N ALA A 157 11.10 -3.63 -46.80
CA ALA A 157 10.97 -3.48 -48.23
C ALA A 157 9.57 -2.96 -48.58
N ALA A 158 9.43 -2.47 -49.80
CA ALA A 158 8.15 -1.93 -50.25
C ALA A 158 7.09 -3.03 -50.29
N SER A 159 6.06 -2.86 -49.48
CA SER A 159 5.00 -3.86 -49.36
C SER A 159 3.79 -3.19 -48.72
N ALA A 160 2.80 -4.01 -48.34
CA ALA A 160 1.60 -3.51 -47.66
C ALA A 160 1.94 -2.74 -46.41
N ALA A 161 2.99 -3.15 -45.69
CA ALA A 161 3.45 -2.47 -44.49
C ALA A 161 3.87 -1.02 -44.73
N ILE A 162 4.04 -0.59 -45.98
CA ILE A 162 4.32 0.82 -46.24
C ILE A 162 3.17 1.69 -45.77
N ASN A 163 1.92 1.21 -45.88
CA ASN A 163 0.79 2.05 -45.45
C ASN A 163 0.72 2.08 -43.93
N ALA A 164 0.41 3.26 -43.38
CA ALA A 164 0.32 3.43 -41.94
C ALA A 164 -0.82 4.36 -41.51
N SER A 165 -1.66 4.82 -42.42
CA SER A 165 -2.77 5.69 -42.02
C SER A 165 -3.75 4.95 -41.13
N VAL A 166 -4.05 3.69 -41.47
CA VAL A 166 -5.01 2.92 -40.68
C VAL A 166 -4.46 2.66 -39.29
N GLY A 167 -3.18 2.31 -39.18
CA GLY A 167 -2.57 2.04 -37.89
C GLY A 167 -2.41 3.27 -37.03
N ALA A 168 -1.80 4.31 -37.58
CA ALA A 168 -1.51 5.52 -36.80
C ALA A 168 -2.75 6.38 -36.64
N ALA A 169 -3.27 6.91 -37.75
CA ALA A 169 -4.42 7.82 -37.75
C ALA A 169 -4.17 9.05 -36.87
N GLY A 170 -2.92 9.52 -36.81
CA GLY A 170 -2.58 10.71 -36.07
C GLY A 170 -2.36 10.52 -34.59
N SER A 171 -2.72 9.37 -34.02
CA SER A 171 -2.56 9.13 -32.59
C SER A 171 -1.15 8.70 -32.20
N ALA A 172 -0.31 8.32 -33.17
CA ALA A 172 1.04 7.86 -32.85
C ALA A 172 1.89 8.98 -32.27
N GLU A 173 1.85 10.16 -32.89
CA GLU A 173 2.68 11.27 -32.42
C GLU A 173 2.29 11.71 -31.02
N ASN A 174 0.99 11.75 -30.73
CA ASN A 174 0.52 12.13 -29.41
C ASN A 174 0.92 11.05 -28.40
N ALA A 175 1.80 11.40 -27.47
CA ALA A 175 2.28 10.47 -26.46
C ALA A 175 2.94 11.28 -25.35
N PRO A 176 3.26 10.65 -24.22
CA PRO A 176 4.02 11.38 -23.19
C PRO A 176 5.38 11.86 -23.66
N SER A 177 6.04 11.10 -24.54
CA SER A 177 7.34 11.46 -25.11
C SER A 177 8.38 11.65 -24.00
N LYS A 178 8.54 10.62 -23.20
CA LYS A 178 9.44 10.69 -22.05
C LYS A 178 10.88 10.83 -22.52
N GLU A 179 11.60 11.78 -21.91
CA GLU A 179 12.99 11.98 -22.25
C GLU A 179 13.84 10.82 -21.76
N VAL A 180 15.01 10.66 -22.38
CA VAL A 180 15.91 9.58 -21.99
C VAL A 180 16.48 9.84 -20.61
N LEU A 181 16.86 11.09 -20.34
CA LEU A 181 17.38 11.45 -19.03
C LEU A 181 16.34 11.20 -17.96
N ASP A 182 15.10 11.59 -18.25
CA ASP A 182 14.04 11.39 -17.27
C ASP A 182 13.75 9.92 -17.06
N SER A 183 13.89 9.11 -18.12
CA SER A 183 13.73 7.67 -17.95
C SER A 183 14.82 7.10 -17.07
N PHE A 184 16.06 7.54 -17.27
CA PHE A 184 17.15 7.04 -16.43
C PHE A 184 17.00 7.49 -14.99
N LEU A 185 16.50 8.71 -14.80
CA LEU A 185 16.29 9.19 -13.43
C LEU A 185 15.17 8.40 -12.77
N ASP A 186 14.09 8.11 -13.49
CA ASP A 186 13.05 7.27 -12.92
C ASP A 186 13.55 5.87 -12.64
N LEU A 187 14.48 5.39 -13.45
CA LEU A 187 15.11 4.10 -13.16
C LEU A 187 15.87 4.14 -11.85
N ALA A 188 16.69 5.18 -11.66
CA ALA A 188 17.49 5.27 -10.45
C ALA A 188 16.70 5.76 -9.24
N ARG A 189 15.45 6.16 -9.43
CA ARG A 189 14.54 6.45 -8.33
C ARG A 189 13.63 5.28 -7.99
N ASN A 190 13.39 4.38 -8.95
CA ASN A 190 12.76 3.11 -8.64
C ASN A 190 13.76 2.17 -7.98
N ILE A 191 15.03 2.25 -8.37
CA ILE A 191 16.11 1.84 -7.50
C ILE A 191 16.15 2.84 -6.36
N PHE A 192 16.41 2.35 -5.16
CA PHE A 192 16.41 3.16 -3.95
C PHE A 192 15.03 3.77 -3.77
N PRO A 193 14.00 2.97 -3.52
CA PRO A 193 12.65 3.50 -3.40
C PRO A 193 12.48 4.40 -2.19
N SER A 194 11.45 5.22 -2.24
CA SER A 194 11.16 6.11 -1.13
C SER A 194 10.48 5.35 0.00
N ASN A 195 9.64 4.40 -0.35
CA ASN A 195 8.96 3.55 0.62
C ASN A 195 8.88 2.14 0.08
N LEU A 196 9.15 1.17 0.95
CA LEU A 196 9.20 -0.21 0.54
C LEU A 196 7.81 -0.76 0.27
N VAL A 197 6.86 -0.42 1.14
CA VAL A 197 5.49 -0.91 1.01
C VAL A 197 4.88 -0.40 -0.29
N SER A 198 5.02 0.90 -0.57
CA SER A 198 4.53 1.45 -1.81
C SER A 198 5.24 0.83 -2.99
N ALA A 199 6.54 0.56 -2.84
CA ALA A 199 7.30 -0.12 -3.86
C ALA A 199 6.84 -1.55 -4.09
N ALA A 200 6.06 -2.12 -3.19
CA ALA A 200 5.49 -3.44 -3.44
C ALA A 200 4.34 -3.39 -4.43
N PHE A 201 3.80 -2.21 -4.73
CA PHE A 201 2.83 -2.13 -5.83
C PHE A 201 2.86 -0.82 -6.61
N ARG A 202 3.86 0.05 -6.41
CA ARG A 202 3.92 1.31 -7.13
C ARG A 202 5.34 1.61 -7.54
N SER A 203 5.44 2.36 -8.62
CA SER A 203 6.69 2.77 -9.21
C SER A 203 6.58 4.22 -9.62
N TYR A 204 7.73 4.85 -9.78
CA TYR A 204 7.82 6.28 -9.99
C TYR A 204 7.82 6.54 -11.49
N SER A 205 6.91 7.39 -11.95
CA SER A 205 6.81 7.76 -13.35
C SER A 205 6.74 9.28 -13.43
N THR A 206 7.63 9.87 -14.21
CA THR A 206 7.73 11.31 -14.34
C THR A 206 6.82 11.77 -15.47
N THR A 207 5.65 12.27 -15.12
CA THR A 207 4.79 12.91 -16.11
C THR A 207 5.33 14.30 -16.39
N TYR A 208 4.68 14.98 -17.34
CA TYR A 208 5.11 16.30 -17.80
C TYR A 208 3.93 17.26 -17.78
N GLU A 209 4.02 18.29 -16.95
CA GLU A 209 3.02 19.34 -16.88
C GLU A 209 3.50 20.53 -17.71
N GLU A 210 2.73 21.60 -17.73
CA GLU A 210 2.97 22.79 -18.54
C GLU A 210 3.11 24.02 -17.63
N ARG A 211 3.89 23.87 -16.56
CA ARG A 211 4.07 24.93 -15.57
C ARG A 211 5.14 25.93 -16.01
N ASN A 212 4.99 26.50 -17.21
CA ASN A 212 5.88 27.52 -17.73
C ASN A 212 5.06 28.59 -18.45
N ILE A 213 3.97 29.04 -17.80
CA ILE A 213 3.09 30.04 -18.38
C ILE A 213 3.75 31.41 -18.50
N THR A 214 4.88 31.64 -17.81
CA THR A 214 5.58 32.92 -17.89
C THR A 214 6.00 33.28 -19.31
N GLY A 215 6.28 32.28 -20.15
CA GLY A 215 6.61 32.53 -21.54
C GLY A 215 7.32 31.37 -22.17
N THR A 216 6.99 31.07 -23.43
CA THR A 216 7.59 29.95 -24.16
C THR A 216 7.33 28.62 -23.43
N ARG A 217 6.05 28.23 -23.44
CA ARG A 217 5.56 27.05 -22.74
C ARG A 217 6.38 25.81 -23.07
N VAL A 218 7.08 25.31 -22.05
CA VAL A 218 7.94 24.13 -22.14
C VAL A 218 7.44 23.15 -21.11
N LYS A 219 7.29 21.89 -21.50
CA LYS A 219 6.80 20.89 -20.57
C LYS A 219 7.87 20.60 -19.52
N VAL A 220 7.47 20.63 -18.25
CA VAL A 220 8.38 20.44 -17.12
C VAL A 220 8.06 19.11 -16.44
N PRO A 221 9.04 18.39 -15.89
CA PRO A 221 8.71 17.12 -15.24
C PRO A 221 8.06 17.33 -13.89
N VAL A 222 7.09 16.47 -13.58
CA VAL A 222 6.62 16.28 -12.22
C VAL A 222 6.63 14.78 -11.95
N GLY A 223 6.87 14.41 -10.70
CA GLY A 223 6.82 13.04 -10.26
C GLY A 223 5.50 12.71 -9.60
N GLN A 224 4.94 11.57 -9.97
CA GLN A 224 3.79 11.05 -9.27
C GLN A 224 3.81 9.53 -9.40
N GLU A 225 3.80 8.85 -8.25
CA GLU A 225 3.85 7.41 -8.21
C GLU A 225 2.62 6.82 -8.89
N VAL A 226 2.86 5.78 -9.69
CA VAL A 226 1.84 5.11 -10.48
C VAL A 226 1.78 3.66 -10.07
N GLU A 227 0.96 2.88 -10.76
CA GLU A 227 0.77 1.48 -10.44
C GLU A 227 1.78 0.63 -11.19
N GLY A 228 2.12 -0.50 -10.59
CA GLY A 228 3.18 -1.37 -11.07
C GLY A 228 4.21 -1.61 -10.00
N MET A 229 4.65 -2.84 -9.85
CA MET A 229 5.62 -3.17 -8.82
C MET A 229 6.97 -2.55 -9.12
N ASN A 230 7.66 -2.18 -8.05
CA ASN A 230 9.03 -1.69 -8.11
C ASN A 230 9.98 -2.82 -7.76
N ILE A 231 9.95 -3.84 -8.62
CA ILE A 231 10.68 -5.05 -8.34
C ILE A 231 12.18 -4.81 -8.37
N LEU A 232 12.64 -3.84 -9.15
CA LEU A 232 14.06 -3.52 -9.13
C LEU A 232 14.47 -2.94 -7.78
N GLY A 233 13.65 -2.05 -7.23
CA GLY A 233 13.95 -1.49 -5.94
C GLY A 233 13.90 -2.53 -4.84
N LEU A 234 12.94 -3.44 -4.92
CA LEU A 234 12.86 -4.49 -3.93
C LEU A 234 14.03 -5.45 -4.04
N VAL A 235 14.48 -5.72 -5.27
CA VAL A 235 15.63 -6.57 -5.47
C VAL A 235 16.87 -5.95 -4.83
N VAL A 236 17.09 -4.67 -5.06
CA VAL A 236 18.27 -4.01 -4.53
C VAL A 236 18.21 -3.95 -3.00
N PHE A 237 17.04 -3.58 -2.46
CA PHE A 237 16.88 -3.55 -1.01
C PHE A 237 17.10 -4.92 -0.41
N ALA A 238 16.59 -5.97 -1.05
CA ALA A 238 16.72 -7.31 -0.52
C ALA A 238 18.17 -7.79 -0.53
N ILE A 239 18.88 -7.52 -1.62
CA ILE A 239 20.30 -7.90 -1.70
C ILE A 239 21.07 -7.19 -0.61
N VAL A 240 20.83 -5.90 -0.47
CA VAL A 240 21.54 -5.10 0.52
C VAL A 240 21.21 -5.60 1.93
N PHE A 241 19.97 -6.01 2.14
CA PHE A 241 19.57 -6.55 3.42
C PHE A 241 20.31 -7.83 3.73
N GLY A 242 20.37 -8.74 2.75
CA GLY A 242 21.05 -10.00 2.97
C GLY A 242 22.53 -9.81 3.23
N VAL A 243 23.14 -8.82 2.58
CA VAL A 243 24.52 -8.50 2.87
C VAL A 243 24.64 -7.98 4.29
N ALA A 244 23.67 -7.21 4.76
CA ALA A 244 23.71 -6.73 6.14
C ALA A 244 23.60 -7.88 7.12
N LEU A 245 22.77 -8.86 6.82
CA LEU A 245 22.62 -9.99 7.74
C LEU A 245 23.87 -10.85 7.75
N ARG A 246 24.54 -10.99 6.62
CA ARG A 246 25.82 -11.70 6.63
C ARG A 246 26.87 -10.90 7.35
N LYS A 247 26.78 -9.56 7.31
CA LYS A 247 27.68 -8.73 8.09
C LYS A 247 27.47 -8.99 9.58
N LEU A 248 26.22 -9.09 10.00
CA LEU A 248 25.94 -9.62 11.33
C LEU A 248 26.21 -11.13 11.33
N GLY A 249 26.21 -11.70 12.54
CA GLY A 249 26.43 -13.11 12.76
C GLY A 249 25.25 -13.79 13.43
N PRO A 250 25.36 -14.13 14.73
CA PRO A 250 24.24 -14.83 15.39
C PRO A 250 22.94 -14.07 15.42
N GLU A 251 22.98 -12.73 15.36
CA GLU A 251 21.75 -11.96 15.38
C GLU A 251 20.88 -12.22 14.16
N GLY A 252 21.50 -12.57 13.02
CA GLY A 252 20.79 -12.75 11.78
C GLY A 252 20.36 -14.17 11.44
N GLU A 253 20.78 -15.15 12.24
CA GLU A 253 20.45 -16.54 11.92
C GLU A 253 18.95 -16.78 11.98
N LEU A 254 18.29 -16.18 12.97
CA LEU A 254 16.84 -16.26 13.07
C LEU A 254 16.17 -15.74 11.82
N LEU A 255 16.62 -14.59 11.36
CA LEU A 255 15.94 -13.90 10.29
C LEU A 255 16.19 -14.58 8.96
N ILE A 256 17.38 -15.14 8.78
CA ILE A 256 17.65 -15.96 7.60
C ILE A 256 16.79 -17.20 7.62
N ARG A 257 16.63 -17.84 8.79
CA ARG A 257 15.79 -19.01 8.88
C ARG A 257 14.34 -18.66 8.57
N PHE A 258 13.90 -17.49 9.01
CA PHE A 258 12.57 -16.99 8.70
C PHE A 258 12.39 -16.88 7.19
N PHE A 259 13.31 -16.19 6.51
CA PHE A 259 13.09 -15.91 5.11
C PHE A 259 13.23 -17.16 4.25
N ASN A 260 14.17 -18.06 4.59
CA ASN A 260 14.25 -19.32 3.87
C ASN A 260 13.00 -20.16 4.05
N SER A 261 12.44 -20.21 5.27
CA SER A 261 11.20 -20.94 5.49
C SER A 261 10.07 -20.33 4.68
N PHE A 262 10.04 -19.00 4.62
CA PHE A 262 8.97 -18.30 3.92
C PHE A 262 9.03 -18.58 2.43
N ASN A 263 10.25 -18.57 1.88
CA ASN A 263 10.42 -18.89 0.46
C ASN A 263 10.07 -20.33 0.17
N GLU A 264 10.42 -21.24 1.07
CA GLU A 264 10.07 -22.65 0.84
C GLU A 264 8.56 -22.84 0.84
N ALA A 265 7.85 -22.14 1.73
CA ALA A 265 6.40 -22.17 1.71
C ALA A 265 5.85 -21.63 0.39
N THR A 266 6.43 -20.53 -0.08
CA THR A 266 5.99 -19.98 -1.36
C THR A 266 6.28 -20.93 -2.52
N MET A 267 7.37 -21.67 -2.43
CA MET A 267 7.67 -22.68 -3.44
C MET A 267 6.64 -23.80 -3.41
N VAL A 268 6.19 -24.15 -2.22
CA VAL A 268 5.15 -25.17 -2.10
C VAL A 268 3.86 -24.67 -2.73
N LEU A 269 3.58 -23.37 -2.63
CA LEU A 269 2.45 -22.82 -3.38
C LEU A 269 2.70 -22.90 -4.87
N VAL A 270 3.95 -22.69 -5.28
CA VAL A 270 4.30 -22.68 -6.69
C VAL A 270 4.04 -24.03 -7.32
N SER A 271 4.22 -25.11 -6.56
CA SER A 271 3.94 -26.44 -7.10
C SER A 271 2.49 -26.56 -7.55
N TRP A 272 1.58 -26.05 -6.75
CA TRP A 272 0.17 -26.20 -7.04
C TRP A 272 -0.27 -25.24 -8.14
N ILE A 273 0.32 -24.04 -8.14
CA ILE A 273 0.10 -23.12 -9.25
C ILE A 273 0.61 -23.73 -10.55
N MET A 274 1.73 -24.45 -10.48
CA MET A 274 2.28 -25.10 -11.64
C MET A 274 1.35 -26.16 -12.18
N TRP A 275 0.73 -26.93 -11.27
CA TRP A 275 -0.21 -27.94 -11.72
C TRP A 275 -1.47 -27.32 -12.31
N TYR A 276 -1.84 -26.12 -11.87
CA TYR A 276 -2.97 -25.42 -12.50
C TYR A 276 -2.62 -24.82 -13.84
N ALA A 277 -1.35 -24.42 -14.02
CA ALA A 277 -0.94 -23.55 -15.13
C ALA A 277 -1.37 -23.94 -16.54
N PRO A 278 -1.40 -25.23 -16.95
CA PRO A 278 -1.78 -25.55 -18.33
C PRO A 278 -3.15 -25.07 -18.74
N VAL A 279 -4.13 -25.13 -17.82
CA VAL A 279 -5.47 -24.66 -18.14
C VAL A 279 -5.45 -23.17 -18.40
N GLY A 280 -4.75 -22.42 -17.55
CA GLY A 280 -4.63 -20.99 -17.74
C GLY A 280 -3.95 -20.64 -19.04
N ILE A 281 -2.90 -21.39 -19.39
CA ILE A 281 -2.17 -21.12 -20.63
C ILE A 281 -3.07 -21.38 -21.83
N MET A 282 -3.82 -22.49 -21.79
CA MET A 282 -4.70 -22.85 -22.89
C MET A 282 -5.75 -21.78 -23.12
N PHE A 283 -6.46 -21.40 -22.05
CA PHE A 283 -7.51 -20.40 -22.19
C PHE A 283 -6.94 -19.04 -22.55
N LEU A 284 -5.76 -18.71 -22.04
CA LEU A 284 -5.16 -17.42 -22.34
C LEU A 284 -4.76 -17.31 -23.80
N VAL A 285 -4.14 -18.36 -24.34
CA VAL A 285 -3.74 -18.36 -25.74
C VAL A 285 -4.96 -18.32 -26.64
N ALA A 286 -5.99 -19.12 -26.31
CA ALA A 286 -7.22 -19.09 -27.08
C ALA A 286 -7.86 -17.72 -27.06
N GLY A 287 -7.86 -17.07 -25.90
CA GLY A 287 -8.42 -15.75 -25.80
C GLY A 287 -7.65 -14.72 -26.60
N LYS A 288 -6.32 -14.83 -26.61
CA LYS A 288 -5.50 -13.82 -27.25
C LYS A 288 -5.37 -14.00 -28.74
N ILE A 289 -5.78 -15.16 -29.29
CA ILE A 289 -5.98 -15.28 -30.74
C ILE A 289 -7.45 -15.16 -31.13
N VAL A 290 -8.39 -15.18 -30.18
CA VAL A 290 -9.76 -14.83 -30.48
C VAL A 290 -9.96 -13.32 -30.43
N GLU A 291 -9.17 -12.62 -29.61
CA GLU A 291 -9.27 -11.18 -29.52
C GLU A 291 -8.89 -10.47 -30.81
N MET A 292 -8.12 -11.13 -31.69
CA MET A 292 -7.89 -10.62 -33.03
C MET A 292 -7.77 -11.79 -33.99
N GLU A 293 -8.32 -11.58 -35.19
CA GLU A 293 -8.27 -12.59 -36.24
C GLU A 293 -6.83 -12.81 -36.67
N ASP A 294 -6.45 -14.09 -36.82
CA ASP A 294 -5.11 -14.50 -37.19
C ASP A 294 -5.16 -15.58 -38.26
N VAL A 295 -6.05 -15.41 -39.23
CA VAL A 295 -6.07 -16.27 -40.40
C VAL A 295 -4.79 -16.13 -41.21
N GLY A 296 -4.11 -14.98 -41.12
CA GLY A 296 -2.90 -14.70 -41.87
C GLY A 296 -2.82 -13.29 -42.42
N LEU A 297 -3.80 -12.43 -42.11
CA LEU A 297 -3.78 -11.07 -42.64
C LEU A 297 -2.59 -10.28 -42.09
N LEU A 298 -2.43 -10.26 -40.77
CA LEU A 298 -1.29 -9.53 -40.19
C LEU A 298 0.00 -10.27 -40.44
N PHE A 299 -0.03 -11.61 -40.49
CA PHE A 299 1.16 -12.35 -40.89
C PHE A 299 1.52 -12.03 -42.34
N ALA A 300 0.53 -11.99 -43.23
CA ALA A 300 0.81 -11.60 -44.61
C ALA A 300 1.32 -10.17 -44.70
N ARG A 301 0.96 -9.31 -43.74
CA ARG A 301 1.43 -7.94 -43.73
C ARG A 301 2.88 -7.83 -43.26
N LEU A 302 3.23 -8.50 -42.15
CA LEU A 302 4.49 -8.33 -41.44
C LEU A 302 5.24 -9.65 -41.28
N GLY A 303 5.16 -10.51 -42.29
CA GLY A 303 5.81 -11.81 -42.20
C GLY A 303 7.30 -11.72 -42.09
N LYS A 304 7.92 -10.81 -42.84
CA LYS A 304 9.37 -10.67 -42.78
C LYS A 304 9.82 -10.18 -41.41
N TYR A 305 9.11 -9.21 -40.85
CA TYR A 305 9.49 -8.68 -39.54
C TYR A 305 9.31 -9.72 -38.44
N ILE A 306 8.16 -10.42 -38.44
CA ILE A 306 7.94 -11.43 -37.41
C ILE A 306 8.89 -12.61 -37.58
N LEU A 307 9.18 -13.00 -38.82
CA LEU A 307 10.15 -14.07 -39.03
C LEU A 307 11.53 -13.64 -38.57
N CYS A 308 11.89 -12.38 -38.81
CA CYS A 308 13.18 -11.87 -38.34
C CYS A 308 13.27 -11.93 -36.83
N CYS A 309 12.21 -11.52 -36.14
CA CYS A 309 12.23 -11.53 -34.69
C CYS A 309 12.29 -12.95 -34.13
N LEU A 310 11.45 -13.85 -34.66
CA LEU A 310 11.45 -15.22 -34.15
C LEU A 310 12.76 -15.93 -34.46
N LEU A 311 13.31 -15.69 -35.65
CA LEU A 311 14.59 -16.30 -36.00
C LEU A 311 15.71 -15.76 -35.13
N GLY A 312 15.69 -14.46 -34.84
CA GLY A 312 16.66 -13.91 -33.92
C GLY A 312 16.55 -14.50 -32.54
N HIS A 313 15.32 -14.70 -32.06
CA HIS A 313 15.12 -15.27 -30.74
C HIS A 313 15.61 -16.71 -30.70
N ALA A 314 15.30 -17.49 -31.73
CA ALA A 314 15.72 -18.89 -31.76
C ALA A 314 17.23 -19.01 -31.88
N ILE A 315 17.85 -18.16 -32.70
CA ILE A 315 19.29 -18.22 -32.86
C ILE A 315 19.99 -17.79 -31.58
N HIS A 316 19.43 -16.80 -30.89
CA HIS A 316 19.99 -16.42 -29.60
C HIS A 316 19.79 -17.53 -28.58
N GLY A 317 18.63 -18.17 -28.58
CA GLY A 317 18.29 -19.17 -27.60
C GLY A 317 18.75 -20.58 -27.89
N LEU A 318 19.21 -20.87 -29.12
CA LEU A 318 19.56 -22.21 -29.54
C LEU A 318 20.96 -22.34 -30.12
N LEU A 319 21.63 -21.22 -30.45
CA LEU A 319 23.03 -21.25 -30.89
C LEU A 319 23.93 -20.47 -29.93
N VAL A 320 23.63 -19.20 -29.66
CA VAL A 320 24.59 -18.32 -28.98
C VAL A 320 24.78 -18.75 -27.53
N LEU A 321 23.70 -18.76 -26.77
CA LEU A 321 23.79 -19.06 -25.35
C LEU A 321 24.10 -20.53 -25.08
N PRO A 322 23.54 -21.48 -25.84
CA PRO A 322 24.05 -22.86 -25.70
C PRO A 322 25.51 -23.00 -26.02
N LEU A 323 26.00 -22.25 -27.02
CA LEU A 323 27.42 -22.27 -27.33
C LEU A 323 28.24 -21.76 -26.16
N ILE A 324 27.76 -20.68 -25.53
CA ILE A 324 28.48 -20.10 -24.39
C ILE A 324 28.50 -21.10 -23.22
N TYR A 325 27.35 -21.74 -22.96
CA TYR A 325 27.26 -22.72 -21.89
C TYR A 325 28.20 -23.90 -22.14
N PHE A 326 28.20 -24.43 -23.36
CA PHE A 326 29.08 -25.55 -23.67
C PHE A 326 30.54 -25.14 -23.53
N LEU A 327 30.88 -23.94 -24.02
CA LEU A 327 32.24 -23.43 -23.93
C LEU A 327 32.71 -23.34 -22.48
N PHE A 328 31.85 -22.84 -21.59
CA PHE A 328 32.27 -22.57 -20.23
C PHE A 328 32.15 -23.79 -19.32
N THR A 329 30.94 -24.34 -19.15
CA THR A 329 30.75 -25.45 -18.23
C THR A 329 30.94 -26.83 -18.87
N ARG A 330 30.86 -26.94 -20.20
CA ARG A 330 31.12 -28.20 -20.90
C ARG A 330 30.12 -29.27 -20.48
N LYS A 331 28.83 -28.93 -20.61
CA LYS A 331 27.73 -29.79 -20.22
C LYS A 331 26.60 -29.52 -21.19
N ASN A 332 25.80 -30.56 -21.49
CA ASN A 332 24.81 -30.55 -22.58
C ASN A 332 23.82 -29.40 -22.44
N PRO A 333 23.98 -28.32 -23.22
CA PRO A 333 23.06 -27.19 -23.03
C PRO A 333 21.65 -27.49 -23.50
N TYR A 334 21.50 -28.28 -24.56
CA TYR A 334 20.16 -28.59 -25.05
C TYR A 334 19.42 -29.53 -24.10
N ARG A 335 20.15 -30.41 -23.41
CA ARG A 335 19.54 -31.18 -22.34
C ARG A 335 19.06 -30.27 -21.23
N PHE A 336 19.88 -29.28 -20.86
CA PHE A 336 19.46 -28.32 -19.85
C PHE A 336 18.23 -27.54 -20.31
N LEU A 337 18.20 -27.18 -21.59
CA LEU A 337 17.04 -26.49 -22.15
C LEU A 337 15.79 -27.35 -22.08
N TRP A 338 15.93 -28.65 -22.33
CA TRP A 338 14.77 -29.52 -22.22
C TRP A 338 14.32 -29.63 -20.78
N GLY A 339 15.24 -29.47 -19.83
CA GLY A 339 14.84 -29.51 -18.42
C GLY A 339 13.88 -28.42 -17.99
N ILE A 340 13.75 -27.35 -18.76
CA ILE A 340 13.02 -26.14 -18.35
C ILE A 340 11.92 -25.77 -19.33
N VAL A 341 11.33 -26.78 -19.99
CA VAL A 341 10.38 -26.49 -21.05
C VAL A 341 9.11 -25.86 -20.48
N THR A 342 8.71 -26.27 -19.27
CA THR A 342 7.45 -25.78 -18.73
C THR A 342 7.47 -24.28 -18.44
N PRO A 343 8.50 -23.71 -17.81
CA PRO A 343 8.56 -22.24 -17.71
C PRO A 343 8.64 -21.54 -19.05
N LEU A 344 9.32 -22.13 -20.04
CA LEU A 344 9.37 -21.50 -21.35
C LEU A 344 8.00 -21.44 -22.01
N ALA A 345 7.25 -22.53 -21.91
CA ALA A 345 5.89 -22.54 -22.43
C ALA A 345 5.00 -21.58 -21.65
N THR A 346 5.22 -21.48 -20.34
CA THR A 346 4.46 -20.52 -19.55
C THR A 346 4.79 -19.10 -19.97
N ALA A 347 6.05 -18.82 -20.29
CA ALA A 347 6.42 -17.50 -20.77
C ALA A 347 5.79 -17.21 -22.12
N PHE A 348 5.75 -18.20 -23.00
CA PHE A 348 5.12 -18.03 -24.30
C PHE A 348 3.64 -17.73 -24.15
N GLY A 349 2.97 -18.46 -23.24
CA GLY A 349 1.56 -18.18 -23.01
C GLY A 349 1.32 -16.83 -22.34
N THR A 350 2.03 -16.55 -21.25
CA THR A 350 1.76 -15.40 -20.40
C THR A 350 2.25 -14.08 -20.98
N SER A 351 3.41 -14.08 -21.62
CA SER A 351 4.06 -12.86 -22.09
C SER A 351 4.35 -11.92 -20.93
N SER A 352 4.87 -12.49 -19.84
CA SER A 352 5.41 -11.69 -18.74
C SER A 352 6.48 -12.51 -18.05
N SER A 353 7.69 -11.95 -17.94
CA SER A 353 8.74 -12.61 -17.18
C SER A 353 8.44 -12.62 -15.69
N SER A 354 7.56 -11.72 -15.23
CA SER A 354 7.08 -11.75 -13.85
C SER A 354 6.44 -13.08 -13.53
N ALA A 355 5.50 -13.49 -14.37
CA ALA A 355 4.64 -14.62 -14.03
C ALA A 355 5.40 -15.93 -14.02
N THR A 356 6.30 -16.13 -14.98
CA THR A 356 6.93 -17.43 -15.15
C THR A 356 8.06 -17.69 -14.16
N LEU A 357 8.54 -16.67 -13.45
CA LEU A 357 9.74 -16.83 -12.65
C LEU A 357 9.59 -17.80 -11.49
N PRO A 358 8.50 -17.80 -10.71
CA PRO A 358 8.38 -18.82 -9.65
C PRO A 358 8.43 -20.25 -10.16
N LEU A 359 7.70 -20.51 -11.25
CA LEU A 359 7.74 -21.83 -11.89
C LEU A 359 9.16 -22.16 -12.33
N MET A 360 9.87 -21.15 -12.84
CA MET A 360 11.24 -21.37 -13.30
C MET A 360 12.18 -21.69 -12.16
N MET A 361 12.10 -20.95 -11.06
CA MET A 361 13.03 -21.20 -9.97
C MET A 361 12.76 -22.55 -9.34
N LYS A 362 11.48 -22.93 -9.27
CA LYS A 362 11.14 -24.30 -8.86
C LYS A 362 11.77 -25.33 -9.78
N CYS A 363 11.59 -25.17 -11.10
CA CYS A 363 12.07 -26.19 -12.02
C CYS A 363 13.59 -26.27 -12.04
N VAL A 364 14.27 -25.12 -11.95
CA VAL A 364 15.72 -25.14 -12.01
C VAL A 364 16.31 -25.75 -10.74
N GLU A 365 15.79 -25.36 -9.57
CA GLU A 365 16.32 -25.96 -8.34
C GLU A 365 15.97 -27.43 -8.23
N GLU A 366 14.81 -27.84 -8.75
CA GLU A 366 14.36 -29.23 -8.60
C GLU A 366 15.00 -30.15 -9.64
N ASN A 367 14.71 -29.91 -10.93
CA ASN A 367 15.12 -30.84 -11.97
C ASN A 367 16.60 -30.75 -12.23
N ASN A 368 17.06 -29.60 -12.73
CA ASN A 368 18.47 -29.44 -13.05
C ASN A 368 19.29 -29.28 -11.79
N GLY A 369 20.54 -29.69 -11.86
CA GLY A 369 21.43 -29.66 -10.71
C GLY A 369 22.08 -28.31 -10.53
N VAL A 370 21.27 -27.26 -10.35
CA VAL A 370 21.75 -25.91 -10.12
C VAL A 370 21.66 -25.64 -8.63
N ALA A 371 22.64 -24.91 -8.11
CA ALA A 371 22.72 -24.69 -6.67
C ALA A 371 21.59 -23.78 -6.22
N LYS A 372 21.10 -24.04 -5.01
CA LYS A 372 19.94 -23.34 -4.49
C LYS A 372 20.23 -21.85 -4.29
N HIS A 373 21.34 -21.54 -3.62
CA HIS A 373 21.70 -20.15 -3.36
C HIS A 373 22.01 -19.38 -4.65
N ILE A 374 22.72 -20.02 -5.59
CA ILE A 374 23.05 -19.36 -6.84
C ILE A 374 21.78 -19.07 -7.62
N SER A 375 20.85 -20.03 -7.65
CA SER A 375 19.57 -19.85 -8.30
C SER A 375 18.81 -18.67 -7.70
N ARG A 376 18.74 -18.64 -6.36
CA ARG A 376 18.02 -17.58 -5.66
C ARG A 376 18.59 -16.21 -5.98
N PHE A 377 19.92 -16.10 -5.99
CA PHE A 377 20.52 -14.79 -6.20
C PHE A 377 20.42 -14.35 -7.64
N ILE A 378 20.58 -15.28 -8.59
CA ILE A 378 20.75 -14.88 -9.99
C ILE A 378 19.41 -14.69 -10.67
N LEU A 379 18.55 -15.71 -10.61
CA LEU A 379 17.37 -15.73 -11.48
C LEU A 379 16.42 -14.56 -11.29
N PRO A 380 16.14 -14.07 -10.08
CA PRO A 380 15.38 -12.81 -9.99
C PRO A 380 16.08 -11.64 -10.64
N ILE A 381 17.39 -11.49 -10.42
CA ILE A 381 18.13 -10.42 -11.06
C ILE A 381 18.14 -10.60 -12.56
N GLY A 382 18.12 -11.84 -13.03
CA GLY A 382 18.02 -12.06 -14.46
C GLY A 382 16.72 -11.55 -15.02
N ALA A 383 15.63 -11.70 -14.28
CA ALA A 383 14.32 -11.34 -14.80
C ALA A 383 14.17 -9.84 -14.94
N THR A 384 14.69 -9.08 -13.98
CA THR A 384 14.52 -7.63 -13.94
C THR A 384 15.58 -6.85 -14.71
N VAL A 385 16.60 -7.52 -15.26
CA VAL A 385 17.70 -6.85 -15.93
C VAL A 385 17.90 -7.45 -17.32
N ASN A 386 18.15 -8.74 -17.37
CA ASN A 386 18.33 -9.41 -18.65
C ASN A 386 16.99 -9.45 -19.37
N MET A 387 16.90 -8.72 -20.48
CA MET A 387 15.83 -8.90 -21.45
C MET A 387 16.48 -8.96 -22.83
N ASP A 388 17.00 -10.15 -23.17
CA ASP A 388 17.65 -10.34 -24.46
C ASP A 388 16.67 -10.17 -25.59
N GLY A 389 15.51 -10.80 -25.48
CA GLY A 389 14.51 -10.70 -26.52
C GLY A 389 13.96 -9.29 -26.65
N ALA A 390 13.80 -8.60 -25.53
CA ALA A 390 13.29 -7.24 -25.58
C ALA A 390 14.24 -6.33 -26.33
N ALA A 391 15.54 -6.42 -26.00
CA ALA A 391 16.53 -5.63 -26.73
C ALA A 391 16.55 -6.03 -28.20
N LEU A 392 16.41 -7.33 -28.46
CA LEU A 392 16.42 -7.84 -29.83
C LEU A 392 15.29 -7.24 -30.65
N PHE A 393 14.03 -7.46 -30.26
CA PHE A 393 12.95 -7.00 -31.11
C PHE A 393 12.78 -5.50 -31.05
N GLN A 394 13.25 -4.81 -30.00
CA GLN A 394 13.28 -3.36 -30.03
C GLN A 394 14.21 -2.87 -31.13
N CYS A 395 15.41 -3.45 -31.18
CA CYS A 395 16.36 -3.07 -32.23
C CYS A 395 15.85 -3.44 -33.60
N VAL A 396 15.21 -4.60 -33.74
CA VAL A 396 14.70 -5.03 -35.03
C VAL A 396 13.56 -4.13 -35.47
N ALA A 397 12.70 -3.72 -34.53
CA ALA A 397 11.63 -2.80 -34.87
C ALA A 397 12.17 -1.46 -35.34
N ALA A 398 13.19 -0.96 -34.64
CA ALA A 398 13.83 0.29 -35.05
C ALA A 398 14.40 0.18 -36.46
N VAL A 399 15.10 -0.93 -36.72
CA VAL A 399 15.72 -1.11 -38.03
C VAL A 399 14.65 -1.30 -39.11
N PHE A 400 13.53 -1.91 -38.78
CA PHE A 400 12.46 -2.08 -39.75
C PHE A 400 11.84 -0.74 -40.13
N ILE A 401 11.49 0.07 -39.12
CA ILE A 401 10.88 1.37 -39.42
C ILE A 401 11.87 2.29 -40.10
N ALA A 402 13.17 2.10 -39.85
CA ALA A 402 14.18 2.86 -40.59
C ALA A 402 14.33 2.35 -42.01
N GLN A 403 14.19 1.03 -42.20
CA GLN A 403 14.33 0.44 -43.53
C GLN A 403 13.23 0.94 -44.46
N LEU A 404 11.99 0.96 -43.98
CA LEU A 404 10.99 1.73 -44.71
C LEU A 404 11.32 3.20 -44.55
N SER A 405 11.12 3.96 -45.62
CA SER A 405 11.55 5.35 -45.84
C SER A 405 13.03 5.46 -46.17
N GLN A 406 13.80 4.36 -46.17
CA GLN A 406 15.17 4.31 -46.67
C GLN A 406 16.09 5.27 -45.91
N GLN A 407 16.24 4.98 -44.61
CA GLN A 407 17.21 5.69 -43.79
C GLN A 407 18.58 5.03 -43.91
N SER A 408 19.61 5.76 -43.47
CA SER A 408 20.99 5.30 -43.71
C SER A 408 21.43 4.27 -42.68
N LEU A 409 21.58 4.70 -41.42
CA LEU A 409 22.00 3.86 -40.31
C LEU A 409 23.32 3.12 -40.62
N ASP A 410 24.39 3.90 -40.78
CA ASP A 410 25.62 3.31 -41.30
C ASP A 410 26.41 2.58 -40.21
N PHE A 411 26.96 3.30 -39.24
CA PHE A 411 27.73 2.69 -38.15
C PHE A 411 27.43 3.33 -36.80
N VAL A 412 27.35 4.66 -36.78
CA VAL A 412 27.19 5.38 -35.52
C VAL A 412 25.79 5.18 -34.98
N LYS A 413 24.79 5.29 -35.84
CA LYS A 413 23.42 5.07 -35.40
C LYS A 413 23.20 3.61 -35.01
N ILE A 414 23.91 2.69 -35.66
CA ILE A 414 23.83 1.28 -35.28
C ILE A 414 24.33 1.09 -33.85
N ILE A 415 25.48 1.69 -33.54
CA ILE A 415 26.04 1.60 -32.19
C ILE A 415 25.10 2.27 -31.20
N THR A 416 24.48 3.38 -31.60
CA THR A 416 23.56 4.09 -30.72
C THR A 416 22.35 3.22 -30.38
N ILE A 417 21.78 2.57 -31.39
CA ILE A 417 20.62 1.72 -31.15
C ILE A 417 21.01 0.54 -30.28
N LEU A 418 22.21 -0.02 -30.50
CA LEU A 418 22.69 -1.11 -29.66
C LEU A 418 22.77 -0.70 -28.20
N VAL A 419 23.43 0.44 -27.92
CA VAL A 419 23.66 0.84 -26.54
C VAL A 419 22.35 1.22 -25.86
N THR A 420 21.49 1.96 -26.56
CA THR A 420 20.24 2.36 -25.93
C THR A 420 19.29 1.19 -25.77
N ALA A 421 19.35 0.19 -26.66
CA ALA A 421 18.59 -1.03 -26.44
C ALA A 421 19.11 -1.80 -25.23
N THR A 422 20.43 -1.86 -25.08
CA THR A 422 21.03 -2.56 -23.95
C THR A 422 20.64 -1.91 -22.63
N ALA A 423 20.62 -0.58 -22.59
CA ALA A 423 20.19 0.11 -21.39
C ALA A 423 18.67 0.01 -21.19
N SER A 424 17.90 0.03 -22.28
CA SER A 424 16.46 -0.06 -22.17
C SER A 424 16.00 -1.47 -21.80
N SER A 425 16.87 -2.47 -21.90
CA SER A 425 16.57 -3.78 -21.35
C SER A 425 16.15 -3.69 -19.89
N VAL A 426 16.85 -2.87 -19.12
CA VAL A 426 16.46 -2.57 -17.74
C VAL A 426 15.55 -1.35 -17.67
N GLY A 427 15.62 -0.45 -18.65
CA GLY A 427 14.72 0.69 -18.68
C GLY A 427 13.26 0.30 -18.73
N ALA A 428 12.92 -0.66 -19.60
CA ALA A 428 11.57 -1.21 -19.66
C ALA A 428 11.26 -2.17 -18.52
N ALA A 429 12.25 -2.53 -17.70
CA ALA A 429 12.06 -3.60 -16.72
C ALA A 429 11.23 -3.14 -15.53
N GLY A 430 11.48 -1.94 -15.02
CA GLY A 430 10.76 -1.46 -13.86
C GLY A 430 9.27 -1.25 -14.14
N ILE A 431 8.95 -0.80 -15.34
CA ILE A 431 7.58 -0.50 -15.75
C ILE A 431 7.01 -1.73 -16.46
N PRO A 432 5.91 -2.34 -15.97
CA PRO A 432 5.29 -3.41 -16.76
C PRO A 432 4.43 -2.93 -17.91
N ALA A 433 3.91 -1.70 -17.87
CA ALA A 433 3.03 -1.24 -18.93
C ALA A 433 3.78 -1.05 -20.24
N GLY A 434 5.05 -0.66 -20.18
CA GLY A 434 5.82 -0.41 -21.38
C GLY A 434 6.29 -1.67 -22.07
N GLY A 435 5.36 -2.40 -22.67
CA GLY A 435 5.73 -3.60 -23.40
C GLY A 435 6.62 -3.29 -24.59
N VAL A 436 6.23 -2.30 -25.39
CA VAL A 436 7.05 -1.78 -26.49
C VAL A 436 7.04 -0.24 -26.48
N LEU A 437 6.62 0.36 -25.37
CA LEU A 437 6.55 1.82 -25.30
C LEU A 437 7.93 2.45 -25.37
N THR A 438 8.96 1.72 -24.96
CA THR A 438 10.30 2.29 -24.85
C THR A 438 10.93 2.55 -26.22
N LEU A 439 10.36 2.03 -27.30
CA LEU A 439 10.91 2.32 -28.62
C LEU A 439 10.76 3.79 -28.99
N ALA A 440 9.72 4.44 -28.47
CA ALA A 440 9.51 5.86 -28.77
C ALA A 440 10.64 6.72 -28.23
N ILE A 441 11.10 6.43 -27.00
CA ILE A 441 12.17 7.26 -26.43
C ILE A 441 13.50 7.00 -27.14
N ILE A 442 13.70 5.77 -27.62
CA ILE A 442 14.87 5.47 -28.46
C ILE A 442 14.85 6.32 -29.71
N LEU A 443 13.71 6.33 -30.41
CA LEU A 443 13.60 7.10 -31.64
C LEU A 443 13.63 8.60 -31.36
N GLU A 444 13.27 9.03 -30.14
CA GLU A 444 13.48 10.41 -29.74
C GLU A 444 14.97 10.71 -29.59
N ALA A 445 15.72 9.76 -29.03
CA ALA A 445 17.15 9.94 -28.87
C ALA A 445 17.84 10.09 -30.21
N VAL A 446 17.45 9.26 -31.19
CA VAL A 446 18.13 9.20 -32.50
C VAL A 446 17.28 9.77 -33.63
N ASN A 447 16.06 10.26 -33.34
CA ASN A 447 15.31 11.13 -34.25
C ASN A 447 14.95 10.43 -35.57
N LEU A 448 14.12 9.42 -35.46
CA LEU A 448 13.56 8.64 -36.56
C LEU A 448 12.06 8.87 -36.67
N PRO A 449 11.43 8.40 -37.77
CA PRO A 449 9.97 8.53 -37.85
C PRO A 449 9.23 7.64 -36.86
N VAL A 450 8.61 8.26 -35.87
CA VAL A 450 7.73 7.59 -34.91
C VAL A 450 6.28 7.62 -35.43
N ASP A 451 6.09 8.03 -36.69
CA ASP A 451 4.74 8.28 -37.18
C ASP A 451 3.92 7.00 -37.34
N HIS A 452 4.58 5.82 -37.32
CA HIS A 452 3.92 4.53 -37.53
C HIS A 452 4.37 3.51 -36.49
N ILE A 453 4.70 3.97 -35.29
CA ILE A 453 5.00 3.07 -34.18
C ILE A 453 3.81 2.21 -33.79
N SER A 454 2.58 2.65 -34.10
CA SER A 454 1.39 1.89 -33.75
C SER A 454 1.23 0.62 -34.60
N LEU A 455 2.04 0.44 -35.64
CA LEU A 455 1.97 -0.79 -36.45
C LEU A 455 2.23 -2.02 -35.60
N ILE A 456 3.23 -1.96 -34.73
CA ILE A 456 3.63 -3.13 -33.96
C ILE A 456 2.62 -3.47 -32.87
N LEU A 457 1.83 -2.50 -32.41
CA LEU A 457 0.90 -2.75 -31.31
C LEU A 457 -0.15 -3.80 -31.69
N ALA A 458 -0.48 -3.91 -32.97
CA ALA A 458 -1.38 -4.97 -33.42
C ALA A 458 -0.74 -6.34 -33.25
N VAL A 459 0.57 -6.44 -33.43
CA VAL A 459 1.33 -7.68 -33.37
C VAL A 459 2.31 -7.68 -32.20
N ASP A 460 2.13 -6.80 -31.22
CA ASP A 460 2.98 -6.84 -30.03
C ASP A 460 2.73 -8.10 -29.22
N TRP A 461 1.49 -8.59 -29.21
CA TRP A 461 1.12 -9.76 -28.41
C TRP A 461 1.79 -11.04 -28.85
N LEU A 462 2.42 -11.08 -30.04
CA LEU A 462 3.02 -12.30 -30.57
C LEU A 462 4.50 -12.38 -30.24
N VAL A 463 5.26 -11.36 -30.67
CA VAL A 463 6.71 -11.37 -30.53
C VAL A 463 7.15 -11.23 -29.08
N ASP A 464 6.37 -10.52 -28.26
CA ASP A 464 6.68 -10.39 -26.84
C ASP A 464 6.69 -11.74 -26.13
N ARG A 465 5.93 -12.70 -26.64
CA ARG A 465 5.93 -14.04 -26.05
C ARG A 465 7.29 -14.70 -26.22
N SER A 466 7.80 -14.71 -27.45
CA SER A 466 9.12 -15.29 -27.71
C SER A 466 10.20 -14.50 -26.99
N CYS A 467 10.00 -13.19 -26.84
CA CYS A 467 10.90 -12.39 -26.03
C CYS A 467 10.96 -12.91 -24.60
N THR A 468 9.80 -13.15 -23.99
CA THR A 468 9.77 -13.64 -22.61
C THR A 468 10.46 -15.00 -22.49
N VAL A 469 10.25 -15.85 -23.51
CA VAL A 469 10.90 -17.16 -23.54
C VAL A 469 12.41 -16.98 -23.51
N LEU A 470 12.92 -16.10 -24.35
CA LEU A 470 14.37 -15.95 -24.44
C LEU A 470 14.94 -15.29 -23.19
N ASN A 471 14.17 -14.40 -22.57
CA ASN A 471 14.65 -13.72 -21.38
C ASN A 471 14.86 -14.71 -20.24
N VAL A 472 13.86 -15.55 -19.98
CA VAL A 472 14.01 -16.53 -18.91
C VAL A 472 15.08 -17.55 -19.25
N GLU A 473 15.21 -17.88 -20.55
CA GLU A 473 16.26 -18.79 -20.97
C GLU A 473 17.65 -18.22 -20.68
N GLY A 474 17.86 -16.95 -21.01
CA GLY A 474 19.15 -16.32 -20.73
C GLY A 474 19.44 -16.26 -19.25
N ASP A 475 18.40 -16.01 -18.44
CA ASP A 475 18.57 -16.01 -16.99
C ASP A 475 19.07 -17.35 -16.49
N ALA A 476 18.42 -18.44 -16.94
CA ALA A 476 18.82 -19.76 -16.48
C ALA A 476 20.23 -20.11 -16.95
N LEU A 477 20.57 -19.76 -18.18
CA LEU A 477 21.90 -20.10 -18.68
C LEU A 477 22.98 -19.34 -17.92
N GLY A 478 22.71 -18.07 -17.57
CA GLY A 478 23.61 -17.35 -16.70
C GLY A 478 23.75 -18.02 -15.34
N ALA A 479 22.63 -18.51 -14.80
CA ALA A 479 22.67 -19.19 -13.51
C ALA A 479 23.52 -20.45 -13.57
N GLY A 480 23.36 -21.24 -14.63
CA GLY A 480 24.14 -22.46 -14.77
C GLY A 480 25.62 -22.18 -14.93
N LEU A 481 25.96 -21.21 -15.77
CA LEU A 481 27.36 -20.83 -15.95
C LEU A 481 27.99 -20.38 -14.66
N LEU A 482 27.28 -19.53 -13.90
CA LEU A 482 27.86 -19.01 -12.67
C LEU A 482 27.88 -20.06 -11.57
N GLN A 483 26.95 -21.01 -11.60
CA GLN A 483 27.03 -22.15 -10.69
C GLN A 483 28.30 -22.93 -10.95
N ASN A 484 28.60 -23.21 -12.21
CA ASN A 484 29.83 -23.94 -12.51
C ASN A 484 31.07 -23.12 -12.17
N TYR A 485 31.01 -21.79 -12.37
CA TYR A 485 32.14 -20.93 -12.04
C TYR A 485 32.41 -20.92 -10.54
N VAL A 486 31.35 -20.82 -9.73
CA VAL A 486 31.52 -20.86 -8.28
C VAL A 486 31.97 -22.25 -7.84
N ASP A 487 31.49 -23.29 -8.52
CA ASP A 487 31.92 -24.65 -8.19
C ASP A 487 33.40 -24.85 -8.45
N ARG A 488 33.90 -24.32 -9.56
CA ARG A 488 35.32 -24.40 -9.86
C ARG A 488 36.12 -23.58 -8.86
N ARG B 47 41.53 7.19 18.19
CA ARG B 47 41.84 7.38 16.77
C ARG B 47 41.09 8.61 16.23
N CYS B 48 41.66 9.79 16.49
CA CYS B 48 41.00 11.04 16.12
C CYS B 48 40.86 11.19 14.61
N LEU B 49 41.91 10.81 13.87
CA LEU B 49 41.93 11.01 12.42
C LEU B 49 40.80 10.23 11.74
N ARG B 50 40.57 9.00 12.17
CA ARG B 50 39.49 8.19 11.60
C ARG B 50 38.14 8.52 12.24
N ALA B 51 38.12 8.93 13.50
CA ALA B 51 36.85 9.19 14.18
C ALA B 51 36.18 10.45 13.64
N ASN B 52 36.94 11.55 13.50
CA ASN B 52 36.38 12.82 13.07
C ASN B 52 36.31 12.97 11.55
N LEU B 53 36.61 11.90 10.81
CA LEU B 53 36.63 11.97 9.35
C LEU B 53 35.25 12.30 8.80
N LEU B 54 34.22 11.65 9.33
CA LEU B 54 32.86 11.87 8.83
C LEU B 54 32.39 13.29 9.10
N VAL B 55 32.69 13.81 10.29
CA VAL B 55 32.30 15.16 10.64
C VAL B 55 32.98 16.16 9.72
N LEU B 56 34.28 15.96 9.50
CA LEU B 56 35.00 16.79 8.54
C LEU B 56 34.36 16.70 7.15
N LEU B 57 33.96 15.49 6.76
CA LEU B 57 33.48 15.28 5.41
C LEU B 57 32.14 15.95 5.19
N THR B 58 31.24 15.86 6.16
CA THR B 58 29.93 16.48 5.96
C THR B 58 29.98 17.99 6.11
N VAL B 59 30.84 18.53 6.98
CA VAL B 59 31.00 19.98 7.04
C VAL B 59 31.59 20.50 5.74
N VAL B 60 32.60 19.81 5.21
CA VAL B 60 33.17 20.16 3.93
C VAL B 60 32.13 20.03 2.83
N ALA B 61 31.24 19.04 2.94
CA ALA B 61 30.20 18.88 1.94
C ALA B 61 29.25 20.06 1.93
N VAL B 62 28.82 20.51 3.12
CA VAL B 62 27.91 21.66 3.19
C VAL B 62 28.59 22.91 2.64
N VAL B 63 29.85 23.14 3.06
CA VAL B 63 30.55 24.35 2.63
C VAL B 63 30.79 24.33 1.12
N ALA B 64 31.24 23.19 0.61
CA ALA B 64 31.51 23.09 -0.82
C ALA B 64 30.23 23.13 -1.63
N GLY B 65 29.12 22.63 -1.09
CA GLY B 65 27.85 22.75 -1.78
C GLY B 65 27.40 24.19 -1.87
N VAL B 66 27.57 24.95 -0.78
CA VAL B 66 27.27 26.37 -0.81
C VAL B 66 28.13 27.08 -1.83
N ALA B 67 29.43 26.78 -1.84
CA ALA B 67 30.33 27.42 -2.78
C ALA B 67 29.99 27.07 -4.22
N LEU B 68 29.68 25.80 -4.47
CA LEU B 68 29.32 25.34 -5.81
C LEU B 68 28.06 26.01 -6.30
N GLY B 69 27.04 26.09 -5.43
CA GLY B 69 25.79 26.70 -5.85
C GLY B 69 25.92 28.19 -6.09
N LEU B 70 26.65 28.89 -5.21
CA LEU B 70 26.86 30.32 -5.41
C LEU B 70 27.67 30.58 -6.68
N GLY B 71 28.70 29.78 -6.93
CA GLY B 71 29.48 29.95 -8.13
C GLY B 71 28.68 29.68 -9.39
N VAL B 72 27.82 28.66 -9.34
CA VAL B 72 27.00 28.35 -10.50
C VAL B 72 25.97 29.44 -10.75
N SER B 73 25.36 29.95 -9.68
CA SER B 73 24.35 31.00 -9.85
C SER B 73 24.98 32.29 -10.34
N GLY B 74 26.18 32.62 -9.84
CA GLY B 74 26.87 33.81 -10.31
C GLY B 74 27.35 33.67 -11.75
N ALA B 75 27.83 32.48 -12.12
CA ALA B 75 28.35 32.24 -13.45
C ALA B 75 27.26 32.04 -14.50
N GLY B 76 25.98 32.08 -14.11
CA GLY B 76 24.86 31.99 -15.04
C GLY B 76 23.73 31.16 -14.50
N GLY B 77 24.06 30.14 -13.70
CA GLY B 77 23.04 29.33 -13.06
C GLY B 77 22.17 28.61 -14.07
N ALA B 78 20.85 28.81 -13.93
CA ALA B 78 19.86 28.13 -14.76
C ALA B 78 20.09 28.37 -16.25
N LEU B 79 20.54 29.59 -16.59
CA LEU B 79 20.82 29.93 -17.98
C LEU B 79 21.87 29.02 -18.58
N ALA B 80 22.90 28.68 -17.81
CA ALA B 80 23.92 27.73 -18.25
C ALA B 80 23.55 26.28 -17.96
N LEU B 81 22.49 26.03 -17.17
CA LEU B 81 22.19 24.70 -16.66
C LEU B 81 21.05 24.04 -17.42
N GLY B 82 19.88 24.68 -17.42
CA GLY B 82 18.67 24.10 -17.96
C GLY B 82 17.96 23.25 -16.92
N PRO B 83 16.65 23.03 -17.07
CA PRO B 83 15.94 22.22 -16.06
C PRO B 83 16.40 20.78 -16.01
N GLU B 84 16.80 20.20 -17.15
CA GLU B 84 17.23 18.81 -17.16
C GLU B 84 18.50 18.62 -16.33
N ARG B 85 19.47 19.51 -16.51
CA ARG B 85 20.68 19.43 -15.72
C ARG B 85 20.43 19.86 -14.29
N LEU B 86 19.44 20.72 -14.05
CA LEU B 86 19.05 21.02 -12.67
C LEU B 86 18.54 19.77 -11.98
N SER B 87 17.70 18.99 -12.67
CA SER B 87 17.21 17.75 -12.11
C SER B 87 18.34 16.78 -11.84
N ALA B 88 19.27 16.65 -12.78
CA ALA B 88 20.41 15.77 -12.56
C ALA B 88 21.34 16.27 -11.46
N PHE B 89 21.37 17.58 -11.24
CA PHE B 89 22.23 18.17 -10.21
C PHE B 89 21.63 18.02 -8.82
N VAL B 90 20.31 18.14 -8.72
CA VAL B 90 19.61 17.93 -7.46
C VAL B 90 19.44 16.44 -7.16
N PHE B 91 19.49 15.58 -8.18
CA PHE B 91 19.11 14.18 -8.01
C PHE B 91 19.87 13.41 -6.94
N PRO B 92 21.17 13.62 -6.72
CA PRO B 92 21.80 13.00 -5.55
C PRO B 92 21.15 13.38 -4.23
N GLY B 93 20.67 14.61 -4.11
CA GLY B 93 19.93 14.99 -2.91
C GLY B 93 18.64 14.21 -2.77
N GLU B 94 17.89 14.12 -3.87
CA GLU B 94 16.66 13.33 -3.88
C GLU B 94 16.96 11.87 -3.61
N LEU B 95 18.13 11.40 -4.01
CA LEU B 95 18.49 10.01 -3.83
C LEU B 95 18.81 9.73 -2.37
N LEU B 96 19.49 10.67 -1.71
CA LEU B 96 19.76 10.53 -0.30
C LEU B 96 18.47 10.56 0.49
N LEU B 97 17.55 11.44 0.12
CA LEU B 97 16.27 11.50 0.82
C LEU B 97 15.42 10.28 0.52
N ARG B 98 15.59 9.67 -0.65
CA ARG B 98 14.89 8.42 -0.93
C ARG B 98 15.47 7.27 -0.13
N LEU B 99 16.79 7.29 0.09
CA LEU B 99 17.41 6.26 0.90
C LEU B 99 17.02 6.37 2.36
N LEU B 100 17.00 7.59 2.90
CA LEU B 100 16.75 7.77 4.32
C LEU B 100 15.28 7.72 4.68
N ARG B 101 14.38 7.86 3.70
CA ARG B 101 12.96 7.61 3.89
C ARG B 101 12.58 6.14 3.67
N MET B 102 13.49 5.34 3.13
CA MET B 102 13.23 3.92 2.94
C MET B 102 13.30 3.16 4.25
N ILE B 103 14.14 3.60 5.16
CA ILE B 103 14.52 2.84 6.36
C ILE B 103 13.91 3.39 7.62
N ILE B 104 13.29 4.57 7.59
CA ILE B 104 12.70 5.09 8.82
C ILE B 104 11.56 4.20 9.27
N LEU B 105 10.83 3.60 8.34
CA LEU B 105 9.76 2.68 8.72
C LEU B 105 10.30 1.44 9.43
N PRO B 106 11.23 0.67 8.85
CA PRO B 106 11.84 -0.44 9.60
C PRO B 106 12.48 -0.02 10.90
N LEU B 107 13.20 1.08 10.88
CA LEU B 107 14.01 1.43 12.03
C LEU B 107 13.12 1.90 13.16
N VAL B 108 12.14 2.74 12.86
CA VAL B 108 11.22 3.25 13.87
C VAL B 108 10.41 2.11 14.46
N VAL B 109 9.77 1.30 13.60
CA VAL B 109 8.86 0.26 14.06
C VAL B 109 9.62 -0.76 14.89
N CYS B 110 10.72 -1.29 14.35
CA CYS B 110 11.45 -2.33 15.04
C CYS B 110 12.22 -1.80 16.23
N SER B 111 12.65 -0.54 16.21
CA SER B 111 13.34 0.00 17.37
C SER B 111 12.38 0.21 18.51
N LEU B 112 11.19 0.72 18.24
CA LEU B 112 10.23 0.92 19.31
C LEU B 112 9.76 -0.41 19.88
N ILE B 113 9.60 -1.41 19.01
CA ILE B 113 9.20 -2.72 19.51
C ILE B 113 10.33 -3.35 20.34
N GLY B 114 11.58 -3.12 19.95
CA GLY B 114 12.71 -3.63 20.70
C GLY B 114 13.08 -2.84 21.94
N GLY B 115 12.56 -1.63 22.07
CA GLY B 115 12.89 -0.75 23.18
C GLY B 115 11.81 -0.74 24.22
N ALA B 116 10.56 -0.77 23.77
CA ALA B 116 9.44 -0.78 24.70
C ALA B 116 9.42 -2.05 25.53
N ALA B 117 9.76 -3.18 24.92
CA ALA B 117 9.77 -4.49 25.56
C ALA B 117 11.12 -4.85 26.13
N SER B 118 11.88 -3.85 26.57
CA SER B 118 13.12 -4.04 27.30
C SER B 118 13.03 -3.58 28.75
N LEU B 119 11.98 -2.84 29.11
CA LEU B 119 11.74 -2.42 30.47
C LEU B 119 10.26 -2.59 30.77
N ASP B 120 9.94 -2.80 32.04
CA ASP B 120 8.58 -3.14 32.42
C ASP B 120 7.64 -1.97 32.16
N PRO B 121 6.34 -2.22 32.00
CA PRO B 121 5.42 -1.12 31.65
C PRO B 121 5.34 0.00 32.67
N GLY B 122 5.60 -0.26 33.94
CA GLY B 122 5.60 0.84 34.90
C GLY B 122 6.70 1.83 34.64
N ALA B 123 7.94 1.34 34.50
CA ALA B 123 9.04 2.22 34.16
C ALA B 123 8.87 2.83 32.79
N LEU B 124 8.25 2.09 31.86
CA LEU B 124 8.00 2.65 30.54
C LEU B 124 7.01 3.80 30.62
N GLY B 125 5.97 3.66 31.43
CA GLY B 125 5.00 4.72 31.56
C GLY B 125 5.62 5.95 32.19
N ARG B 126 6.44 5.75 33.21
CA ARG B 126 7.12 6.89 33.81
C ARG B 126 8.07 7.55 32.81
N LEU B 127 8.84 6.75 32.07
CA LEU B 127 9.78 7.32 31.10
C LEU B 127 9.05 8.07 30.00
N GLY B 128 7.95 7.50 29.49
CA GLY B 128 7.19 8.19 28.47
C GLY B 128 6.57 9.47 28.97
N ALA B 129 6.08 9.47 30.21
CA ALA B 129 5.48 10.67 30.75
C ALA B 129 6.51 11.76 30.96
N TRP B 130 7.65 11.43 31.57
CA TRP B 130 8.68 12.44 31.75
C TRP B 130 9.26 12.90 30.42
N ALA B 131 9.27 12.03 29.41
CA ALA B 131 9.73 12.44 28.10
C ALA B 131 8.76 13.42 27.44
N LEU B 132 7.47 13.12 27.51
CA LEU B 132 6.49 14.04 26.94
C LEU B 132 6.49 15.37 27.66
N LEU B 133 6.66 15.33 28.98
CA LEU B 133 6.76 16.57 29.74
C LEU B 133 7.99 17.38 29.31
N PHE B 134 9.11 16.69 29.10
CA PHE B 134 10.32 17.36 28.65
C PHE B 134 10.13 17.99 27.27
N PHE B 135 9.53 17.24 26.34
CA PHE B 135 9.33 17.76 25.00
C PHE B 135 8.39 18.95 25.02
N LEU B 136 7.32 18.86 25.82
CA LEU B 136 6.37 19.96 25.94
C LEU B 136 7.04 21.21 26.49
N VAL B 137 7.85 21.04 27.53
CA VAL B 137 8.50 22.18 28.17
C VAL B 137 9.51 22.81 27.22
N THR B 138 10.27 21.98 26.50
CA THR B 138 11.27 22.53 25.59
C THR B 138 10.62 23.27 24.43
N THR B 139 9.55 22.71 23.87
CA THR B 139 8.83 23.38 22.80
C THR B 139 8.23 24.70 23.28
N LEU B 140 7.67 24.70 24.48
CA LEU B 140 7.10 25.91 25.05
C LEU B 140 8.16 26.98 25.30
N LEU B 141 9.31 26.57 25.83
CA LEU B 141 10.40 27.52 26.03
C LEU B 141 10.89 28.07 24.70
N ALA B 142 10.90 27.23 23.67
CA ALA B 142 11.30 27.71 22.35
C ALA B 142 10.33 28.77 21.84
N SER B 143 9.04 28.51 21.98
CA SER B 143 8.05 29.48 21.51
C SER B 143 8.13 30.79 22.29
N ALA B 144 8.33 30.70 23.61
CA ALA B 144 8.48 31.91 24.41
C ALA B 144 9.72 32.69 24.01
N LEU B 145 10.79 31.97 23.69
CA LEU B 145 12.00 32.63 23.20
C LEU B 145 11.75 33.33 21.88
N GLY B 146 10.95 32.70 21.02
CA GLY B 146 10.57 33.34 19.76
C GLY B 146 9.81 34.63 19.98
N VAL B 147 8.85 34.62 20.92
CA VAL B 147 8.12 35.84 21.25
C VAL B 147 9.09 36.90 21.77
N GLY B 148 9.97 36.50 22.68
CA GLY B 148 10.85 37.47 23.31
C GLY B 148 11.81 38.11 22.32
N LEU B 149 12.22 37.35 21.31
CA LEU B 149 13.13 37.88 20.30
C LEU B 149 12.38 38.76 19.30
N ALA B 150 11.28 38.25 18.75
CA ALA B 150 10.56 38.99 17.72
C ALA B 150 9.93 40.26 18.27
N LEU B 151 9.56 40.25 19.56
CA LEU B 151 9.03 41.45 20.18
C LEU B 151 10.11 42.52 20.34
N ALA B 152 11.34 42.10 20.62
CA ALA B 152 12.42 43.04 20.89
C ALA B 152 13.04 43.55 19.60
N LEU B 153 13.54 42.65 18.75
CA LEU B 153 14.21 43.07 17.52
C LEU B 153 13.24 43.76 16.57
N GLN B 154 11.95 43.44 16.64
CA GLN B 154 10.90 44.05 15.83
C GLN B 154 11.19 43.85 14.34
N PRO B 155 11.19 42.61 13.84
CA PRO B 155 11.44 42.41 12.41
C PRO B 155 10.33 42.95 11.52
N GLY B 156 9.13 43.19 12.05
CA GLY B 156 8.04 43.75 11.29
C GLY B 156 8.02 45.27 11.27
N ALA B 157 9.17 45.90 11.42
CA ALA B 157 9.27 47.34 11.25
C ALA B 157 9.04 47.71 9.80
N ALA B 158 8.77 49.00 9.58
CA ALA B 158 8.49 49.48 8.23
C ALA B 158 9.72 49.32 7.35
N SER B 159 9.59 48.52 6.30
CA SER B 159 10.71 48.22 5.40
C SER B 159 10.13 47.65 4.11
N ALA B 160 11.02 47.12 3.27
CA ALA B 160 10.61 46.50 2.01
C ALA B 160 9.61 45.38 2.23
N ALA B 161 9.75 44.65 3.35
CA ALA B 161 8.82 43.58 3.70
C ALA B 161 7.39 44.04 3.89
N ILE B 162 7.13 45.36 3.99
CA ILE B 162 5.76 45.83 4.06
C ILE B 162 5.00 45.46 2.77
N ASN B 163 5.66 45.46 1.62
CA ASN B 163 4.95 45.14 0.38
C ASN B 163 4.70 43.64 0.32
N ALA B 164 3.51 43.27 -0.17
CA ALA B 164 3.13 41.86 -0.28
C ALA B 164 2.32 41.54 -1.53
N SER B 165 2.14 42.50 -2.45
CA SER B 165 1.39 42.20 -3.66
C SER B 165 2.12 41.17 -4.52
N VAL B 166 3.44 41.31 -4.63
CA VAL B 166 4.22 40.39 -5.45
C VAL B 166 4.18 38.98 -4.86
N GLY B 167 4.32 38.87 -3.55
CA GLY B 167 4.29 37.57 -2.90
C GLY B 167 2.92 36.91 -2.92
N ALA B 168 1.90 37.65 -2.47
CA ALA B 168 0.57 37.06 -2.36
C ALA B 168 -0.12 36.99 -3.71
N ALA B 169 -0.39 38.16 -4.32
CA ALA B 169 -1.11 38.26 -5.59
C ALA B 169 -2.48 37.59 -5.53
N GLY B 170 -3.13 37.64 -4.37
CA GLY B 170 -4.46 37.09 -4.21
C GLY B 170 -4.55 35.60 -3.96
N SER B 171 -3.46 34.86 -4.13
CA SER B 171 -3.47 33.42 -3.93
C SER B 171 -3.32 33.01 -2.46
N ALA B 172 -2.93 33.94 -1.58
CA ALA B 172 -2.72 33.59 -0.18
C ALA B 172 -4.03 33.21 0.50
N GLU B 173 -5.08 33.99 0.28
CA GLU B 173 -6.37 33.73 0.93
C GLU B 173 -6.96 32.41 0.49
N ASN B 174 -6.85 32.09 -0.80
CA ASN B 174 -7.35 30.82 -1.32
C ASN B 174 -6.52 29.67 -0.76
N ALA B 175 -7.14 28.84 0.07
CA ALA B 175 -6.45 27.72 0.70
C ALA B 175 -7.51 26.77 1.23
N PRO B 176 -7.13 25.55 1.65
CA PRO B 176 -8.11 24.67 2.29
C PRO B 176 -8.70 25.25 3.57
N SER B 177 -7.93 26.02 4.32
CA SER B 177 -8.38 26.67 5.55
C SER B 177 -8.90 25.65 6.56
N LYS B 178 -8.04 24.69 6.88
CA LYS B 178 -8.42 23.60 7.76
C LYS B 178 -8.70 24.12 9.16
N GLU B 179 -9.82 23.69 9.73
CA GLU B 179 -10.17 24.11 11.08
C GLU B 179 -9.23 23.46 12.10
N VAL B 180 -9.17 24.09 13.27
CA VAL B 180 -8.31 23.57 14.33
C VAL B 180 -8.86 22.26 14.87
N LEU B 181 -10.18 22.19 15.05
CA LEU B 181 -10.80 20.97 15.51
C LEU B 181 -10.58 19.84 14.52
N ASP B 182 -10.72 20.14 13.24
CA ASP B 182 -10.54 19.13 12.23
C ASP B 182 -9.09 18.68 12.17
N SER B 183 -8.15 19.60 12.42
CA SER B 183 -6.75 19.22 12.49
C SER B 183 -6.48 18.29 13.66
N PHE B 184 -7.08 18.59 14.82
CA PHE B 184 -6.87 17.71 15.98
C PHE B 184 -7.53 16.36 15.77
N LEU B 185 -8.67 16.34 15.09
CA LEU B 185 -9.31 15.06 14.81
C LEU B 185 -8.49 14.25 13.83
N ASP B 186 -7.93 14.89 12.80
CA ASP B 186 -7.05 14.16 11.90
C ASP B 186 -5.79 13.69 12.60
N LEU B 187 -5.33 14.43 13.60
CA LEU B 187 -4.21 13.97 14.41
C LEU B 187 -4.58 12.71 15.18
N ALA B 188 -5.73 12.71 15.83
CA ALA B 188 -6.14 11.55 16.61
C ALA B 188 -6.68 10.41 15.77
N ARG B 189 -6.85 10.62 14.47
CA ARG B 189 -7.17 9.55 13.53
C ARG B 189 -5.95 9.02 12.81
N ASN B 190 -4.89 9.81 12.71
CA ASN B 190 -3.61 9.28 12.28
C ASN B 190 -2.93 8.52 13.41
N ILE B 191 -3.14 8.97 14.65
CA ILE B 191 -3.03 8.07 15.78
C ILE B 191 -4.19 7.09 15.68
N PHE B 192 -3.94 5.85 16.02
CA PHE B 192 -4.92 4.78 15.90
C PHE B 192 -5.35 4.65 14.44
N PRO B 193 -4.45 4.24 13.54
CA PRO B 193 -4.79 4.18 12.13
C PRO B 193 -5.83 3.11 11.85
N SER B 194 -6.48 3.26 10.70
CA SER B 194 -7.47 2.28 10.28
C SER B 194 -6.80 1.03 9.74
N ASN B 195 -5.69 1.21 9.05
CA ASN B 195 -4.91 0.10 8.52
C ASN B 195 -3.43 0.42 8.65
N LEU B 196 -2.67 -0.59 9.06
CA LEU B 196 -1.26 -0.39 9.31
C LEU B 196 -0.48 -0.25 8.02
N VAL B 197 -0.80 -1.08 7.03
CA VAL B 197 -0.11 -1.07 5.75
C VAL B 197 -0.31 0.27 5.07
N SER B 198 -1.55 0.75 5.01
CA SER B 198 -1.82 2.05 4.43
C SER B 198 -1.14 3.14 5.23
N ALA B 199 -1.10 2.98 6.54
CA ALA B 199 -0.38 3.92 7.40
C ALA B 199 1.12 3.91 7.16
N ALA B 200 1.65 2.90 6.48
CA ALA B 200 3.05 2.94 6.11
C ALA B 200 3.33 3.89 4.96
N PHE B 201 2.32 4.35 4.24
CA PHE B 201 2.55 5.42 3.28
C PHE B 201 1.39 6.38 3.11
N ARG B 202 0.36 6.36 3.96
CA ARG B 202 -0.77 7.25 3.82
C ARG B 202 -1.21 7.76 5.18
N SER B 203 -1.78 8.95 5.15
CA SER B 203 -2.28 9.62 6.33
C SER B 203 -3.62 10.24 6.00
N TYR B 204 -4.38 10.53 7.03
CA TYR B 204 -5.75 10.97 6.90
C TYR B 204 -5.78 12.49 6.86
N SER B 205 -6.40 13.04 5.82
CA SER B 205 -6.54 14.49 5.66
C SER B 205 -7.98 14.79 5.36
N THR B 206 -8.57 15.68 6.15
CA THR B 206 -9.97 16.03 6.02
C THR B 206 -10.10 17.19 5.05
N THR B 207 -10.48 16.89 3.82
CA THR B 207 -10.83 17.94 2.87
C THR B 207 -12.22 18.45 3.19
N TYR B 208 -12.65 19.46 2.44
CA TYR B 208 -13.92 20.13 2.67
C TYR B 208 -14.67 20.22 1.35
N GLU B 209 -15.84 19.57 1.30
CA GLU B 209 -16.73 19.63 0.14
C GLU B 209 -17.81 20.65 0.43
N GLU B 210 -18.76 20.81 -0.50
CA GLU B 210 -19.83 21.78 -0.44
C GLU B 210 -21.18 21.09 -0.48
N ARG B 211 -21.32 20.03 0.32
CA ARG B 211 -22.54 19.23 0.34
C ARG B 211 -23.61 19.84 1.25
N ASN B 212 -23.95 21.11 1.01
CA ASN B 212 -25.01 21.80 1.73
C ASN B 212 -25.81 22.66 0.74
N ILE B 213 -26.19 22.05 -0.38
CA ILE B 213 -26.95 22.75 -1.42
C ILE B 213 -28.36 23.10 -0.97
N THR B 214 -28.86 22.50 0.11
CA THR B 214 -30.21 22.78 0.60
C THR B 214 -30.39 24.26 0.95
N GLY B 215 -29.34 24.94 1.38
CA GLY B 215 -29.42 26.36 1.65
C GLY B 215 -28.27 26.83 2.54
N THR B 216 -27.74 28.01 2.25
CA THR B 216 -26.62 28.59 3.01
C THR B 216 -25.41 27.64 2.96
N ARG B 217 -24.83 27.57 1.75
CA ARG B 217 -23.72 26.67 1.45
C ARG B 217 -22.57 26.82 2.44
N VAL B 218 -22.35 25.77 3.22
CA VAL B 218 -21.31 25.71 4.24
C VAL B 218 -20.43 24.52 3.90
N LYS B 219 -19.13 24.71 3.95
CA LYS B 219 -18.23 23.62 3.62
C LYS B 219 -18.25 22.58 4.72
N VAL B 220 -18.43 21.31 4.34
CA VAL B 220 -18.56 20.19 5.27
C VAL B 220 -17.32 19.31 5.16
N PRO B 221 -16.83 18.68 6.24
CA PRO B 221 -15.65 17.84 6.11
C PRO B 221 -15.97 16.51 5.44
N VAL B 222 -15.04 16.05 4.62
CA VAL B 222 -14.98 14.66 4.19
C VAL B 222 -13.57 14.17 4.43
N GLY B 223 -13.45 12.88 4.72
CA GLY B 223 -12.17 12.23 4.89
C GLY B 223 -11.75 11.49 3.64
N GLN B 224 -10.50 11.67 3.25
CA GLN B 224 -9.92 10.87 2.21
C GLN B 224 -8.43 10.75 2.45
N GLU B 225 -7.95 9.52 2.55
CA GLU B 225 -6.54 9.26 2.81
C GLU B 225 -5.68 9.81 1.69
N VAL B 226 -4.57 10.45 2.08
CA VAL B 226 -3.65 11.09 1.16
C VAL B 226 -2.29 10.46 1.33
N GLU B 227 -1.30 10.99 0.63
CA GLU B 227 0.05 10.47 0.66
C GLU B 227 0.85 11.11 1.78
N GLY B 228 1.80 10.35 2.30
CA GLY B 228 2.57 10.72 3.47
C GLY B 228 2.49 9.65 4.53
N MET B 229 3.61 9.34 5.15
CA MET B 229 3.62 8.30 6.16
C MET B 229 2.86 8.73 7.40
N ASN B 230 2.22 7.75 8.03
CA ASN B 230 1.55 7.92 9.32
C ASN B 230 2.47 7.44 10.43
N ILE B 231 3.59 8.13 10.56
CA ILE B 231 4.64 7.69 11.46
C ILE B 231 4.18 7.79 12.90
N LEU B 232 3.29 8.73 13.21
CA LEU B 232 2.75 8.80 14.56
C LEU B 232 1.91 7.56 14.89
N GLY B 233 1.09 7.14 13.95
CA GLY B 233 0.29 5.95 14.16
C GLY B 233 1.14 4.71 14.28
N LEU B 234 2.19 4.62 13.47
CA LEU B 234 3.08 3.47 13.55
C LEU B 234 3.85 3.48 14.86
N VAL B 235 4.24 4.65 15.33
CA VAL B 235 4.93 4.77 16.60
C VAL B 235 4.05 4.25 17.73
N VAL B 236 2.79 4.70 17.75
CA VAL B 236 1.89 4.30 18.83
C VAL B 236 1.61 2.80 18.77
N PHE B 237 1.34 2.29 17.56
CA PHE B 237 1.10 0.87 17.40
C PHE B 237 2.31 0.06 17.83
N ALA B 238 3.51 0.52 17.48
CA ALA B 238 4.72 -0.20 17.81
C ALA B 238 4.97 -0.23 19.31
N ILE B 239 4.78 0.90 19.98
CA ILE B 239 4.95 0.97 21.43
C ILE B 239 3.97 0.03 22.11
N VAL B 240 2.72 0.08 21.67
CA VAL B 240 1.68 -0.76 22.25
C VAL B 240 2.00 -2.22 22.01
N PHE B 241 2.55 -2.54 20.84
CA PHE B 241 2.94 -3.90 20.54
C PHE B 241 4.04 -4.37 21.48
N GLY B 242 5.06 -3.55 21.65
CA GLY B 242 6.15 -3.93 22.53
C GLY B 242 5.71 -4.13 23.97
N VAL B 243 4.76 -3.31 24.40
CA VAL B 243 4.19 -3.51 25.72
C VAL B 243 3.45 -4.83 25.78
N ALA B 244 2.77 -5.20 24.70
CA ALA B 244 2.08 -6.49 24.68
C ALA B 244 3.05 -7.64 24.75
N LEU B 245 4.20 -7.52 24.08
CA LEU B 245 5.16 -8.60 24.10
C LEU B 245 5.83 -8.71 25.47
N ARG B 246 6.05 -7.59 26.14
CA ARG B 246 6.54 -7.67 27.51
C ARG B 246 5.49 -8.23 28.44
N LYS B 247 4.21 -7.99 28.15
CA LYS B 247 3.14 -8.61 28.92
C LYS B 247 3.19 -10.12 28.76
N LEU B 248 3.41 -10.59 27.54
CA LEU B 248 3.76 -11.99 27.36
C LEU B 248 5.19 -12.22 27.85
N GLY B 249 5.55 -13.50 27.94
CA GLY B 249 6.88 -13.92 28.37
C GLY B 249 7.60 -14.73 27.32
N PRO B 250 7.72 -16.06 27.47
CA PRO B 250 8.47 -16.85 26.49
C PRO B 250 7.91 -16.81 25.08
N GLU B 251 6.61 -16.53 24.92
CA GLU B 251 6.03 -16.48 23.58
C GLU B 251 6.61 -15.33 22.76
N GLY B 252 7.04 -14.25 23.41
CA GLY B 252 7.51 -13.08 22.73
C GLY B 252 9.01 -12.97 22.53
N GLU B 253 9.79 -13.90 23.09
CA GLU B 253 11.24 -13.80 22.98
C GLU B 253 11.69 -13.94 21.53
N LEU B 254 11.05 -14.84 20.79
CA LEU B 254 11.33 -15.00 19.37
C LEU B 254 11.11 -13.70 18.62
N LEU B 255 9.99 -13.06 18.89
CA LEU B 255 9.58 -11.92 18.11
C LEU B 255 10.41 -10.70 18.46
N ILE B 256 10.82 -10.58 19.72
CA ILE B 256 11.76 -9.53 20.09
C ILE B 256 13.11 -9.76 19.42
N ARG B 257 13.56 -11.02 19.38
CA ARG B 257 14.82 -11.32 18.73
C ARG B 257 14.74 -10.99 17.24
N PHE B 258 13.59 -11.26 16.63
CA PHE B 258 13.36 -10.92 15.23
C PHE B 258 13.51 -9.42 15.03
N PHE B 259 12.80 -8.62 15.83
CA PHE B 259 12.78 -7.19 15.57
C PHE B 259 14.12 -6.53 15.89
N ASN B 260 14.80 -6.99 16.95
CA ASN B 260 16.14 -6.47 17.22
C ASN B 260 17.11 -6.80 16.11
N SER B 261 17.05 -8.03 15.58
CA SER B 261 17.91 -8.39 14.46
C SER B 261 17.61 -7.54 13.25
N PHE B 262 16.33 -7.27 13.01
CA PHE B 262 15.91 -6.51 11.85
C PHE B 262 16.41 -5.08 11.95
N ASN B 263 16.31 -4.49 13.14
CA ASN B 263 16.80 -3.14 13.34
C ASN B 263 18.32 -3.08 13.22
N GLU B 264 19.02 -4.10 13.70
CA GLU B 264 20.48 -4.09 13.56
C GLU B 264 20.89 -4.18 12.11
N ALA B 265 20.17 -4.97 11.31
CA ALA B 265 20.41 -5.00 9.87
C ALA B 265 20.17 -3.63 9.25
N THR B 266 19.09 -2.98 9.64
CA THR B 266 18.81 -1.64 9.12
C THR B 266 19.87 -0.64 9.55
N MET B 267 20.43 -0.79 10.74
CA MET B 267 21.53 0.05 11.19
C MET B 267 22.77 -0.17 10.33
N VAL B 268 22.99 -1.42 9.94
CA VAL B 268 24.11 -1.73 9.07
C VAL B 268 23.93 -1.07 7.72
N LEU B 269 22.69 -0.98 7.25
CA LEU B 269 22.43 -0.18 6.04
C LEU B 269 22.71 1.29 6.29
N VAL B 270 22.38 1.76 7.49
CA VAL B 270 22.53 3.17 7.83
C VAL B 270 23.99 3.57 7.77
N SER B 271 24.90 2.67 8.12
CA SER B 271 26.32 2.98 8.03
C SER B 271 26.73 3.37 6.62
N TRP B 272 26.24 2.62 5.64
CA TRP B 272 26.64 2.85 4.27
C TRP B 272 25.94 4.07 3.70
N ILE B 273 24.68 4.27 4.08
CA ILE B 273 23.98 5.50 3.73
C ILE B 273 24.71 6.70 4.31
N MET B 274 25.24 6.55 5.52
CA MET B 274 25.97 7.63 6.17
C MET B 274 27.23 7.96 5.40
N TRP B 275 27.93 6.94 4.91
CA TRP B 275 29.13 7.20 4.13
C TRP B 275 28.80 7.83 2.79
N TYR B 276 27.61 7.57 2.24
CA TYR B 276 27.20 8.26 1.02
C TYR B 276 26.77 9.70 1.28
N ALA B 277 26.22 9.97 2.46
CA ALA B 277 25.48 11.21 2.72
C ALA B 277 26.15 12.53 2.35
N PRO B 278 27.46 12.73 2.52
CA PRO B 278 28.05 14.04 2.18
C PRO B 278 27.86 14.47 0.74
N VAL B 279 27.92 13.54 -0.20
CA VAL B 279 27.70 13.88 -1.60
C VAL B 279 26.28 14.37 -1.81
N GLY B 280 25.33 13.67 -1.22
CA GLY B 280 23.94 14.08 -1.32
C GLY B 280 23.69 15.43 -0.71
N ILE B 281 24.32 15.69 0.44
CA ILE B 281 24.15 16.98 1.11
C ILE B 281 24.73 18.10 0.25
N MET B 282 25.92 17.87 -0.32
CA MET B 282 26.57 18.88 -1.15
C MET B 282 25.72 19.23 -2.34
N PHE B 283 25.29 18.21 -3.09
CA PHE B 283 24.48 18.47 -4.28
C PHE B 283 23.13 19.05 -3.93
N LEU B 284 22.55 18.65 -2.81
CA LEU B 284 21.25 19.15 -2.41
C LEU B 284 21.32 20.63 -2.05
N VAL B 285 22.32 21.01 -1.27
CA VAL B 285 22.48 22.41 -0.88
C VAL B 285 22.77 23.26 -2.11
N ALA B 286 23.64 22.78 -3.00
CA ALA B 286 23.93 23.51 -4.23
C ALA B 286 22.67 23.68 -5.06
N GLY B 287 21.86 22.64 -5.16
CA GLY B 287 20.64 22.73 -5.91
C GLY B 287 19.63 23.69 -5.30
N LYS B 288 19.56 23.73 -3.97
CA LYS B 288 18.54 24.54 -3.33
C LYS B 288 18.94 25.99 -3.18
N ILE B 289 20.21 26.34 -3.40
CA ILE B 289 20.58 27.75 -3.61
C ILE B 289 20.74 28.12 -5.08
N VAL B 290 20.76 27.15 -5.99
CA VAL B 290 20.67 27.45 -7.41
C VAL B 290 19.21 27.63 -7.83
N GLU B 291 18.29 26.95 -7.15
CA GLU B 291 16.88 27.08 -7.47
C GLU B 291 16.34 28.48 -7.20
N MET B 292 17.00 29.26 -6.35
CA MET B 292 16.68 30.67 -6.20
C MET B 292 17.95 31.45 -5.92
N GLU B 293 18.01 32.64 -6.50
CA GLU B 293 19.15 33.53 -6.30
C GLU B 293 19.23 33.97 -4.85
N ASP B 294 20.43 33.92 -4.29
CA ASP B 294 20.70 34.26 -2.90
C ASP B 294 21.93 35.16 -2.79
N VAL B 295 22.04 36.11 -3.71
CA VAL B 295 23.08 37.13 -3.60
C VAL B 295 22.88 38.00 -2.36
N GLY B 296 21.64 38.10 -1.86
CA GLY B 296 21.30 38.92 -0.71
C GLY B 296 20.00 39.69 -0.85
N LEU B 297 19.25 39.49 -1.94
CA LEU B 297 18.01 40.21 -2.13
C LEU B 297 16.97 39.82 -1.07
N LEU B 298 16.72 38.52 -0.90
CA LEU B 298 15.75 38.11 0.10
C LEU B 298 16.32 38.26 1.50
N PHE B 299 17.64 38.12 1.66
CA PHE B 299 18.24 38.44 2.94
C PHE B 299 18.11 39.92 3.24
N ALA B 300 18.34 40.79 2.25
CA ALA B 300 18.15 42.21 2.48
C ALA B 300 16.68 42.54 2.75
N ARG B 301 15.76 41.71 2.28
CA ARG B 301 14.34 41.93 2.54
C ARG B 301 13.95 41.52 3.96
N LEU B 302 14.38 40.33 4.40
CA LEU B 302 13.91 39.70 5.63
C LEU B 302 15.07 39.36 6.57
N GLY B 303 16.08 40.22 6.62
CA GLY B 303 17.23 39.95 7.46
C GLY B 303 16.91 39.89 8.92
N LYS B 304 16.04 40.80 9.39
CA LYS B 304 15.69 40.80 10.80
C LYS B 304 14.93 39.54 11.18
N TYR B 305 14.00 39.11 10.34
CA TYR B 305 13.22 37.91 10.64
C TYR B 305 14.09 36.66 10.62
N ILE B 306 14.94 36.51 9.60
CA ILE B 306 15.80 35.34 9.52
C ILE B 306 16.84 35.35 10.65
N LEU B 307 17.37 36.53 11.00
CA LEU B 307 18.30 36.60 12.11
C LEU B 307 17.61 36.25 13.41
N CYS B 308 16.35 36.68 13.57
CA CYS B 308 15.60 36.34 14.77
C CYS B 308 15.40 34.84 14.88
N CYS B 309 15.06 34.20 13.77
CA CYS B 309 14.83 32.76 13.80
C CYS B 309 16.12 32.00 14.08
N LEU B 310 17.21 32.35 13.38
CA LEU B 310 18.47 31.64 13.60
C LEU B 310 19.02 31.88 14.99
N LEU B 311 18.90 33.11 15.51
CA LEU B 311 19.35 33.40 16.85
C LEU B 311 18.51 32.65 17.88
N GLY B 312 17.21 32.57 17.66
CA GLY B 312 16.37 31.77 18.54
C GLY B 312 16.76 30.31 18.54
N HIS B 313 17.05 29.77 17.36
CA HIS B 313 17.44 28.38 17.26
C HIS B 313 18.77 28.12 17.96
N ALA B 314 19.74 29.02 17.76
CA ALA B 314 21.05 28.84 18.40
C ALA B 314 20.96 28.99 19.90
N ILE B 315 20.16 29.95 20.38
CA ILE B 315 20.02 30.15 21.81
C ILE B 315 19.31 28.97 22.45
N HIS B 316 18.31 28.41 21.75
CA HIS B 316 17.67 27.21 22.24
C HIS B 316 18.61 26.03 22.23
N GLY B 317 19.42 25.90 21.18
CA GLY B 317 20.29 24.76 21.00
C GLY B 317 21.65 24.86 21.66
N LEU B 318 22.05 26.04 22.15
CA LEU B 318 23.38 26.25 22.71
C LEU B 318 23.38 26.85 24.10
N LEU B 319 22.25 27.37 24.59
CA LEU B 319 22.12 27.84 25.97
C LEU B 319 21.09 27.04 26.76
N VAL B 320 19.85 26.96 26.27
CA VAL B 320 18.75 26.45 27.09
C VAL B 320 18.90 24.96 27.35
N LEU B 321 18.95 24.18 26.28
CA LEU B 321 19.01 22.73 26.43
C LEU B 321 20.36 22.25 26.96
N PRO B 322 21.49 22.83 26.55
CA PRO B 322 22.75 22.50 27.25
C PRO B 322 22.71 22.85 28.73
N LEU B 323 22.06 23.95 29.09
CA LEU B 323 21.93 24.29 30.50
C LEU B 323 21.11 23.24 31.23
N ILE B 324 20.04 22.77 30.61
CA ILE B 324 19.19 21.76 31.23
C ILE B 324 19.98 20.45 31.40
N TYR B 325 20.73 20.06 30.37
CA TYR B 325 21.54 18.85 30.44
C TYR B 325 22.58 18.94 31.54
N PHE B 326 23.29 20.06 31.62
CA PHE B 326 24.30 20.22 32.66
C PHE B 326 23.67 20.19 34.03
N LEU B 327 22.53 20.87 34.19
CA LEU B 327 21.80 20.90 35.46
C LEU B 327 21.42 19.50 35.91
N PHE B 328 20.93 18.67 34.98
CA PHE B 328 20.38 17.38 35.37
C PHE B 328 21.45 16.29 35.44
N THR B 329 22.14 16.02 34.33
CA THR B 329 23.11 14.92 34.31
C THR B 329 24.53 15.35 34.71
N ARG B 330 24.86 16.64 34.64
CA ARG B 330 26.16 17.15 35.09
C ARG B 330 27.29 16.55 34.26
N LYS B 331 27.17 16.68 32.94
CA LYS B 331 28.11 16.12 31.98
C LYS B 331 28.17 17.10 30.82
N ASN B 332 29.35 17.21 30.18
CA ASN B 332 29.66 18.26 29.20
C ASN B 332 28.65 18.27 28.04
N PRO B 333 27.70 19.21 28.03
CA PRO B 333 26.70 19.17 26.94
C PRO B 333 27.28 19.54 25.60
N TYR B 334 28.24 20.46 25.56
CA TYR B 334 28.81 20.86 24.28
C TYR B 334 29.69 19.75 23.71
N ARG B 335 30.34 18.96 24.56
CA ARG B 335 31.01 17.77 24.08
C ARG B 335 30.02 16.79 23.47
N PHE B 336 28.88 16.60 24.15
CA PHE B 336 27.85 15.74 23.58
C PHE B 336 27.34 16.28 22.26
N LEU B 337 27.19 17.61 22.15
CA LEU B 337 26.77 18.22 20.90
C LEU B 337 27.79 17.98 19.80
N TRP B 338 29.08 18.04 20.14
CA TRP B 338 30.08 17.76 19.12
C TRP B 338 30.04 16.30 18.69
N GLY B 339 29.60 15.42 19.58
CA GLY B 339 29.48 14.02 19.22
C GLY B 339 28.49 13.72 18.10
N ILE B 340 27.57 14.65 17.80
CA ILE B 340 26.44 14.41 16.91
C ILE B 340 26.41 15.40 15.75
N VAL B 341 27.57 15.88 15.33
CA VAL B 341 27.58 16.94 14.32
C VAL B 341 27.08 16.44 12.98
N THR B 342 27.34 15.18 12.65
CA THR B 342 26.97 14.68 11.33
C THR B 342 25.46 14.63 11.13
N PRO B 343 24.65 14.11 12.07
CA PRO B 343 23.19 14.25 11.91
C PRO B 343 22.71 15.68 11.87
N LEU B 344 23.34 16.58 12.62
CA LEU B 344 22.91 17.98 12.57
C LEU B 344 23.16 18.59 11.20
N ALA B 345 24.33 18.30 10.62
CA ALA B 345 24.62 18.78 9.28
C ALA B 345 23.68 18.13 8.26
N THR B 346 23.35 16.86 8.47
CA THR B 346 22.41 16.21 7.57
C THR B 346 21.03 16.84 7.69
N ALA B 347 20.63 17.24 8.89
CA ALA B 347 19.36 17.93 9.05
C ALA B 347 19.38 19.28 8.37
N PHE B 348 20.49 20.00 8.49
CA PHE B 348 20.61 21.30 7.83
C PHE B 348 20.53 21.14 6.31
N GLY B 349 21.19 20.13 5.77
CA GLY B 349 21.09 19.89 4.34
C GLY B 349 19.71 19.43 3.89
N THR B 350 19.16 18.42 4.57
CA THR B 350 17.95 17.75 4.13
C THR B 350 16.67 18.53 4.40
N SER B 351 16.60 19.20 5.55
CA SER B 351 15.39 19.87 6.01
C SER B 351 14.24 18.88 6.16
N SER B 352 14.55 17.73 6.76
CA SER B 352 13.52 16.79 7.19
C SER B 352 14.05 16.01 8.37
N SER B 353 13.31 16.02 9.47
CA SER B 353 13.67 15.20 10.63
C SER B 353 13.50 13.72 10.34
N SER B 354 12.68 13.38 9.34
CA SER B 354 12.56 12.00 8.88
C SER B 354 13.91 11.45 8.45
N ALA B 355 14.58 12.19 7.57
CA ALA B 355 15.75 11.66 6.89
C ALA B 355 16.93 11.47 7.86
N THR B 356 17.13 12.42 8.76
CA THR B 356 18.34 12.41 9.58
C THR B 356 18.26 11.42 10.74
N LEU B 357 17.09 10.89 11.06
CA LEU B 357 16.94 10.11 12.29
C LEU B 357 17.73 8.81 12.29
N PRO B 358 17.77 8.01 11.22
CA PRO B 358 18.62 6.80 11.26
C PRO B 358 20.08 7.09 11.52
N LEU B 359 20.63 8.10 10.84
CA LEU B 359 22.00 8.53 11.07
C LEU B 359 22.18 8.96 12.52
N MET B 360 21.18 9.64 13.07
CA MET B 360 21.26 10.10 14.44
C MET B 360 21.26 8.95 15.43
N MET B 361 20.37 7.98 15.25
CA MET B 361 20.31 6.89 16.21
C MET B 361 21.56 6.05 16.16
N LYS B 362 22.12 5.89 14.94
CA LYS B 362 23.44 5.26 14.82
C LYS B 362 24.49 6.03 15.59
N CYS B 363 24.58 7.35 15.39
CA CYS B 363 25.64 8.12 16.00
C CYS B 363 25.50 8.18 17.52
N VAL B 364 24.26 8.28 18.01
CA VAL B 364 24.07 8.37 19.46
C VAL B 364 24.38 7.05 20.13
N GLU B 365 23.90 5.93 19.57
CA GLU B 365 24.21 4.65 20.19
C GLU B 365 25.69 4.30 20.06
N GLU B 366 26.35 4.72 18.98
CA GLU B 366 27.73 4.34 18.75
C GLU B 366 28.70 5.26 19.51
N ASN B 367 28.71 6.55 19.18
CA ASN B 367 29.72 7.44 19.72
C ASN B 367 29.46 7.77 21.18
N ASN B 368 28.35 8.44 21.45
CA ASN B 368 28.02 8.83 22.81
C ASN B 368 27.55 7.63 23.61
N GLY B 369 27.77 7.68 24.91
CA GLY B 369 27.43 6.58 25.78
C GLY B 369 25.98 6.62 26.23
N VAL B 370 25.07 6.57 25.27
CA VAL B 370 23.63 6.57 25.54
C VAL B 370 23.15 5.14 25.42
N ALA B 371 22.21 4.77 26.28
CA ALA B 371 21.75 3.38 26.33
C ALA B 371 20.96 3.05 25.08
N LYS B 372 21.11 1.79 24.65
CA LYS B 372 20.51 1.36 23.39
C LYS B 372 18.99 1.39 23.46
N HIS B 373 18.42 0.81 24.52
CA HIS B 373 16.96 0.78 24.66
C HIS B 373 16.37 2.18 24.84
N ILE B 374 17.03 3.03 25.64
CA ILE B 374 16.53 4.38 25.85
C ILE B 374 16.56 5.16 24.54
N SER B 375 17.65 5.00 23.78
CA SER B 375 17.75 5.65 22.48
C SER B 375 16.62 5.20 21.56
N ARG B 376 16.40 3.89 21.49
CA ARG B 376 15.36 3.33 20.63
C ARG B 376 13.99 3.88 20.99
N PHE B 377 13.68 3.94 22.28
CA PHE B 377 12.35 4.36 22.67
C PHE B 377 12.15 5.86 22.49
N ILE B 378 13.18 6.66 22.78
CA ILE B 378 13.00 8.10 22.89
C ILE B 378 13.12 8.77 21.53
N LEU B 379 14.23 8.52 20.83
CA LEU B 379 14.55 9.34 19.67
C LEU B 379 13.52 9.31 18.55
N PRO B 380 12.90 8.18 18.21
CA PRO B 380 11.77 8.26 17.27
C PRO B 380 10.62 9.11 17.78
N ILE B 381 10.24 8.94 19.05
CA ILE B 381 9.18 9.76 19.62
C ILE B 381 9.59 11.22 19.64
N GLY B 382 10.88 11.49 19.81
CA GLY B 382 11.34 12.86 19.73
C GLY B 382 11.12 13.47 18.36
N ALA B 383 11.31 12.67 17.32
CA ALA B 383 11.24 13.21 15.97
C ALA B 383 9.82 13.57 15.58
N THR B 384 8.85 12.76 16.00
CA THR B 384 7.45 12.94 15.60
C THR B 384 6.66 13.84 16.53
N VAL B 385 7.24 14.30 17.63
CA VAL B 385 6.53 15.11 18.62
C VAL B 385 7.30 16.39 18.90
N ASN B 386 8.53 16.26 19.35
CA ASN B 386 9.35 17.43 19.61
C ASN B 386 9.71 18.09 18.30
N MET B 387 9.18 19.29 18.09
CA MET B 387 9.67 20.20 17.06
C MET B 387 9.85 21.57 17.69
N ASP B 388 10.98 21.74 18.38
CA ASP B 388 11.27 22.99 19.04
C ASP B 388 11.42 24.11 18.04
N GLY B 389 12.20 23.87 17.00
CA GLY B 389 12.41 24.89 15.99
C GLY B 389 11.14 25.22 15.23
N ALA B 390 10.31 24.21 14.97
CA ALA B 390 9.06 24.45 14.27
C ALA B 390 8.16 25.36 15.07
N ALA B 391 8.00 25.06 16.36
CA ALA B 391 7.19 25.94 17.21
C ALA B 391 7.81 27.32 17.29
N LEU B 392 9.15 27.39 17.34
CA LEU B 392 9.86 28.65 17.42
C LEU B 392 9.56 29.52 16.20
N PHE B 393 9.90 29.06 15.00
CA PHE B 393 9.74 29.94 13.86
C PHE B 393 8.29 30.11 13.46
N GLN B 394 7.40 29.18 13.83
CA GLN B 394 5.98 29.45 13.63
C GLN B 394 5.53 30.63 14.48
N CYS B 395 5.93 30.63 15.75
CA CYS B 395 5.58 31.75 16.62
C CYS B 395 6.22 33.05 16.16
N VAL B 396 7.47 32.97 15.72
CA VAL B 396 8.18 34.17 15.27
C VAL B 396 7.53 34.71 13.99
N ALA B 397 7.11 33.82 13.09
CA ALA B 397 6.43 34.27 11.89
C ALA B 397 5.12 34.94 12.23
N ALA B 398 4.36 34.37 13.16
CA ALA B 398 3.11 34.98 13.59
C ALA B 398 3.36 36.37 14.18
N VAL B 399 4.39 36.48 15.03
CA VAL B 399 4.67 37.76 15.65
C VAL B 399 5.16 38.77 14.63
N PHE B 400 5.89 38.31 13.61
CA PHE B 400 6.36 39.22 12.57
C PHE B 400 5.21 39.78 11.76
N ILE B 401 4.31 38.89 11.29
CA ILE B 401 3.18 39.36 10.50
C ILE B 401 2.23 40.21 11.33
N ALA B 402 2.19 39.97 12.65
CA ALA B 402 1.41 40.84 13.52
C ALA B 402 2.12 42.17 13.74
N GLN B 403 3.45 42.17 13.80
CA GLN B 403 4.20 43.40 14.02
C GLN B 403 4.03 44.36 12.86
N LEU B 404 4.13 43.86 11.63
CA LEU B 404 3.63 44.65 10.51
C LEU B 404 2.12 44.73 10.62
N SER B 405 1.57 45.90 10.30
CA SER B 405 0.19 46.34 10.51
C SER B 405 -0.09 46.73 11.97
N GLN B 406 0.88 46.59 12.88
CA GLN B 406 0.80 47.12 14.25
C GLN B 406 -0.39 46.52 15.02
N GLN B 407 -0.35 45.22 15.21
CA GLN B 407 -1.30 44.53 16.07
C GLN B 407 -0.84 44.59 17.52
N SER B 408 -1.77 44.31 18.44
CA SER B 408 -1.50 44.52 19.86
C SER B 408 -0.71 43.34 20.46
N LEU B 409 -1.35 42.18 20.55
CA LEU B 409 -0.76 40.96 21.11
C LEU B 409 -0.19 41.19 22.52
N ASP B 410 -1.09 41.50 23.46
CA ASP B 410 -0.62 41.97 24.76
C ASP B 410 -0.18 40.80 25.66
N PHE B 411 -1.13 39.96 26.10
CA PHE B 411 -0.81 38.81 26.96
C PHE B 411 -1.60 37.56 26.56
N VAL B 412 -2.89 37.75 26.30
CA VAL B 412 -3.77 36.61 26.03
C VAL B 412 -3.45 36.00 24.68
N LYS B 413 -3.28 36.85 23.66
CA LYS B 413 -2.92 36.34 22.35
C LYS B 413 -1.54 35.72 22.36
N ILE B 414 -0.64 36.24 23.20
CA ILE B 414 0.69 35.65 23.32
C ILE B 414 0.58 34.23 23.86
N ILE B 415 -0.23 34.05 24.92
CA ILE B 415 -0.42 32.72 25.48
C ILE B 415 -1.10 31.80 24.46
N THR B 416 -2.02 32.36 23.67
CA THR B 416 -2.71 31.57 22.66
C THR B 416 -1.74 31.07 21.60
N ILE B 417 -0.86 31.94 21.13
CA ILE B 417 0.10 31.55 20.12
C ILE B 417 1.06 30.51 20.69
N LEU B 418 1.46 30.69 21.95
CA LEU B 418 2.32 29.70 22.61
C LEU B 418 1.68 28.32 22.63
N VAL B 419 0.43 28.24 23.10
CA VAL B 419 -0.20 26.94 23.29
C VAL B 419 -0.50 26.29 21.94
N THR B 420 -0.98 27.08 20.97
CA THR B 420 -1.29 26.48 19.67
C THR B 420 -0.03 26.11 18.92
N ALA B 421 1.08 26.84 19.12
CA ALA B 421 2.36 26.42 18.55
C ALA B 421 2.83 25.11 19.20
N THR B 422 2.67 24.99 20.52
CA THR B 422 3.09 23.78 21.21
C THR B 422 2.31 22.57 20.74
N ALA B 423 1.01 22.74 20.52
CA ALA B 423 0.21 21.64 19.99
C ALA B 423 0.50 21.39 18.51
N SER B 424 0.77 22.44 17.74
CA SER B 424 1.06 22.27 16.33
C SER B 424 2.44 21.69 16.08
N SER B 425 3.31 21.65 17.10
CA SER B 425 4.55 20.90 17.01
C SER B 425 4.29 19.46 16.58
N VAL B 426 3.27 18.84 17.15
CA VAL B 426 2.82 17.52 16.73
C VAL B 426 1.75 17.60 15.65
N GLY B 427 1.02 18.73 15.58
CA GLY B 427 0.03 18.90 14.51
C GLY B 427 0.64 18.85 13.13
N ALA B 428 1.76 19.54 12.93
CA ALA B 428 2.51 19.48 11.68
C ALA B 428 3.32 18.19 11.54
N ALA B 429 3.40 17.35 12.57
CA ALA B 429 4.31 16.22 12.55
C ALA B 429 3.80 15.10 11.66
N GLY B 430 2.51 14.79 11.74
CA GLY B 430 1.98 13.69 10.96
C GLY B 430 2.03 13.96 9.46
N ILE B 431 1.83 15.20 9.06
CA ILE B 431 1.80 15.61 7.65
C ILE B 431 3.20 16.10 7.27
N PRO B 432 3.88 15.49 6.28
CA PRO B 432 5.15 16.09 5.82
C PRO B 432 4.98 17.28 4.90
N ALA B 433 3.85 17.40 4.20
CA ALA B 433 3.70 18.50 3.25
C ALA B 433 3.60 19.85 3.95
N GLY B 434 3.02 19.88 5.15
CA GLY B 434 2.85 21.13 5.86
C GLY B 434 4.11 21.63 6.52
N GLY B 435 5.08 22.08 5.71
CA GLY B 435 6.30 22.63 6.26
C GLY B 435 6.06 23.89 7.08
N VAL B 436 5.27 24.82 6.54
CA VAL B 436 4.80 26.00 7.26
C VAL B 436 3.30 26.22 7.02
N LEU B 437 2.60 25.21 6.51
CA LEU B 437 1.18 25.37 6.23
C LEU B 437 0.36 25.57 7.50
N THR B 438 0.87 25.09 8.64
CA THR B 438 0.09 25.11 9.87
C THR B 438 -0.04 26.52 10.44
N LEU B 439 0.72 27.48 9.95
CA LEU B 439 0.56 28.85 10.45
C LEU B 439 -0.79 29.43 10.07
N ALA B 440 -1.36 28.99 8.94
CA ALA B 440 -2.66 29.50 8.52
C ALA B 440 -3.76 29.13 9.52
N ILE B 441 -3.74 27.89 10.03
CA ILE B 441 -4.80 27.48 10.95
C ILE B 441 -4.63 28.18 12.30
N ILE B 442 -3.38 28.48 12.69
CA ILE B 442 -3.12 29.29 13.88
C ILE B 442 -3.77 30.66 13.73
N LEU B 443 -3.49 31.31 12.59
CA LEU B 443 -4.04 32.64 12.36
C LEU B 443 -5.55 32.60 12.17
N GLU B 444 -6.10 31.45 11.75
CA GLU B 444 -7.55 31.27 11.75
C GLU B 444 -8.09 31.21 13.18
N ALA B 445 -7.36 30.54 14.07
CA ALA B 445 -7.77 30.45 15.46
C ALA B 445 -7.81 31.82 16.11
N VAL B 446 -6.80 32.65 15.85
CA VAL B 446 -6.62 33.94 16.51
C VAL B 446 -6.87 35.13 15.58
N ASN B 447 -7.23 34.89 14.31
CA ASN B 447 -7.82 35.89 13.42
C ASN B 447 -6.88 37.08 13.17
N LEU B 448 -5.78 36.79 12.51
CA LEU B 448 -4.78 37.74 12.06
C LEU B 448 -4.75 37.84 10.53
N PRO B 449 -4.03 38.83 9.98
CA PRO B 449 -3.93 38.89 8.51
C PRO B 449 -3.09 37.76 7.93
N VAL B 450 -3.76 36.85 7.23
CA VAL B 450 -3.13 35.77 6.47
C VAL B 450 -2.87 36.25 5.03
N ASP B 451 -3.06 37.55 4.76
CA ASP B 451 -3.00 38.04 3.39
C ASP B 451 -1.61 37.97 2.78
N HIS B 452 -0.56 37.79 3.59
CA HIS B 452 0.83 37.79 3.15
C HIS B 452 1.60 36.62 3.75
N ILE B 453 0.90 35.50 4.01
CA ILE B 453 1.57 34.28 4.46
C ILE B 453 2.53 33.73 3.40
N SER B 454 2.32 34.07 2.13
CA SER B 454 3.21 33.58 1.08
C SER B 454 4.59 34.21 1.09
N LEU B 455 4.81 35.24 1.92
CA LEU B 455 6.14 35.84 2.03
C LEU B 455 7.18 34.83 2.47
N ILE B 456 6.84 34.00 3.46
CA ILE B 456 7.79 33.07 4.04
C ILE B 456 8.12 31.91 3.11
N LEU B 457 7.21 31.59 2.17
CA LEU B 457 7.42 30.44 1.30
C LEU B 457 8.65 30.61 0.42
N ALA B 458 9.01 31.86 0.10
CA ALA B 458 10.25 32.11 -0.63
C ALA B 458 11.47 31.75 0.20
N VAL B 459 11.39 31.96 1.52
CA VAL B 459 12.49 31.72 2.46
C VAL B 459 12.16 30.60 3.43
N ASP B 460 11.17 29.76 3.13
CA ASP B 460 10.91 28.61 3.99
C ASP B 460 12.04 27.60 3.93
N TRP B 461 12.71 27.48 2.78
CA TRP B 461 13.77 26.50 2.60
C TRP B 461 15.01 26.76 3.45
N LEU B 462 15.13 27.94 4.06
CA LEU B 462 16.31 28.30 4.85
C LEU B 462 16.11 28.01 6.33
N VAL B 463 15.08 28.61 6.92
CA VAL B 463 14.85 28.51 8.35
C VAL B 463 14.43 27.12 8.78
N ASP B 464 13.72 26.39 7.90
CA ASP B 464 13.32 25.02 8.20
C ASP B 464 14.53 24.11 8.41
N ARG B 465 15.66 24.44 7.80
CA ARG B 465 16.87 23.67 8.00
C ARG B 465 17.34 23.76 9.45
N SER B 466 17.47 24.99 9.95
CA SER B 466 17.87 25.19 11.33
C SER B 466 16.84 24.64 12.29
N CYS B 467 15.55 24.70 11.90
CA CYS B 467 14.52 24.03 12.68
C CYS B 467 14.79 22.55 12.83
N THR B 468 15.11 21.87 11.72
CA THR B 468 15.38 20.44 11.77
C THR B 468 16.58 20.13 12.66
N VAL B 469 17.60 20.99 12.57
CA VAL B 469 18.79 20.86 13.41
C VAL B 469 18.39 20.88 14.87
N LEU B 470 17.58 21.87 15.24
CA LEU B 470 17.24 22.02 16.65
C LEU B 470 16.32 20.91 17.11
N ASN B 471 15.45 20.41 16.24
CA ASN B 471 14.54 19.35 16.62
C ASN B 471 15.30 18.08 16.98
N VAL B 472 16.22 17.67 16.11
CA VAL B 472 16.99 16.47 16.42
C VAL B 472 17.88 16.68 17.63
N GLU B 473 18.39 17.91 17.80
CA GLU B 473 19.19 18.22 18.98
C GLU B 473 18.38 18.07 20.27
N GLY B 474 17.15 18.59 20.28
CA GLY B 474 16.32 18.45 21.46
C GLY B 474 15.97 17.00 21.74
N ASP B 475 15.77 16.21 20.68
CA ASP B 475 15.51 14.78 20.86
C ASP B 475 16.67 14.09 21.55
N ALA B 476 17.90 14.35 21.08
CA ALA B 476 19.05 13.71 21.68
C ALA B 476 19.27 14.16 23.12
N LEU B 477 19.05 15.44 23.40
CA LEU B 477 19.26 15.92 24.76
C LEU B 477 18.24 15.32 25.72
N GLY B 478 17.00 15.16 25.26
CA GLY B 478 16.03 14.43 26.05
C GLY B 478 16.45 12.99 26.29
N ALA B 479 17.01 12.35 25.27
CA ALA B 479 17.46 10.98 25.42
C ALA B 479 18.58 10.87 26.44
N GLY B 480 19.54 11.79 26.40
CA GLY B 480 20.63 11.76 27.35
C GLY B 480 20.17 12.00 28.78
N LEU B 481 19.29 13.00 28.96
CA LEU B 481 18.75 13.28 30.28
C LEU B 481 18.02 12.08 30.84
N LEU B 482 17.18 11.44 30.02
CA LEU B 482 16.39 10.33 30.52
C LEU B 482 17.23 9.08 30.70
N GLN B 483 18.32 8.94 29.93
CA GLN B 483 19.27 7.87 30.19
C GLN B 483 19.88 8.04 31.57
N ASN B 484 20.30 9.25 31.90
CA ASN B 484 20.89 9.47 33.22
C ASN B 484 19.84 9.31 34.32
N TYR B 485 18.59 9.70 34.06
CA TYR B 485 17.53 9.53 35.05
C TYR B 485 17.24 8.07 35.32
N VAL B 486 17.17 7.25 34.27
CA VAL B 486 16.97 5.81 34.45
C VAL B 486 18.18 5.18 35.11
N ASP B 487 19.39 5.67 34.79
CA ASP B 487 20.59 5.15 35.41
C ASP B 487 20.60 5.42 36.91
N ARG B 488 20.19 6.62 37.32
CA ARG B 488 20.10 6.95 38.74
C ARG B 488 19.03 6.11 39.41
N ARG C 47 -16.24 -15.89 39.79
CA ARG C 47 -16.25 -14.47 40.07
C ARG C 47 -17.25 -13.75 39.15
N CYS C 48 -18.53 -13.82 39.53
CA CYS C 48 -19.60 -13.28 38.68
C CYS C 48 -19.49 -11.77 38.53
N LEU C 49 -19.16 -11.07 39.63
CA LEU C 49 -19.13 -9.60 39.63
C LEU C 49 -18.10 -9.07 38.63
N ARG C 50 -16.92 -9.70 38.58
CA ARG C 50 -15.89 -9.28 37.63
C ARG C 50 -16.09 -9.88 36.25
N ALA C 51 -16.70 -11.07 36.17
CA ALA C 51 -16.86 -11.72 34.88
C ALA C 51 -17.90 -11.01 34.02
N ASN C 52 -19.06 -10.70 34.59
CA ASN C 52 -20.16 -10.09 33.86
C ASN C 52 -20.05 -8.56 33.77
N LEU C 53 -18.94 -7.98 34.23
CA LEU C 53 -18.79 -6.53 34.24
C LEU C 53 -18.82 -5.97 32.83
N LEU C 54 -18.11 -6.61 31.91
CA LEU C 54 -18.04 -6.11 30.53
C LEU C 54 -19.40 -6.17 29.85
N VAL C 55 -20.13 -7.26 30.07
CA VAL C 55 -21.45 -7.42 29.46
C VAL C 55 -22.39 -6.34 29.99
N LEU C 56 -22.37 -6.11 31.31
CA LEU C 56 -23.12 -5.03 31.89
C LEU C 56 -22.73 -3.69 31.28
N LEU C 57 -21.43 -3.50 31.07
CA LEU C 57 -20.94 -2.20 30.64
C LEU C 57 -21.36 -1.90 29.21
N THR C 58 -21.29 -2.90 28.32
CA THR C 58 -21.66 -2.64 26.94
C THR C 58 -23.17 -2.55 26.77
N VAL C 59 -23.96 -3.31 27.53
CA VAL C 59 -25.41 -3.15 27.45
C VAL C 59 -25.81 -1.77 27.96
N VAL C 60 -25.20 -1.33 29.07
CA VAL C 60 -25.44 0.00 29.59
C VAL C 60 -24.98 1.04 28.59
N ALA C 61 -23.90 0.77 27.85
CA ALA C 61 -23.42 1.71 26.85
C ALA C 61 -24.44 1.87 25.73
N VAL C 62 -24.99 0.77 25.24
CA VAL C 62 -25.98 0.85 24.17
C VAL C 62 -27.22 1.59 24.65
N VAL C 63 -27.71 1.24 25.84
CA VAL C 63 -28.92 1.86 26.36
C VAL C 63 -28.71 3.35 26.61
N ALA C 64 -27.59 3.71 27.23
CA ALA C 64 -27.31 5.10 27.51
C ALA C 64 -27.03 5.89 26.24
N GLY C 65 -26.46 5.25 25.23
CA GLY C 65 -26.28 5.92 23.96
C GLY C 65 -27.60 6.23 23.28
N VAL C 66 -28.53 5.26 23.34
CA VAL C 66 -29.88 5.50 22.82
C VAL C 66 -30.54 6.65 23.57
N ALA C 67 -30.44 6.63 24.89
CA ALA C 67 -31.07 7.68 25.69
C ALA C 67 -30.44 9.04 25.40
N LEU C 68 -29.11 9.09 25.30
CA LEU C 68 -28.41 10.32 25.02
C LEU C 68 -28.80 10.89 23.67
N GLY C 69 -28.85 10.03 22.65
CA GLY C 69 -29.20 10.51 21.32
C GLY C 69 -30.63 10.98 21.22
N LEU C 70 -31.56 10.23 21.84
CA LEU C 70 -32.96 10.64 21.82
C LEU C 70 -33.15 11.96 22.58
N GLY C 71 -32.48 12.09 23.73
CA GLY C 71 -32.58 13.33 24.48
C GLY C 71 -32.01 14.52 23.73
N VAL C 72 -30.88 14.31 23.04
CA VAL C 72 -30.27 15.38 22.29
C VAL C 72 -31.16 15.77 21.11
N SER C 73 -31.72 14.78 20.40
CA SER C 73 -32.56 15.08 19.26
C SER C 73 -33.85 15.77 19.69
N GLY C 74 -34.43 15.35 20.82
CA GLY C 74 -35.62 16.02 21.32
C GLY C 74 -35.33 17.43 21.82
N ALA C 75 -34.18 17.61 22.47
CA ALA C 75 -33.83 18.92 23.03
C ALA C 75 -33.31 19.90 21.98
N GLY C 76 -33.21 19.50 20.71
CA GLY C 76 -32.81 20.39 19.63
C GLY C 76 -31.91 19.68 18.64
N GLY C 77 -31.08 18.75 19.12
CA GLY C 77 -30.24 17.98 18.23
C GLY C 77 -29.25 18.85 17.48
N ALA C 78 -29.26 18.71 16.15
CA ALA C 78 -28.32 19.41 15.28
C ALA C 78 -28.37 20.92 15.47
N LEU C 79 -29.57 21.45 15.72
CA LEU C 79 -29.74 22.89 15.95
C LEU C 79 -28.90 23.36 17.13
N ALA C 80 -28.85 22.56 18.20
CA ALA C 80 -28.01 22.88 19.35
C ALA C 80 -26.59 22.36 19.22
N LEU C 81 -26.30 21.53 18.21
CA LEU C 81 -25.04 20.82 18.11
C LEU C 81 -24.10 21.44 17.08
N GLY C 82 -24.55 21.51 15.83
CA GLY C 82 -23.71 21.93 14.73
C GLY C 82 -22.94 20.76 14.15
N PRO C 83 -22.50 20.85 12.89
CA PRO C 83 -21.76 19.72 12.31
C PRO C 83 -20.42 19.46 12.97
N GLU C 84 -19.75 20.50 13.47
CA GLU C 84 -18.46 20.30 14.11
C GLU C 84 -18.60 19.48 15.39
N ARG C 85 -19.58 19.83 16.22
CA ARG C 85 -19.80 19.04 17.42
C ARG C 85 -20.41 17.69 17.10
N LEU C 86 -21.14 17.57 15.99
CA LEU C 86 -21.57 16.25 15.55
C LEU C 86 -20.38 15.36 15.23
N SER C 87 -19.39 15.91 14.54
CA SER C 87 -18.19 15.15 14.23
C SER C 87 -17.45 14.76 15.51
N ALA C 88 -17.33 15.70 16.45
CA ALA C 88 -16.67 15.36 17.71
C ALA C 88 -17.47 14.37 18.54
N PHE C 89 -18.80 14.35 18.38
CA PHE C 89 -19.66 13.45 19.13
C PHE C 89 -19.63 12.04 18.56
N VAL C 90 -19.57 11.93 17.22
CA VAL C 90 -19.44 10.63 16.57
C VAL C 90 -18.01 10.11 16.62
N PHE C 91 -17.03 10.99 16.82
CA PHE C 91 -15.63 10.61 16.65
C PHE C 91 -15.15 9.44 17.51
N PRO C 92 -15.59 9.28 18.77
CA PRO C 92 -15.26 8.04 19.48
C PRO C 92 -15.73 6.79 18.77
N GLY C 93 -16.88 6.85 18.11
CA GLY C 93 -17.32 5.70 17.33
C GLY C 93 -16.39 5.42 16.17
N GLU C 94 -16.02 6.47 15.44
CA GLU C 94 -15.06 6.34 14.35
C GLU C 94 -13.71 5.86 14.87
N LEU C 95 -13.38 6.21 16.10
CA LEU C 95 -12.10 5.81 16.67
C LEU C 95 -12.10 4.34 17.01
N LEU C 96 -13.22 3.86 17.55
CA LEU C 96 -13.33 2.44 17.83
C LEU C 96 -13.30 1.62 16.54
N LEU C 97 -13.97 2.12 15.50
CA LEU C 97 -13.94 1.41 14.23
C LEU C 97 -12.56 1.50 13.58
N ARG C 98 -11.81 2.56 13.84
CA ARG C 98 -10.45 2.64 13.34
C ARG C 98 -9.54 1.69 14.09
N LEU C 99 -9.79 1.49 15.38
CA LEU C 99 -9.00 0.56 16.15
C LEU C 99 -9.28 -0.88 15.75
N LEU C 100 -10.54 -1.22 15.54
CA LEU C 100 -10.90 -2.61 15.25
C LEU C 100 -10.68 -3.00 13.80
N ARG C 101 -10.53 -2.04 12.91
CA ARG C 101 -10.10 -2.29 11.55
C ARG C 101 -8.58 -2.30 11.39
N MET C 102 -7.85 -1.87 12.43
CA MET C 102 -6.40 -1.91 12.38
C MET C 102 -5.86 -3.30 12.56
N ILE C 103 -6.57 -4.13 13.32
CA ILE C 103 -6.06 -5.41 13.80
C ILE C 103 -6.70 -6.60 13.12
N ILE C 104 -7.75 -6.39 12.31
CA ILE C 104 -8.36 -7.54 11.66
C ILE C 104 -7.38 -8.15 10.66
N LEU C 105 -6.54 -7.33 10.04
CA LEU C 105 -5.55 -7.87 9.12
C LEU C 105 -4.54 -8.75 9.84
N PRO C 106 -3.83 -8.28 10.88
CA PRO C 106 -2.95 -9.16 11.65
C PRO C 106 -3.65 -10.38 12.22
N LEU C 107 -4.83 -10.19 12.76
CA LEU C 107 -5.48 -11.25 13.50
C LEU C 107 -5.98 -12.32 12.54
N VAL C 108 -6.60 -11.90 11.44
CA VAL C 108 -7.11 -12.84 10.45
C VAL C 108 -5.96 -13.62 9.83
N VAL C 109 -4.95 -12.89 9.32
CA VAL C 109 -3.87 -13.54 8.59
C VAL C 109 -3.11 -14.51 9.49
N CYS C 110 -2.68 -14.03 10.65
CA CYS C 110 -1.88 -14.85 11.53
C CYS C 110 -2.69 -15.93 12.21
N SER C 111 -3.98 -15.71 12.45
CA SER C 111 -4.80 -16.75 13.04
C SER C 111 -5.04 -17.87 12.06
N LEU C 112 -5.31 -17.54 10.80
CA LEU C 112 -5.52 -18.59 9.82
C LEU C 112 -4.25 -19.36 9.55
N ILE C 113 -3.10 -18.67 9.55
CA ILE C 113 -1.84 -19.37 9.37
C ILE C 113 -1.53 -20.26 10.57
N GLY C 114 -1.87 -19.82 11.77
CA GLY C 114 -1.66 -20.63 12.96
C GLY C 114 -2.68 -21.71 13.20
N GLY C 115 -3.81 -21.66 12.51
CA GLY C 115 -4.88 -22.61 12.70
C GLY C 115 -4.90 -23.67 11.61
N ALA C 116 -4.61 -23.26 10.38
CA ALA C 116 -4.57 -24.20 9.27
C ALA C 116 -3.45 -25.21 9.46
N ALA C 117 -2.30 -24.76 9.98
CA ALA C 117 -1.14 -25.60 10.17
C ALA C 117 -1.08 -26.19 11.57
N SER C 118 -2.24 -26.45 12.17
CA SER C 118 -2.35 -27.18 13.41
C SER C 118 -3.00 -28.56 13.24
N LEU C 119 -3.62 -28.81 12.09
CA LEU C 119 -4.21 -30.11 11.79
C LEU C 119 -3.86 -30.45 10.35
N ASP C 120 -3.80 -31.74 10.06
CA ASP C 120 -3.32 -32.20 8.78
C ASP C 120 -4.28 -31.78 7.66
N PRO C 121 -3.81 -31.69 6.41
CA PRO C 121 -4.69 -31.19 5.34
C PRO C 121 -5.93 -32.03 5.08
N GLY C 122 -5.91 -33.32 5.37
CA GLY C 122 -7.13 -34.11 5.21
C GLY C 122 -8.23 -33.67 6.14
N ALA C 123 -7.91 -33.58 7.43
CA ALA C 123 -8.88 -33.09 8.40
C ALA C 123 -9.24 -31.65 8.13
N LEU C 124 -8.29 -30.86 7.65
CA LEU C 124 -8.59 -29.48 7.30
C LEU C 124 -9.57 -29.39 6.16
N GLY C 125 -9.41 -30.24 5.15
CA GLY C 125 -10.32 -30.23 4.03
C GLY C 125 -11.71 -30.65 4.44
N ARG C 126 -11.80 -31.67 5.29
CA ARG C 126 -13.11 -32.07 5.79
C ARG C 126 -13.74 -30.96 6.62
N LEU C 127 -12.97 -30.34 7.51
CA LEU C 127 -13.51 -29.29 8.36
C LEU C 127 -13.96 -28.09 7.52
N GLY C 128 -13.16 -27.70 6.53
CA GLY C 128 -13.56 -26.60 5.67
C GLY C 128 -14.80 -26.91 4.86
N ALA C 129 -14.91 -28.15 4.38
CA ALA C 129 -16.08 -28.52 3.59
C ALA C 129 -17.34 -28.54 4.45
N TRP C 130 -17.27 -29.16 5.62
CA TRP C 130 -18.45 -29.17 6.49
C TRP C 130 -18.78 -27.77 6.98
N ALA C 131 -17.78 -26.91 7.14
CA ALA C 131 -18.05 -25.54 7.53
C ALA C 131 -18.75 -24.76 6.42
N LEU C 132 -18.28 -24.90 5.19
CA LEU C 132 -18.94 -24.21 4.08
C LEU C 132 -20.34 -24.72 3.89
N LEU C 133 -20.54 -26.03 4.04
CA LEU C 133 -21.88 -26.59 3.96
C LEU C 133 -22.78 -26.02 5.05
N PHE C 134 -22.25 -25.90 6.26
CA PHE C 134 -23.03 -25.32 7.36
C PHE C 134 -23.39 -23.87 7.07
N PHE C 135 -22.43 -23.07 6.60
CA PHE C 135 -22.70 -21.67 6.32
C PHE C 135 -23.73 -21.53 5.22
N LEU C 136 -23.60 -22.35 4.17
CA LEU C 136 -24.53 -22.32 3.06
C LEU C 136 -25.94 -22.67 3.53
N VAL C 137 -26.06 -23.70 4.36
CA VAL C 137 -27.37 -24.14 4.82
C VAL C 137 -27.99 -23.09 5.72
N THR C 138 -27.20 -22.49 6.61
CA THR C 138 -27.75 -21.49 7.51
C THR C 138 -28.19 -20.24 6.76
N THR C 139 -27.39 -19.80 5.79
CA THR C 139 -27.78 -18.65 4.98
C THR C 139 -29.05 -18.94 4.18
N LEU C 140 -29.15 -20.14 3.63
CA LEU C 140 -30.33 -20.53 2.87
C LEU C 140 -31.57 -20.58 3.75
N LEU C 141 -31.43 -21.16 4.95
CA LEU C 141 -32.55 -21.19 5.89
C LEU C 141 -32.96 -19.78 6.29
N ALA C 142 -31.99 -18.87 6.44
CA ALA C 142 -32.30 -17.49 6.76
C ALA C 142 -33.12 -16.84 5.65
N SER C 143 -32.70 -17.06 4.40
CA SER C 143 -33.42 -16.47 3.28
C SER C 143 -34.83 -17.04 3.15
N ALA C 144 -34.98 -18.35 3.36
CA ALA C 144 -36.30 -18.95 3.31
C ALA C 144 -37.18 -18.42 4.43
N LEU C 145 -36.60 -18.18 5.60
CA LEU C 145 -37.34 -17.58 6.70
C LEU C 145 -37.79 -16.18 6.34
N GLY C 146 -36.92 -15.44 5.64
CA GLY C 146 -37.29 -14.11 5.18
C GLY C 146 -38.47 -14.13 4.23
N VAL C 147 -38.47 -15.08 3.29
CA VAL C 147 -39.60 -15.24 2.37
C VAL C 147 -40.86 -15.58 3.15
N GLY C 148 -40.75 -16.51 4.09
CA GLY C 148 -41.91 -16.97 4.81
C GLY C 148 -42.53 -15.87 5.67
N LEU C 149 -41.69 -14.98 6.20
CA LEU C 149 -42.21 -13.89 7.01
C LEU C 149 -42.79 -12.79 6.14
N ALA C 150 -42.04 -12.34 5.13
CA ALA C 150 -42.50 -11.22 4.31
C ALA C 150 -43.73 -11.60 3.49
N LEU C 151 -43.86 -12.86 3.12
CA LEU C 151 -45.05 -13.32 2.41
C LEU C 151 -46.27 -13.28 3.31
N ALA C 152 -46.10 -13.60 4.60
CA ALA C 152 -47.22 -13.70 5.52
C ALA C 152 -47.62 -12.33 6.06
N LEU C 153 -46.69 -11.63 6.69
CA LEU C 153 -47.00 -10.33 7.29
C LEU C 153 -47.39 -9.29 6.24
N GLN C 154 -46.89 -9.45 5.01
CA GLN C 154 -47.19 -8.58 3.88
C GLN C 154 -46.82 -7.13 4.20
N PRO C 155 -45.53 -6.82 4.39
CA PRO C 155 -45.16 -5.43 4.68
C PRO C 155 -45.38 -4.49 3.50
N GLY C 156 -45.51 -5.01 2.28
CA GLY C 156 -45.78 -4.19 1.10
C GLY C 156 -47.25 -3.94 0.86
N ALA C 157 -48.07 -3.98 1.90
CA ALA C 157 -49.47 -3.60 1.78
C ALA C 157 -49.57 -2.10 1.49
N ALA C 158 -50.75 -1.69 1.03
CA ALA C 158 -50.97 -0.29 0.69
C ALA C 158 -50.87 0.58 1.93
N SER C 159 -49.90 1.49 1.93
CA SER C 159 -49.64 2.36 3.08
C SER C 159 -48.80 3.53 2.60
N ALA C 160 -48.28 4.31 3.57
CA ALA C 160 -47.43 5.45 3.25
C ALA C 160 -46.21 5.02 2.44
N ALA C 161 -45.69 3.82 2.69
CA ALA C 161 -44.56 3.29 1.94
C ALA C 161 -44.83 3.14 0.44
N ILE C 162 -46.08 3.25 -0.01
CA ILE C 162 -46.35 3.23 -1.44
C ILE C 162 -45.67 4.41 -2.13
N ASN C 163 -45.60 5.57 -1.46
CA ASN C 163 -44.98 6.73 -2.12
C ASN C 163 -43.46 6.56 -2.13
N ALA C 164 -42.85 6.96 -3.25
CA ALA C 164 -41.41 6.85 -3.41
C ALA C 164 -40.78 8.02 -4.16
N SER C 165 -41.55 9.07 -4.49
CA SER C 165 -40.96 10.21 -5.17
C SER C 165 -39.94 10.91 -4.29
N VAL C 166 -40.24 11.07 -3.01
CA VAL C 166 -39.34 11.76 -2.09
C VAL C 166 -38.05 10.96 -1.93
N GLY C 167 -38.17 9.64 -1.77
CA GLY C 167 -37.00 8.81 -1.60
C GLY C 167 -36.14 8.69 -2.85
N ALA C 168 -36.77 8.35 -3.98
CA ALA C 168 -36.01 8.12 -5.21
C ALA C 168 -35.64 9.44 -5.87
N ALA C 169 -36.64 10.21 -6.31
CA ALA C 169 -36.43 11.46 -7.03
C ALA C 169 -35.58 11.28 -8.29
N GLY C 170 -35.70 10.12 -8.94
CA GLY C 170 -35.00 9.85 -10.18
C GLY C 170 -33.57 9.37 -10.03
N SER C 171 -32.99 9.45 -8.84
CA SER C 171 -31.60 9.03 -8.63
C SER C 171 -31.45 7.52 -8.42
N ALA C 172 -32.55 6.81 -8.18
CA ALA C 172 -32.45 5.36 -7.93
C ALA C 172 -31.99 4.61 -9.17
N GLU C 173 -32.57 4.93 -10.33
CA GLU C 173 -32.22 4.22 -11.56
C GLU C 173 -30.76 4.44 -11.94
N ASN C 174 -30.27 5.67 -11.78
CA ASN C 174 -28.88 5.99 -12.07
C ASN C 174 -27.98 5.26 -11.07
N ALA C 175 -27.19 4.31 -11.57
CA ALA C 175 -26.29 3.54 -10.72
C ALA C 175 -25.28 2.84 -11.62
N PRO C 176 -24.22 2.25 -11.05
CA PRO C 176 -23.31 1.46 -11.89
C PRO C 176 -23.98 0.27 -12.58
N SER C 177 -24.97 -0.34 -11.93
CA SER C 177 -25.73 -1.46 -12.48
C SER C 177 -24.80 -2.63 -12.84
N LYS C 178 -24.05 -3.06 -11.83
CA LYS C 178 -23.06 -4.11 -12.05
C LYS C 178 -23.74 -5.42 -12.41
N GLU C 179 -23.23 -6.08 -13.45
CA GLU C 179 -23.80 -7.35 -13.87
C GLU C 179 -23.47 -8.43 -12.86
N VAL C 180 -24.26 -9.50 -12.88
CA VAL C 180 -24.05 -10.60 -11.95
C VAL C 180 -22.78 -11.35 -12.30
N LEU C 181 -22.54 -11.57 -13.60
CA LEU C 181 -21.32 -12.23 -14.03
C LEU C 181 -20.10 -11.41 -13.64
N ASP C 182 -20.18 -10.09 -13.82
CA ASP C 182 -19.05 -9.25 -13.47
C ASP C 182 -18.84 -9.23 -11.97
N SER C 183 -19.91 -9.32 -11.19
CA SER C 183 -19.76 -9.41 -9.74
C SER C 183 -19.08 -10.71 -9.34
N PHE C 184 -19.45 -11.81 -9.98
CA PHE C 184 -18.81 -13.09 -9.64
C PHE C 184 -17.36 -13.11 -10.09
N LEU C 185 -17.06 -12.47 -11.21
CA LEU C 185 -15.67 -12.40 -11.64
C LEU C 185 -14.85 -11.53 -10.70
N ASP C 186 -15.40 -10.41 -10.24
CA ASP C 186 -14.69 -9.61 -9.26
C ASP C 186 -14.52 -10.35 -7.95
N LEU C 187 -15.48 -11.22 -7.61
CA LEU C 187 -15.32 -12.06 -6.44
C LEU C 187 -14.14 -13.01 -6.61
N ALA C 188 -14.08 -13.69 -7.75
CA ALA C 188 -13.01 -14.64 -7.97
C ALA C 188 -11.67 -13.99 -8.32
N ARG C 189 -11.65 -12.69 -8.53
CA ARG C 189 -10.42 -11.92 -8.68
C ARG C 189 -9.96 -11.28 -7.39
N ASN C 190 -10.89 -11.03 -6.46
CA ASN C 190 -10.50 -10.66 -5.11
C ASN C 190 -10.04 -11.87 -4.34
N ILE C 191 -10.63 -13.03 -4.62
CA ILE C 191 -9.94 -14.29 -4.37
C ILE C 191 -8.80 -14.36 -5.37
N PHE C 192 -7.67 -14.88 -4.93
CA PHE C 192 -6.47 -14.94 -5.73
C PHE C 192 -6.05 -13.53 -6.13
N PRO C 193 -5.65 -12.70 -5.17
CA PRO C 193 -5.32 -11.31 -5.50
C PRO C 193 -4.08 -11.22 -6.36
N SER C 194 -3.94 -10.08 -7.02
CA SER C 194 -2.77 -9.82 -7.84
C SER C 194 -1.57 -9.47 -6.99
N ASN C 195 -1.80 -8.73 -5.92
CA ASN C 195 -0.76 -8.36 -4.97
C ASN C 195 -1.31 -8.41 -3.57
N LEU C 196 -0.52 -8.95 -2.67
CA LEU C 196 -0.96 -9.15 -1.30
C LEU C 196 -1.01 -7.84 -0.55
N VAL C 197 0.00 -7.00 -0.73
CA VAL C 197 0.07 -5.71 -0.05
C VAL C 197 -1.10 -4.82 -0.45
N SER C 198 -1.36 -4.73 -1.75
CA SER C 198 -2.51 -3.97 -2.22
C SER C 198 -3.80 -4.58 -1.71
N ALA C 199 -3.86 -5.89 -1.65
CA ALA C 199 -5.00 -6.58 -1.08
C ALA C 199 -5.19 -6.32 0.40
N ALA C 200 -4.18 -5.79 1.09
CA ALA C 200 -4.38 -5.39 2.47
C ALA C 200 -5.16 -4.10 2.60
N PHE C 201 -5.36 -3.35 1.52
CA PHE C 201 -6.29 -2.22 1.60
C PHE C 201 -7.02 -1.93 0.30
N ARG C 202 -6.98 -2.80 -0.71
CA ARG C 202 -7.66 -2.55 -1.97
C ARG C 202 -8.29 -3.82 -2.49
N SER C 203 -9.36 -3.63 -3.24
CA SER C 203 -10.13 -4.70 -3.83
C SER C 203 -10.47 -4.30 -5.25
N TYR C 204 -10.80 -5.31 -6.05
CA TYR C 204 -11.00 -5.13 -7.49
C TYR C 204 -12.48 -4.85 -7.73
N SER C 205 -12.76 -3.76 -8.42
CA SER C 205 -14.12 -3.37 -8.78
C SER C 205 -14.15 -3.08 -10.27
N THR C 206 -15.05 -3.73 -10.98
CA THR C 206 -15.17 -3.58 -12.42
C THR C 206 -16.13 -2.45 -12.72
N THR C 207 -15.58 -1.28 -13.04
CA THR C 207 -16.41 -0.19 -13.53
C THR C 207 -16.73 -0.45 -15.00
N TYR C 208 -17.56 0.44 -15.57
CA TYR C 208 -18.05 0.29 -16.93
C TYR C 208 -17.82 1.58 -17.70
N GLU C 209 -17.00 1.51 -18.74
CA GLU C 209 -16.75 2.65 -19.62
C GLU C 209 -17.62 2.49 -20.86
N GLU C 210 -17.49 3.41 -21.80
CA GLU C 210 -18.30 3.48 -23.02
C GLU C 210 -17.41 3.39 -24.25
N ARG C 211 -16.47 2.44 -24.22
CA ARG C 211 -15.50 2.27 -25.31
C ARG C 211 -16.08 1.45 -26.46
N ASN C 212 -17.23 1.87 -26.99
CA ASN C 212 -17.86 1.25 -28.15
C ASN C 212 -18.41 2.32 -29.07
N ILE C 213 -17.59 3.34 -29.34
CA ILE C 213 -18.00 4.46 -30.20
C ILE C 213 -18.20 4.04 -31.65
N THR C 214 -17.70 2.86 -32.06
CA THR C 214 -17.85 2.39 -33.43
C THR C 214 -19.31 2.26 -33.85
N GLY C 215 -20.20 1.97 -32.90
CA GLY C 215 -21.62 1.91 -33.20
C GLY C 215 -22.39 1.13 -32.14
N THR C 216 -23.59 1.60 -31.79
CA THR C 216 -24.43 0.97 -30.78
C THR C 216 -23.69 0.90 -29.45
N ARG C 217 -23.52 2.10 -28.86
CA ARG C 217 -22.76 2.28 -27.62
C ARG C 217 -23.24 1.34 -26.51
N VAL C 218 -22.36 0.42 -26.13
CA VAL C 218 -22.62 -0.57 -25.10
C VAL C 218 -21.53 -0.41 -24.05
N LYS C 219 -21.93 -0.40 -22.79
CA LYS C 219 -20.96 -0.21 -21.73
C LYS C 219 -20.10 -1.47 -21.60
N VAL C 220 -18.78 -1.27 -21.58
CA VAL C 220 -17.81 -2.37 -21.53
C VAL C 220 -17.12 -2.37 -20.18
N PRO C 221 -16.75 -3.53 -19.61
CA PRO C 221 -16.08 -3.50 -18.31
C PRO C 221 -14.63 -3.05 -18.42
N VAL C 222 -14.19 -2.29 -17.42
CA VAL C 222 -12.78 -2.08 -17.15
C VAL C 222 -12.56 -2.36 -15.68
N GLY C 223 -11.36 -2.85 -15.36
CA GLY C 223 -10.95 -3.09 -14.00
C GLY C 223 -10.10 -1.95 -13.48
N GLN C 224 -10.40 -1.52 -12.26
CA GLN C 224 -9.54 -0.59 -11.57
C GLN C 224 -9.70 -0.82 -10.07
N GLU C 225 -8.58 -1.10 -9.41
CA GLU C 225 -8.59 -1.37 -7.98
C GLU C 225 -9.08 -0.16 -7.21
N VAL C 226 -9.92 -0.43 -6.21
CA VAL C 226 -10.56 0.60 -5.40
C VAL C 226 -10.18 0.37 -3.95
N GLU C 227 -10.74 1.16 -3.06
CA GLU C 227 -10.43 1.08 -1.65
C GLU C 227 -11.35 0.08 -0.96
N GLY C 228 -10.84 -0.53 0.10
CA GLY C 228 -11.49 -1.61 0.80
C GLY C 228 -10.60 -2.81 0.88
N MET C 229 -10.56 -3.46 2.03
CA MET C 229 -9.70 -4.61 2.21
C MET C 229 -10.19 -5.78 1.38
N ASN C 230 -9.24 -6.58 0.89
CA ASN C 230 -9.51 -7.83 0.20
C ASN C 230 -9.34 -8.99 1.18
N ILE C 231 -10.21 -8.98 2.18
CA ILE C 231 -10.07 -9.91 3.28
C ILE C 231 -10.33 -11.34 2.80
N LEU C 232 -11.15 -11.53 1.78
CA LEU C 232 -11.35 -12.86 1.23
C LEU C 232 -10.08 -13.38 0.60
N GLY C 233 -9.38 -12.53 -0.15
CA GLY C 233 -8.13 -12.95 -0.76
C GLY C 233 -7.07 -13.23 0.27
N LEU C 234 -7.02 -12.42 1.33
CA LEU C 234 -6.04 -12.66 2.38
C LEU C 234 -6.36 -13.93 3.14
N VAL C 235 -7.65 -14.21 3.34
CA VAL C 235 -8.05 -15.44 4.00
C VAL C 235 -7.59 -16.65 3.20
N VAL C 236 -7.83 -16.64 1.89
CA VAL C 236 -7.48 -17.78 1.06
C VAL C 236 -5.96 -17.94 1.01
N PHE C 237 -5.24 -16.84 0.82
CA PHE C 237 -3.79 -16.91 0.81
C PHE C 237 -3.25 -17.43 2.14
N ALA C 238 -3.83 -16.98 3.25
CA ALA C 238 -3.35 -17.41 4.55
C ALA C 238 -3.60 -18.88 4.80
N ILE C 239 -4.79 -19.37 4.43
CA ILE C 239 -5.10 -20.79 4.59
C ILE C 239 -4.13 -21.62 3.77
N VAL C 240 -3.92 -21.21 2.52
CA VAL C 240 -3.04 -21.93 1.62
C VAL C 240 -1.61 -21.91 2.16
N PHE C 241 -1.22 -20.79 2.76
CA PHE C 241 0.11 -20.69 3.35
C PHE C 241 0.25 -21.66 4.50
N GLY C 242 -0.74 -21.70 5.39
CA GLY C 242 -0.66 -22.60 6.53
C GLY C 242 -0.62 -24.05 6.11
N VAL C 243 -1.34 -24.39 5.05
CA VAL C 243 -1.26 -25.74 4.51
C VAL C 243 0.13 -26.01 3.98
N ALA C 244 0.77 -25.00 3.37
CA ALA C 244 2.12 -25.19 2.88
C ALA C 244 3.09 -25.42 4.03
N LEU C 245 2.91 -24.71 5.14
CA LEU C 245 3.82 -24.89 6.26
C LEU C 245 3.61 -26.23 6.93
N ARG C 246 2.38 -26.73 6.96
CA ARG C 246 2.17 -28.08 7.46
C ARG C 246 2.73 -29.10 6.51
N LYS C 247 2.74 -28.80 5.20
CA LYS C 247 3.39 -29.68 4.24
C LYS C 247 4.87 -29.76 4.53
N LEU C 248 5.50 -28.62 4.81
CA LEU C 248 6.84 -28.64 5.39
C LEU C 248 6.77 -29.14 6.82
N GLY C 249 7.94 -29.41 7.38
CA GLY C 249 8.09 -29.88 8.75
C GLY C 249 8.94 -28.94 9.59
N PRO C 250 10.18 -29.30 9.91
CA PRO C 250 10.99 -28.42 10.79
C PRO C 250 11.25 -27.04 10.23
N GLU C 251 11.21 -26.88 8.90
CA GLU C 251 11.45 -25.55 8.33
C GLU C 251 10.37 -24.56 8.73
N GLY C 252 9.15 -25.03 8.98
CA GLY C 252 8.03 -24.16 9.27
C GLY C 252 7.73 -23.91 10.74
N GLU C 253 8.43 -24.59 11.65
CA GLU C 253 8.13 -24.44 13.06
C GLU C 253 8.43 -23.02 13.53
N LEU C 254 9.51 -22.43 13.04
CA LEU C 254 9.84 -21.05 13.35
C LEU C 254 8.73 -20.12 12.93
N LEU C 255 8.23 -20.31 11.72
CA LEU C 255 7.30 -19.37 11.15
C LEU C 255 5.92 -19.51 11.79
N ILE C 256 5.55 -20.74 12.16
CA ILE C 256 4.33 -20.93 12.93
C ILE C 256 4.46 -20.28 14.29
N ARG C 257 5.61 -20.41 14.94
CA ARG C 257 5.81 -19.78 16.24
C ARG C 257 5.73 -18.27 16.12
N PHE C 258 6.26 -17.73 15.02
CA PHE C 258 6.18 -16.30 14.74
C PHE C 258 4.73 -15.87 14.66
N PHE C 259 3.94 -16.56 13.84
CA PHE C 259 2.59 -16.08 13.59
C PHE C 259 1.70 -16.27 14.81
N ASN C 260 1.86 -17.37 15.55
CA ASN C 260 1.10 -17.54 16.79
C ASN C 260 1.47 -16.47 17.81
N SER C 261 2.75 -16.13 17.94
CA SER C 261 3.15 -15.06 18.84
C SER C 261 2.55 -13.73 18.42
N PHE C 262 2.52 -13.49 17.12
CA PHE C 262 2.01 -12.24 16.60
C PHE C 262 0.52 -12.11 16.87
N ASN C 263 -0.22 -13.19 16.67
CA ASN C 263 -1.64 -13.18 16.96
C ASN C 263 -1.92 -13.02 18.44
N GLU C 264 -1.10 -13.64 19.29
CA GLU C 264 -1.30 -13.48 20.73
C GLU C 264 -1.06 -12.03 21.16
N ALA C 265 -0.05 -11.38 20.58
CA ALA C 265 0.16 -9.96 20.82
C ALA C 265 -1.05 -9.14 20.38
N THR C 266 -1.58 -9.45 19.20
CA THR C 266 -2.76 -8.74 18.73
C THR C 266 -3.97 -8.99 19.62
N MET C 267 -4.08 -10.18 20.19
CA MET C 267 -5.14 -10.46 21.14
C MET C 267 -4.98 -9.62 22.41
N VAL C 268 -3.74 -9.44 22.82
CA VAL C 268 -3.47 -8.60 23.98
C VAL C 268 -3.88 -7.16 23.70
N LEU C 269 -3.71 -6.70 22.47
CA LEU C 269 -4.26 -5.41 22.09
C LEU C 269 -5.78 -5.42 22.14
N VAL C 270 -6.38 -6.54 21.74
CA VAL C 270 -7.83 -6.66 21.68
C VAL C 270 -8.44 -6.51 23.05
N SER C 271 -7.73 -6.96 24.08
CA SER C 271 -8.25 -6.82 25.44
C SER C 271 -8.47 -5.35 25.78
N TRP C 272 -7.52 -4.51 25.42
CA TRP C 272 -7.59 -3.10 25.79
C TRP C 272 -8.59 -2.36 24.90
N ILE C 273 -8.65 -2.74 23.64
CA ILE C 273 -9.69 -2.22 22.76
C ILE C 273 -11.07 -2.60 23.29
N MET C 274 -11.19 -3.82 23.83
CA MET C 274 -12.45 -4.26 24.39
C MET C 274 -12.85 -3.43 25.58
N TRP C 275 -11.87 -3.10 26.43
CA TRP C 275 -12.20 -2.26 27.59
C TRP C 275 -12.56 -0.84 27.17
N TYR C 276 -12.04 -0.36 26.03
CA TYR C 276 -12.46 0.94 25.51
C TYR C 276 -13.84 0.90 24.88
N ALA C 277 -14.21 -0.24 24.29
CA ALA C 277 -15.35 -0.33 23.36
C ALA C 277 -16.67 0.25 23.83
N PRO C 278 -17.10 0.14 25.09
CA PRO C 278 -18.42 0.69 25.47
C PRO C 278 -18.59 2.18 25.22
N VAL C 279 -17.54 2.96 25.43
CA VAL C 279 -17.63 4.39 25.17
C VAL C 279 -17.85 4.65 23.69
N GLY C 280 -17.11 3.94 22.85
CA GLY C 280 -17.29 4.08 21.41
C GLY C 280 -18.67 3.67 20.96
N ILE C 281 -19.19 2.59 21.53
CA ILE C 281 -20.53 2.13 21.17
C ILE C 281 -21.57 3.14 21.58
N MET C 282 -21.44 3.70 22.78
CA MET C 282 -22.40 4.68 23.27
C MET C 282 -22.43 5.91 22.39
N PHE C 283 -21.26 6.48 22.11
CA PHE C 283 -21.21 7.68 21.28
C PHE C 283 -21.62 7.39 19.86
N LEU C 284 -21.30 6.21 19.34
CA LEU C 284 -21.66 5.86 17.98
C LEU C 284 -23.17 5.74 17.82
N VAL C 285 -23.81 5.05 18.75
CA VAL C 285 -25.26 4.88 18.69
C VAL C 285 -25.96 6.23 18.85
N ALA C 286 -25.48 7.05 19.80
CA ALA C 286 -26.05 8.38 19.97
C ALA C 286 -25.90 9.21 18.70
N GLY C 287 -24.73 9.12 18.06
CA GLY C 287 -24.53 9.86 16.84
C GLY C 287 -25.41 9.39 15.70
N LYS C 288 -25.63 8.08 15.62
CA LYS C 288 -26.37 7.53 14.48
C LYS C 288 -27.87 7.62 14.65
N ILE C 289 -28.37 7.92 15.86
CA ILE C 289 -29.77 8.34 16.01
C ILE C 289 -29.93 9.86 16.11
N VAL C 290 -28.84 10.61 16.28
CA VAL C 290 -28.91 12.06 16.15
C VAL C 290 -28.80 12.47 14.69
N GLU C 291 -28.10 11.67 13.88
CA GLU C 291 -27.96 11.98 12.47
C GLU C 291 -29.28 11.91 11.72
N MET C 292 -30.28 11.20 12.25
CA MET C 292 -31.63 11.28 11.71
C MET C 292 -32.63 11.14 12.85
N GLU C 293 -33.72 11.90 12.73
CA GLU C 293 -34.78 11.86 13.72
C GLU C 293 -35.45 10.49 13.72
N ASP C 294 -35.67 9.96 14.92
CA ASP C 294 -36.26 8.63 15.13
C ASP C 294 -37.33 8.69 16.20
N VAL C 295 -38.15 9.74 16.17
CA VAL C 295 -39.32 9.81 17.04
C VAL C 295 -40.32 8.72 16.70
N GLY C 296 -40.31 8.22 15.46
CA GLY C 296 -41.24 7.20 15.00
C GLY C 296 -41.76 7.42 13.59
N LEU C 297 -41.28 8.46 12.89
CA LEU C 297 -41.77 8.74 11.55
C LEU C 297 -41.40 7.61 10.58
N LEU C 298 -40.12 7.24 10.53
CA LEU C 298 -39.72 6.16 9.63
C LEU C 298 -40.18 4.81 10.16
N PHE C 299 -40.25 4.65 11.49
CA PHE C 299 -40.87 3.45 12.04
C PHE C 299 -42.34 3.37 11.68
N ALA C 300 -43.06 4.49 11.79
CA ALA C 300 -44.45 4.49 11.36
C ALA C 300 -44.60 4.23 9.87
N ARG C 301 -43.57 4.55 9.08
CA ARG C 301 -43.61 4.30 7.65
C ARG C 301 -43.37 2.83 7.32
N LEU C 302 -42.35 2.22 7.92
CA LEU C 302 -41.84 0.90 7.55
C LEU C 302 -41.83 -0.06 8.74
N GLY C 303 -42.84 0.05 9.61
CA GLY C 303 -42.87 -0.80 10.79
C GLY C 303 -43.00 -2.27 10.48
N LYS C 304 -43.82 -2.60 9.48
CA LYS C 304 -43.98 -4.01 9.13
C LYS C 304 -42.70 -4.59 8.56
N TYR C 305 -42.01 -3.84 7.71
CA TYR C 305 -40.76 -4.33 7.13
C TYR C 305 -39.67 -4.49 8.19
N ILE C 306 -39.50 -3.48 9.04
CA ILE C 306 -38.47 -3.57 10.08
C ILE C 306 -38.82 -4.66 11.09
N LEU C 307 -40.10 -4.81 11.44
CA LEU C 307 -40.49 -5.89 12.34
C LEU C 307 -40.23 -7.24 11.71
N CYS C 308 -40.49 -7.36 10.41
CA CYS C 308 -40.23 -8.60 9.71
C CYS C 308 -38.76 -8.95 9.74
N CYS C 309 -37.90 -7.95 9.50
CA CYS C 309 -36.47 -8.22 9.50
C CYS C 309 -35.97 -8.58 10.89
N LEU C 310 -36.37 -7.82 11.92
CA LEU C 310 -35.89 -8.11 13.27
C LEU C 310 -36.43 -9.44 13.77
N LEU C 311 -37.68 -9.76 13.46
CA LEU C 311 -38.24 -11.04 13.86
C LEU C 311 -37.54 -12.18 13.15
N GLY C 312 -37.23 -12.01 11.86
CA GLY C 312 -36.46 -13.02 11.16
C GLY C 312 -35.09 -13.23 11.78
N HIS C 313 -34.43 -12.13 12.15
CA HIS C 313 -33.11 -12.25 12.74
C HIS C 313 -33.18 -12.94 14.10
N ALA C 314 -34.17 -12.59 14.91
CA ALA C 314 -34.28 -13.22 16.23
C ALA C 314 -34.65 -14.69 16.11
N ILE C 315 -35.54 -15.03 15.17
CA ILE C 315 -35.93 -16.42 15.01
C ILE C 315 -34.77 -17.24 14.48
N HIS C 316 -33.98 -16.65 13.59
CA HIS C 316 -32.78 -17.34 13.12
C HIS C 316 -31.77 -17.49 14.24
N GLY C 317 -31.61 -16.45 15.06
CA GLY C 317 -30.60 -16.43 16.10
C GLY C 317 -30.99 -17.04 17.43
N LEU C 318 -32.29 -17.33 17.64
CA LEU C 318 -32.77 -17.83 18.92
C LEU C 318 -33.58 -19.12 18.82
N LEU C 319 -33.98 -19.55 17.62
CA LEU C 319 -34.64 -20.84 17.42
C LEU C 319 -33.82 -21.76 16.52
N VAL C 320 -33.48 -21.31 15.31
CA VAL C 320 -32.95 -22.22 14.29
C VAL C 320 -31.54 -22.70 14.68
N LEU C 321 -30.62 -21.77 14.85
CA LEU C 321 -29.25 -22.14 15.13
C LEU C 321 -29.06 -22.69 16.53
N PRO C 322 -29.74 -22.18 17.57
CA PRO C 322 -29.72 -22.91 18.85
C PRO C 322 -30.28 -24.31 18.76
N LEU C 323 -31.31 -24.51 17.94
CA LEU C 323 -31.84 -25.85 17.76
C LEU C 323 -30.80 -26.75 17.12
N ILE C 324 -30.08 -26.23 16.12
CA ILE C 324 -29.05 -27.02 15.44
C ILE C 324 -27.93 -27.37 16.42
N TYR C 325 -27.50 -26.40 17.22
CA TYR C 325 -26.45 -26.63 18.21
C TYR C 325 -26.87 -27.69 19.23
N PHE C 326 -28.09 -27.58 19.75
CA PHE C 326 -28.56 -28.55 20.72
C PHE C 326 -28.64 -29.94 20.10
N LEU C 327 -29.15 -30.01 18.86
CA LEU C 327 -29.27 -31.28 18.14
C LEU C 327 -27.91 -31.95 17.97
N PHE C 328 -26.89 -31.17 17.61
CA PHE C 328 -25.60 -31.76 17.27
C PHE C 328 -24.72 -31.97 18.50
N THR C 329 -24.37 -30.90 19.23
CA THR C 329 -23.46 -31.03 20.35
C THR C 329 -24.14 -31.33 21.68
N ARG C 330 -25.45 -31.06 21.81
CA ARG C 330 -26.21 -31.39 23.02
C ARG C 330 -25.67 -30.64 24.24
N LYS C 331 -25.58 -29.32 24.09
CA LYS C 331 -25.03 -28.44 25.12
C LYS C 331 -25.81 -27.14 25.03
N ASN C 332 -26.00 -26.46 26.18
CA ASN C 332 -26.92 -25.34 26.32
C ASN C 332 -26.60 -24.20 25.34
N PRO C 333 -27.37 -24.06 24.25
CA PRO C 333 -27.01 -23.03 23.27
C PRO C 333 -27.27 -21.63 23.79
N TYR C 334 -28.30 -21.44 24.60
CA TYR C 334 -28.57 -20.10 25.11
C TYR C 334 -27.54 -19.67 26.15
N ARG C 335 -27.00 -20.63 26.90
CA ARG C 335 -25.87 -20.31 27.77
C ARG C 335 -24.67 -19.89 26.92
N PHE C 336 -24.42 -20.61 25.82
CA PHE C 336 -23.33 -20.20 24.94
C PHE C 336 -23.58 -18.82 24.36
N LEU C 337 -24.82 -18.52 24.01
CA LEU C 337 -25.18 -17.19 23.51
C LEU C 337 -24.93 -16.12 24.56
N TRP C 338 -25.23 -16.42 25.82
CA TRP C 338 -24.96 -15.44 26.86
C TRP C 338 -23.46 -15.23 27.04
N GLY C 339 -22.67 -16.26 26.73
CA GLY C 339 -21.23 -16.12 26.83
C GLY C 339 -20.62 -15.07 25.89
N ILE C 340 -21.33 -14.66 24.84
CA ILE C 340 -20.78 -13.84 23.77
C ILE C 340 -21.56 -12.54 23.59
N VAL C 341 -22.15 -12.03 24.67
CA VAL C 341 -23.04 -10.87 24.53
C VAL C 341 -22.27 -9.64 24.11
N THR C 342 -21.02 -9.50 24.57
CA THR C 342 -20.28 -8.28 24.28
C THR C 342 -19.96 -8.12 22.79
N PRO C 343 -19.48 -9.13 22.08
CA PRO C 343 -19.37 -8.99 20.61
C PRO C 343 -20.69 -8.75 19.90
N LEU C 344 -21.77 -9.33 20.39
CA LEU C 344 -23.08 -9.08 19.75
C LEU C 344 -23.49 -7.63 19.92
N ALA C 345 -23.31 -7.08 21.12
CA ALA C 345 -23.60 -5.67 21.33
C ALA C 345 -22.68 -4.79 20.51
N THR C 346 -21.42 -5.19 20.38
CA THR C 346 -20.50 -4.43 19.54
C THR C 346 -20.92 -4.47 18.08
N ALA C 347 -21.44 -5.60 17.63
CA ALA C 347 -21.93 -5.68 16.26
C ALA C 347 -23.16 -4.81 16.08
N PHE C 348 -24.05 -4.79 17.07
CA PHE C 348 -25.23 -3.93 17.00
C PHE C 348 -24.83 -2.46 16.94
N GLY C 349 -23.86 -2.06 17.75
CA GLY C 349 -23.40 -0.69 17.69
C GLY C 349 -22.67 -0.36 16.39
N THR C 350 -21.71 -1.18 16.01
CA THR C 350 -20.79 -0.87 14.91
C THR C 350 -21.41 -1.06 13.53
N SER C 351 -22.23 -2.09 13.35
CA SER C 351 -22.76 -2.46 12.05
C SER C 351 -21.64 -2.79 11.07
N SER C 352 -20.67 -3.55 11.55
CA SER C 352 -19.65 -4.12 10.68
C SER C 352 -19.15 -5.41 11.32
N SER C 353 -19.22 -6.52 10.58
CA SER C 353 -18.65 -7.77 11.06
C SER C 353 -17.14 -7.72 11.11
N SER C 354 -16.53 -6.80 10.36
CA SER C 354 -15.09 -6.55 10.47
C SER C 354 -14.70 -6.19 11.88
N ALA C 355 -15.39 -5.19 12.43
CA ALA C 355 -14.94 -4.59 13.67
C ALA C 355 -15.08 -5.53 14.85
N THR C 356 -16.17 -6.28 14.91
CA THR C 356 -16.48 -7.08 16.10
C THR C 356 -15.68 -8.37 16.18
N LEU C 357 -15.04 -8.79 15.09
CA LEU C 357 -14.44 -10.12 15.06
C LEU C 357 -13.28 -10.30 16.05
N PRO C 358 -12.34 -9.37 16.21
CA PRO C 358 -11.31 -9.57 17.23
C PRO C 358 -11.85 -9.76 18.64
N LEU C 359 -12.82 -8.91 19.02
CA LEU C 359 -13.49 -9.05 20.31
C LEU C 359 -14.15 -10.42 20.42
N MET C 360 -14.74 -10.87 19.32
CA MET C 360 -15.41 -12.16 19.32
C MET C 360 -14.44 -13.32 19.49
N MET C 361 -13.33 -13.30 18.78
CA MET C 361 -12.41 -14.42 18.87
C MET C 361 -11.77 -14.46 20.24
N LYS C 362 -11.51 -13.28 20.83
CA LYS C 362 -11.08 -13.22 22.22
C LYS C 362 -12.10 -13.85 23.15
N CYS C 363 -13.38 -13.45 23.02
CA CYS C 363 -14.39 -13.92 23.96
C CYS C 363 -14.66 -15.41 23.80
N VAL C 364 -14.63 -15.91 22.57
CA VAL C 364 -14.93 -17.33 22.35
C VAL C 364 -13.79 -18.19 22.86
N GLU C 365 -12.54 -17.82 22.57
CA GLU C 365 -11.42 -18.60 23.06
C GLU C 365 -11.29 -18.51 24.58
N GLU C 366 -11.64 -17.36 25.16
CA GLU C 366 -11.44 -17.17 26.59
C GLU C 366 -12.59 -17.76 27.40
N ASN C 367 -13.80 -17.23 27.21
CA ASN C 367 -14.92 -17.60 28.07
C ASN C 367 -15.42 -19.01 27.76
N ASN C 368 -15.94 -19.20 26.56
CA ASN C 368 -16.49 -20.49 26.18
C ASN C 368 -15.36 -21.47 25.88
N GLY C 369 -15.65 -22.75 26.10
CA GLY C 369 -14.65 -23.78 25.93
C GLY C 369 -14.54 -24.24 24.49
N VAL C 370 -14.21 -23.32 23.59
CA VAL C 370 -14.03 -23.61 22.18
C VAL C 370 -12.54 -23.73 21.92
N ALA C 371 -12.16 -24.65 21.05
CA ALA C 371 -10.76 -24.93 20.81
C ALA C 371 -10.12 -23.75 20.08
N LYS C 372 -8.85 -23.52 20.42
CA LYS C 372 -8.13 -22.36 19.90
C LYS C 372 -7.95 -22.45 18.39
N HIS C 373 -7.47 -23.59 17.91
CA HIS C 373 -7.23 -23.77 16.47
C HIS C 373 -8.53 -23.75 15.68
N ILE C 374 -9.58 -24.39 16.19
CA ILE C 374 -10.87 -24.40 15.49
C ILE C 374 -11.43 -22.99 15.40
N SER C 375 -11.33 -22.25 16.50
CA SER C 375 -11.76 -20.85 16.51
C SER C 375 -11.02 -20.03 15.47
N ARG C 376 -9.69 -20.16 15.45
CA ARG C 376 -8.85 -19.42 14.52
C ARG C 376 -9.23 -19.72 13.07
N PHE C 377 -9.45 -21.00 12.76
CA PHE C 377 -9.72 -21.35 11.37
C PHE C 377 -11.13 -20.96 10.95
N ILE C 378 -12.11 -21.10 11.84
CA ILE C 378 -13.51 -20.98 11.44
C ILE C 378 -13.96 -19.53 11.46
N LEU C 379 -13.80 -18.86 12.60
CA LEU C 379 -14.46 -17.57 12.80
C LEU C 379 -14.10 -16.50 11.79
N PRO C 380 -12.85 -16.35 11.34
CA PRO C 380 -12.61 -15.43 10.22
C PRO C 380 -13.34 -15.82 8.96
N ILE C 381 -13.32 -17.11 8.60
CA ILE C 381 -14.04 -17.57 7.42
C ILE C 381 -15.53 -17.37 7.60
N GLY C 382 -16.03 -17.47 8.84
CA GLY C 382 -17.42 -17.17 9.08
C GLY C 382 -17.77 -15.73 8.78
N ALA C 383 -16.85 -14.82 9.09
CA ALA C 383 -17.16 -13.40 8.95
C ALA C 383 -17.23 -12.99 7.48
N THR C 384 -16.36 -13.55 6.65
CA THR C 384 -16.26 -13.16 5.25
C THR C 384 -17.17 -13.96 4.32
N VAL C 385 -17.88 -14.97 4.82
CA VAL C 385 -18.70 -15.83 3.99
C VAL C 385 -20.11 -15.90 4.54
N ASN C 386 -20.24 -16.34 5.79
CA ASN C 386 -21.56 -16.40 6.42
C ASN C 386 -22.05 -14.99 6.67
N MET C 387 -23.11 -14.62 5.97
CA MET C 387 -23.91 -13.44 6.31
C MET C 387 -25.38 -13.86 6.28
N ASP C 388 -25.82 -14.50 7.37
CA ASP C 388 -27.20 -14.96 7.46
C ASP C 388 -28.16 -13.78 7.45
N GLY C 389 -27.88 -12.77 8.26
CA GLY C 389 -28.75 -11.62 8.31
C GLY C 389 -28.76 -10.84 7.01
N ALA C 390 -27.61 -10.76 6.35
CA ALA C 390 -27.55 -10.05 5.07
C ALA C 390 -28.42 -10.73 4.04
N ALA C 391 -28.30 -12.05 3.92
CA ALA C 391 -29.17 -12.77 2.99
C ALA C 391 -30.62 -12.63 3.39
N LEU C 392 -30.88 -12.64 4.69
CA LEU C 392 -32.25 -12.50 5.20
C LEU C 392 -32.88 -11.19 4.78
N PHE C 393 -32.28 -10.06 5.19
CA PHE C 393 -32.95 -8.80 4.91
C PHE C 393 -32.83 -8.41 3.45
N GLN C 394 -31.85 -8.93 2.70
CA GLN C 394 -31.86 -8.74 1.26
C GLN C 394 -33.08 -9.40 0.64
N CYS C 395 -33.34 -10.64 1.02
CA CYS C 395 -34.50 -11.35 0.49
C CYS C 395 -35.80 -10.68 0.94
N VAL C 396 -35.84 -10.23 2.19
CA VAL C 396 -37.05 -9.58 2.70
C VAL C 396 -37.29 -8.25 1.99
N ALA C 397 -36.22 -7.51 1.71
CA ALA C 397 -36.36 -6.27 0.98
C ALA C 397 -36.88 -6.52 -0.42
N ALA C 398 -36.34 -7.54 -1.09
CA ALA C 398 -36.81 -7.91 -2.43
C ALA C 398 -38.30 -8.27 -2.39
N VAL C 399 -38.70 -9.06 -1.40
CA VAL C 399 -40.09 -9.50 -1.32
C VAL C 399 -40.99 -8.31 -0.97
N PHE C 400 -40.49 -7.36 -0.19
CA PHE C 400 -41.29 -6.18 0.14
C PHE C 400 -41.54 -5.32 -1.08
N ILE C 401 -40.48 -5.01 -1.83
CA ILE C 401 -40.63 -4.17 -3.01
C ILE C 401 -41.44 -4.90 -4.09
N ALA C 402 -41.41 -6.23 -4.09
CA ALA C 402 -42.27 -6.98 -4.99
C ALA C 402 -43.71 -6.99 -4.51
N GLN C 403 -43.91 -7.01 -3.19
CA GLN C 403 -45.27 -7.03 -2.63
C GLN C 403 -46.00 -5.73 -2.95
N LEU C 404 -45.34 -4.59 -2.77
CA LEU C 404 -45.87 -3.38 -3.37
C LEU C 404 -45.73 -3.50 -4.89
N SER C 405 -46.74 -3.02 -5.60
CA SER C 405 -46.99 -3.19 -7.04
C SER C 405 -47.55 -4.57 -7.38
N GLN C 406 -47.71 -5.48 -6.41
CA GLN C 406 -48.42 -6.75 -6.57
C GLN C 406 -47.78 -7.63 -7.65
N GLN C 407 -46.53 -8.02 -7.40
CA GLN C 407 -45.86 -8.99 -8.25
C GLN C 407 -46.21 -10.41 -7.82
N SER C 408 -45.93 -11.37 -8.70
CA SER C 408 -46.39 -12.75 -8.46
C SER C 408 -45.46 -13.50 -7.51
N LEU C 409 -44.23 -13.78 -7.96
CA LEU C 409 -43.22 -14.51 -7.19
C LEU C 409 -43.75 -15.84 -6.67
N ASP C 410 -44.05 -16.74 -7.61
CA ASP C 410 -44.78 -17.95 -7.21
C ASP C 410 -43.86 -19.00 -6.61
N PHE C 411 -42.96 -19.60 -7.42
CA PHE C 411 -42.02 -20.61 -6.93
C PHE C 411 -40.62 -20.43 -7.52
N VAL C 412 -40.56 -20.16 -8.81
CA VAL C 412 -39.27 -20.10 -9.51
C VAL C 412 -38.51 -18.84 -9.10
N LYS C 413 -39.21 -17.71 -9.05
CA LYS C 413 -38.58 -16.48 -8.62
C LYS C 413 -38.19 -16.55 -7.15
N ILE C 414 -38.95 -17.27 -6.35
CA ILE C 414 -38.60 -17.47 -4.94
C ILE C 414 -37.27 -18.22 -4.83
N ILE C 415 -37.14 -19.30 -5.62
CA ILE C 415 -35.90 -20.07 -5.60
C ILE C 415 -34.74 -19.21 -6.12
N THR C 416 -35.02 -18.38 -7.13
CA THR C 416 -34.00 -17.51 -7.68
C THR C 416 -33.49 -16.51 -6.64
N ILE C 417 -34.41 -15.90 -5.91
CA ILE C 417 -34.01 -14.94 -4.89
C ILE C 417 -33.23 -15.64 -3.78
N LEU C 418 -33.66 -16.85 -3.42
CA LEU C 418 -32.92 -17.63 -2.42
C LEU C 418 -31.48 -17.88 -2.85
N VAL C 419 -31.29 -18.38 -4.07
CA VAL C 419 -29.95 -18.77 -4.50
C VAL C 419 -29.07 -17.55 -4.68
N THR C 420 -29.60 -16.49 -5.28
CA THR C 420 -28.78 -15.30 -5.48
C THR C 420 -28.50 -14.59 -4.17
N ALA C 421 -29.41 -14.65 -3.20
CA ALA C 421 -29.10 -14.13 -1.87
C ALA C 421 -28.00 -14.95 -1.20
N THR C 422 -28.07 -16.28 -1.34
CA THR C 422 -27.06 -17.14 -0.75
C THR C 422 -25.67 -16.87 -1.34
N ALA C 423 -25.61 -16.65 -2.64
CA ALA C 423 -24.34 -16.32 -3.27
C ALA C 423 -23.90 -14.89 -2.93
N SER C 424 -24.86 -13.97 -2.83
CA SER C 424 -24.51 -12.59 -2.51
C SER C 424 -24.12 -12.40 -1.05
N SER C 425 -24.38 -13.40 -0.20
CA SER C 425 -23.81 -13.39 1.15
C SER C 425 -22.31 -13.20 1.12
N VAL C 426 -21.63 -13.88 0.20
CA VAL C 426 -20.21 -13.68 -0.04
C VAL C 426 -19.96 -12.62 -1.11
N GLY C 427 -20.93 -12.38 -2.00
CA GLY C 427 -20.78 -11.33 -3.00
C GLY C 427 -20.62 -9.95 -2.38
N ALA C 428 -21.44 -9.63 -1.39
CA ALA C 428 -21.30 -8.39 -0.62
C ALA C 428 -20.15 -8.42 0.36
N ALA C 429 -19.49 -9.58 0.56
CA ALA C 429 -18.53 -9.71 1.64
C ALA C 429 -17.22 -9.01 1.33
N GLY C 430 -16.73 -9.16 0.09
CA GLY C 430 -15.46 -8.56 -0.27
C GLY C 430 -15.49 -7.04 -0.24
N ILE C 431 -16.62 -6.47 -0.64
CA ILE C 431 -16.79 -5.01 -0.72
C ILE C 431 -17.42 -4.54 0.58
N PRO C 432 -16.78 -3.63 1.35
CA PRO C 432 -17.49 -3.06 2.52
C PRO C 432 -18.49 -1.97 2.17
N ALA C 433 -18.32 -1.28 1.04
CA ALA C 433 -19.23 -0.18 0.71
C ALA C 433 -20.64 -0.67 0.42
N GLY C 434 -20.77 -1.86 -0.17
CA GLY C 434 -22.07 -2.38 -0.53
C GLY C 434 -22.85 -2.93 0.64
N GLY C 435 -23.31 -2.03 1.52
CA GLY C 435 -24.13 -2.47 2.65
C GLY C 435 -25.43 -3.10 2.21
N VAL C 436 -26.14 -2.43 1.29
CA VAL C 436 -27.34 -2.97 0.64
C VAL C 436 -27.29 -2.74 -0.86
N LEU C 437 -26.12 -2.41 -1.41
CA LEU C 437 -26.01 -2.13 -2.83
C LEU C 437 -26.28 -3.37 -3.67
N THR C 438 -26.05 -4.56 -3.11
CA THR C 438 -26.15 -5.79 -3.88
C THR C 438 -27.59 -6.15 -4.23
N LEU C 439 -28.58 -5.50 -3.62
CA LEU C 439 -29.96 -5.79 -3.99
C LEU C 439 -30.26 -5.35 -5.42
N ALA C 440 -29.58 -4.32 -5.91
CA ALA C 440 -29.80 -3.86 -7.27
C ALA C 440 -29.43 -4.91 -8.30
N ILE C 441 -28.30 -5.60 -8.10
CA ILE C 441 -27.89 -6.60 -9.08
C ILE C 441 -28.80 -7.83 -9.02
N ILE C 442 -29.34 -8.14 -7.83
CA ILE C 442 -30.35 -9.18 -7.71
C ILE C 442 -31.57 -8.83 -8.56
N LEU C 443 -32.08 -7.61 -8.38
CA LEU C 443 -33.26 -7.19 -9.13
C LEU C 443 -32.96 -7.04 -10.61
N GLU C 444 -31.69 -6.82 -10.97
CA GLU C 444 -31.30 -6.87 -12.38
C GLU C 444 -31.37 -8.30 -12.90
N ALA C 445 -30.96 -9.27 -12.08
CA ALA C 445 -31.03 -10.67 -12.49
C ALA C 445 -32.46 -11.10 -12.73
N VAL C 446 -33.38 -10.69 -11.85
CA VAL C 446 -34.77 -11.15 -11.89
C VAL C 446 -35.76 -10.05 -12.33
N ASN C 447 -35.27 -8.84 -12.62
CA ASN C 447 -36.03 -7.82 -13.36
C ASN C 447 -37.29 -7.37 -12.62
N LEU C 448 -37.06 -6.73 -11.48
CA LEU C 448 -38.07 -6.13 -10.63
C LEU C 448 -37.94 -4.61 -10.62
N PRO C 449 -38.94 -3.90 -10.06
CA PRO C 449 -38.78 -2.44 -9.95
C PRO C 449 -37.72 -2.02 -8.97
N VAL C 450 -36.62 -1.47 -9.49
CA VAL C 450 -35.56 -0.87 -8.69
C VAL C 450 -35.83 0.62 -8.50
N ASP C 451 -37.04 1.09 -8.87
CA ASP C 451 -37.31 2.52 -8.89
C ASP C 451 -37.36 3.14 -7.50
N HIS C 452 -37.47 2.32 -6.45
CA HIS C 452 -37.61 2.79 -5.08
C HIS C 452 -36.68 2.04 -4.14
N ILE C 453 -35.52 1.60 -4.65
CA ILE C 453 -34.50 0.98 -3.81
C ILE C 453 -33.95 1.96 -2.77
N SER C 454 -34.04 3.27 -3.02
CA SER C 454 -33.54 4.25 -2.08
C SER C 454 -34.37 4.36 -0.80
N LEU C 455 -35.53 3.70 -0.74
CA LEU C 455 -36.35 3.71 0.48
C LEU C 455 -35.58 3.14 1.66
N ILE C 456 -34.87 2.03 1.44
CA ILE C 456 -34.20 1.34 2.53
C ILE C 456 -32.97 2.09 3.02
N LEU C 457 -32.38 2.94 2.19
CA LEU C 457 -31.15 3.64 2.57
C LEU C 457 -31.38 4.55 3.77
N ALA C 458 -32.60 5.07 3.93
CA ALA C 458 -32.91 5.85 5.12
C ALA C 458 -32.89 5.01 6.38
N VAL C 459 -33.27 3.74 6.26
CA VAL C 459 -33.35 2.80 7.38
C VAL C 459 -32.36 1.65 7.23
N ASP C 460 -31.34 1.80 6.38
CA ASP C 460 -30.31 0.78 6.29
C ASP C 460 -29.49 0.70 7.57
N TRP C 461 -29.29 1.84 8.25
CA TRP C 461 -28.48 1.89 9.45
C TRP C 461 -29.04 1.10 10.62
N LEU C 462 -30.31 0.69 10.57
CA LEU C 462 -30.96 0.00 11.68
C LEU C 462 -30.88 -1.52 11.52
N VAL C 463 -31.40 -2.04 10.41
CA VAL C 463 -31.48 -3.47 10.19
C VAL C 463 -30.12 -4.11 9.98
N ASP C 464 -29.17 -3.37 9.40
CA ASP C 464 -27.81 -3.88 9.21
C ASP C 464 -27.14 -4.21 10.55
N ARG C 465 -27.54 -3.53 11.61
CA ARG C 465 -27.01 -3.83 12.93
C ARG C 465 -27.40 -5.23 13.37
N SER C 466 -28.70 -5.53 13.32
CA SER C 466 -29.16 -6.86 13.67
C SER C 466 -28.61 -7.92 12.73
N CYS C 467 -28.41 -7.55 11.46
CA CYS C 467 -27.72 -8.43 10.53
C CYS C 467 -26.34 -8.80 11.04
N THR C 468 -25.55 -7.80 11.45
CA THR C 468 -24.20 -8.06 11.94
C THR C 468 -24.23 -8.96 13.16
N VAL C 469 -25.21 -8.73 14.04
CA VAL C 469 -25.38 -9.56 15.24
C VAL C 469 -25.58 -11.01 14.84
N LEU C 470 -26.47 -11.23 13.88
CA LEU C 470 -26.78 -12.61 13.51
C LEU C 470 -25.63 -13.26 12.78
N ASN C 471 -24.87 -12.48 12.00
CA ASN C 471 -23.76 -13.05 11.26
C ASN C 471 -22.69 -13.58 12.20
N VAL C 472 -22.29 -12.76 13.18
CA VAL C 472 -21.28 -13.23 14.13
C VAL C 472 -21.82 -14.38 14.97
N GLU C 473 -23.12 -14.35 15.28
CA GLU C 473 -23.72 -15.46 16.02
C GLU C 473 -23.65 -16.76 15.24
N GLY C 474 -23.97 -16.72 13.96
CA GLY C 474 -23.89 -17.92 13.14
C GLY C 474 -22.47 -18.44 13.02
N ASP C 475 -21.50 -17.52 12.93
CA ASP C 475 -20.10 -17.92 12.91
C ASP C 475 -19.71 -18.67 14.16
N ALA C 476 -20.08 -18.14 15.33
CA ALA C 476 -19.72 -18.82 16.58
C ALA C 476 -20.41 -20.17 16.71
N LEU C 477 -21.67 -20.25 16.30
CA LEU C 477 -22.38 -21.52 16.43
C LEU C 477 -21.78 -22.57 15.51
N GLY C 478 -21.38 -22.17 14.31
CA GLY C 478 -20.63 -23.08 13.45
C GLY C 478 -19.33 -23.53 14.09
N ALA C 479 -18.63 -22.61 14.75
CA ALA C 479 -17.38 -22.95 15.40
C ALA C 479 -17.61 -23.96 16.52
N GLY C 480 -18.64 -23.75 17.32
CA GLY C 480 -18.92 -24.68 18.41
C GLY C 480 -19.30 -26.05 17.91
N LEU C 481 -20.17 -26.11 16.90
CA LEU C 481 -20.57 -27.38 16.31
C LEU C 481 -19.38 -28.13 15.76
N LEU C 482 -18.50 -27.44 15.03
CA LEU C 482 -17.38 -28.12 14.42
C LEU C 482 -16.30 -28.47 15.45
N GLN C 483 -16.22 -27.71 16.54
CA GLN C 483 -15.36 -28.11 17.65
C GLN C 483 -15.82 -29.42 18.23
N ASN C 484 -17.12 -29.56 18.46
CA ASN C 484 -17.63 -30.82 18.99
C ASN C 484 -17.47 -31.95 17.98
N TYR C 485 -17.62 -31.66 16.69
CA TYR C 485 -17.46 -32.69 15.66
C TYR C 485 -16.03 -33.19 15.60
N VAL C 486 -15.05 -32.27 15.65
CA VAL C 486 -13.65 -32.67 15.68
C VAL C 486 -13.32 -33.40 16.97
N ASP C 487 -13.93 -32.98 18.08
CA ASP C 487 -13.70 -33.66 19.36
C ASP C 487 -14.20 -35.08 19.32
N ARG C 488 -15.37 -35.32 18.73
CA ARG C 488 -15.90 -36.67 18.59
C ARG C 488 -15.02 -37.49 17.66
#